data_7H37
# 
_entry.id   7H37 
# 
_audit_conform.dict_name       mmcif_pdbx.dic 
_audit_conform.dict_version    5.397 
_audit_conform.dict_location   http://mmcif.pdb.org/dictionaries/ascii/mmcif_pdbx.dic 
# 
loop_
_database_2.database_id 
_database_2.database_code 
_database_2.pdbx_database_accession 
_database_2.pdbx_DOI 
PDB   7H37         pdb_00007h37 10.2210/pdb7h37/pdb 
WWPDB D_1001406966 ?            ?                   
# 
loop_
_pdbx_audit_revision_history.ordinal 
_pdbx_audit_revision_history.data_content_type 
_pdbx_audit_revision_history.major_revision 
_pdbx_audit_revision_history.minor_revision 
_pdbx_audit_revision_history.revision_date 
1 'Structure model' 1 0 2024-04-24 
2 'Structure model' 1 1 2024-10-16 
# 
_pdbx_audit_revision_details.ordinal             1 
_pdbx_audit_revision_details.revision_ordinal    1 
_pdbx_audit_revision_details.data_content_type   'Structure model' 
_pdbx_audit_revision_details.provider            repository 
_pdbx_audit_revision_details.type                'Initial release' 
_pdbx_audit_revision_details.description         ? 
_pdbx_audit_revision_details.details             ? 
# 
loop_
_pdbx_audit_revision_group.ordinal 
_pdbx_audit_revision_group.revision_ordinal 
_pdbx_audit_revision_group.data_content_type 
_pdbx_audit_revision_group.group 
1 2 'Structure model' 'Database references' 
2 2 'Structure model' 'Structure summary'   
# 
loop_
_pdbx_audit_revision_category.ordinal 
_pdbx_audit_revision_category.revision_ordinal 
_pdbx_audit_revision_category.data_content_type 
_pdbx_audit_revision_category.category 
1 2 'Structure model' citation           
2 2 'Structure model' citation_author    
3 2 'Structure model' pdbx_entry_details 
# 
loop_
_pdbx_audit_revision_item.ordinal 
_pdbx_audit_revision_item.revision_ordinal 
_pdbx_audit_revision_item.data_content_type 
_pdbx_audit_revision_item.item 
1 2 'Structure model' '_citation.country'                 
2 2 'Structure model' '_citation.journal_abbrev'          
3 2 'Structure model' '_citation.journal_id_CSD'          
4 2 'Structure model' '_citation.journal_id_ISSN'         
5 2 'Structure model' '_citation.pdbx_database_id_DOI'    
6 2 'Structure model' '_citation.pdbx_database_id_PubMed' 
7 2 'Structure model' '_citation.title'                   
8 2 'Structure model' '_citation.year'                    
# 
_pdbx_database_status.entry_id                        7H37 
_pdbx_database_status.status_code                     REL 
_pdbx_database_status.status_code_sf                  REL 
_pdbx_database_status.status_code_mr                  ? 
_pdbx_database_status.status_code_cs                  ? 
_pdbx_database_status.recvd_initial_deposition_date   2024-04-04 
_pdbx_database_status.status_code_nmr_data            ? 
_pdbx_database_status.deposit_site                    RCSB 
_pdbx_database_status.process_site                    RCSB 
_pdbx_database_status.SG_entry                        ? 
_pdbx_database_status.pdb_format_compatible           Y 
_pdbx_database_status.methods_development_category    ? 
# 
_pdbx_contact_author.id                 1 
_pdbx_contact_author.email              frank.von-delft@diamond.ac.uk 
_pdbx_contact_author.name_first         Frank 
_pdbx_contact_author.name_last          'von Delft' 
_pdbx_contact_author.role               'principal investigator/group leader' 
_pdbx_contact_author.identifier_ORCID   0000-0003-0378-0017 
_pdbx_contact_author.name_mi            ? 
# 
loop_
_audit_author.name 
_audit_author.pdbx_ordinal 
'Lithgo, R.M.'        1  
'Fairhead, M.'        2  
'Koekemoer, L.'       3  
'Balcomb, B.H.'       4  
'Capkin, E.'          5  
'Chandran, A.V.'      6  
'Golding, M.'         7  
'Godoy, A.S.'         8  
'Aschenbrenner, J.C.' 9  
'Marples, P.G.'       10 
'Ni, X.'              11 
'Thompson, W.'        12 
'Tomlinson, C.W.E.'   13 
'Wild, C.'            14 
'Winokan, M.'         15 
'Xavier, M.-A.E.'     16 
'Fearon, D.'          17 
'von Delft, F.'       18 
# 
_citation.id                        primary 
_citation.title                     
;Crystallographic Fragment Screen of Coxsackievirus A16 2A Protease identifies new opportunities for the development of broad-spectrum anti-enterovirals.
;
_citation.journal_abbrev            Biorxiv 
_citation.journal_volume            ? 
_citation.page_first                ? 
_citation.page_last                 ? 
_citation.year                      2024 
_citation.journal_id_ASTM           ? 
_citation.country                   US 
_citation.journal_id_ISSN           2692-8205 
_citation.journal_id_CSD            ? 
_citation.book_publisher            ? 
_citation.pdbx_database_id_PubMed   38746446 
_citation.pdbx_database_id_DOI      10.1101/2024.04.29.591684 
# 
loop_
_citation_author.citation_id 
_citation_author.name 
_citation_author.identifier_ORCID 
_citation_author.ordinal 
primary 'Lithgo, R.M.'        0000-0002-4706-9916 1  
primary 'Tomlinson, C.W.E.'   0000-0002-1845-6028 2  
primary 'Fairhead, M.'        0000-0001-5361-3933 3  
primary 'Winokan, M.'         ?                   4  
primary 'Thompson, W.'        0000-0003-1474-7810 5  
primary 'Wild, C.'            0000-0003-0654-8141 6  
primary 'Aschenbrenner, J.C.' 0000-0002-4318-0481 7  
primary 'Balcomb, B.H.'       0000-0001-7599-8467 8  
primary 'Marples, P.G.'       0000-0002-8787-7969 9  
primary 'Chandran, A.V.'      0000-0001-9942-2614 10 
primary 'Golding, M.'         0009-0004-7472-8333 11 
primary 'Koekemoer, L.'       0000-0001-9226-9127 12 
primary 'Williams, E.P.'      0000-0002-1331-9518 13 
primary 'Wang, S.'            ?                   14 
primary 'Ni, X.'              0000-0002-7769-8297 15 
primary 'MacLean, E.'         0000-0003-1680-4292 16 
primary 'Giroud, C.'          0000-0002-1629-1581 17 
primary 'Godoy, A.S.'         0000-0002-0613-9164 18 
primary 'Xavier, M.A.'        0000-0002-1709-9479 19 
primary 'Walsh, M.'           0000-0001-5683-1151 20 
primary 'Fearon, D.'          0000-0003-3529-7863 21 
primary 'von Delft, F.'       0000-0003-0378-0017 22 
# 
loop_
_entity.id 
_entity.type 
_entity.src_method 
_entity.pdbx_description 
_entity.formula_weight 
_entity.pdbx_number_of_molecules 
_entity.pdbx_ec 
_entity.pdbx_mutation 
_entity.pdbx_fragment 
_entity.details 
1 polymer     man 'Protease 2A'                          16493.311 1   3.4.22.29 ? ? ? 
2 non-polymer man 2-chloro-N-methylbenzene-1-sulfonamide 205.662   1   ?         ? ? ? 
3 non-polymer syn 'ZINC ION'                             65.409    1   ?         ? ? ? 
4 non-polymer syn 'DIMETHYL SULFOXIDE'                   78.133    5   ?         ? ? ? 
5 non-polymer syn 'SULFATE ION'                          96.063    1   ?         ? ? ? 
6 water       nat water                                  18.015    236 ?         ? ? ? 
# 
_entity_name_com.entity_id   1 
_entity_name_com.name        'P2A,Picornain 2A,Protein 2A' 
# 
_entity_poly.entity_id                      1 
_entity_poly.type                           'polypeptide(L)' 
_entity_poly.nstd_linkage                   no 
_entity_poly.nstd_monomer                   no 
_entity_poly.pdbx_seq_one_letter_code       
;QEQTGGSGAIYVGNYRVVNRHLATHNDWANLVWEDSSRDLLVSSTTAQGCDTIARCDCQTGVYYCSSRRKHYPVSFSKPS
LIFVEASEYYPARYQSHLMLAVGHSEPGDCGGILRCQHGVVGIVSTGGNGLVGFADVRDLLWLDEEAMEQ
;
_entity_poly.pdbx_seq_one_letter_code_can   
;QEQTGGSGAIYVGNYRVVNRHLATHNDWANLVWEDSSRDLLVSSTTAQGCDTIARCDCQTGVYYCSSRRKHYPVSFSKPS
LIFVEASEYYPARYQSHLMLAVGHSEPGDCGGILRCQHGVVGIVSTGGNGLVGFADVRDLLWLDEEAMEQ
;
_entity_poly.pdbx_strand_id                 A 
_entity_poly.pdbx_target_identifier         ? 
# 
loop_
_pdbx_entity_nonpoly.entity_id 
_pdbx_entity_nonpoly.name 
_pdbx_entity_nonpoly.comp_id 
2 2-chloro-N-methylbenzene-1-sulfonamide X0S 
3 'ZINC ION'                             ZN  
4 'DIMETHYL SULFOXIDE'                   DMS 
5 'SULFATE ION'                          SO4 
6 water                                  HOH 
# 
loop_
_entity_poly_seq.entity_id 
_entity_poly_seq.num 
_entity_poly_seq.mon_id 
_entity_poly_seq.hetero 
1 1   GLN n 
1 2   GLU n 
1 3   GLN n 
1 4   THR n 
1 5   GLY n 
1 6   GLY n 
1 7   SER n 
1 8   GLY n 
1 9   ALA n 
1 10  ILE n 
1 11  TYR n 
1 12  VAL n 
1 13  GLY n 
1 14  ASN n 
1 15  TYR n 
1 16  ARG n 
1 17  VAL n 
1 18  VAL n 
1 19  ASN n 
1 20  ARG n 
1 21  HIS n 
1 22  LEU n 
1 23  ALA n 
1 24  THR n 
1 25  HIS n 
1 26  ASN n 
1 27  ASP n 
1 28  TRP n 
1 29  ALA n 
1 30  ASN n 
1 31  LEU n 
1 32  VAL n 
1 33  TRP n 
1 34  GLU n 
1 35  ASP n 
1 36  SER n 
1 37  SER n 
1 38  ARG n 
1 39  ASP n 
1 40  LEU n 
1 41  LEU n 
1 42  VAL n 
1 43  SER n 
1 44  SER n 
1 45  THR n 
1 46  THR n 
1 47  ALA n 
1 48  GLN n 
1 49  GLY n 
1 50  CYS n 
1 51  ASP n 
1 52  THR n 
1 53  ILE n 
1 54  ALA n 
1 55  ARG n 
1 56  CYS n 
1 57  ASP n 
1 58  CYS n 
1 59  GLN n 
1 60  THR n 
1 61  GLY n 
1 62  VAL n 
1 63  TYR n 
1 64  TYR n 
1 65  CYS n 
1 66  SER n 
1 67  SER n 
1 68  ARG n 
1 69  ARG n 
1 70  LYS n 
1 71  HIS n 
1 72  TYR n 
1 73  PRO n 
1 74  VAL n 
1 75  SER n 
1 76  PHE n 
1 77  SER n 
1 78  LYS n 
1 79  PRO n 
1 80  SER n 
1 81  LEU n 
1 82  ILE n 
1 83  PHE n 
1 84  VAL n 
1 85  GLU n 
1 86  ALA n 
1 87  SER n 
1 88  GLU n 
1 89  TYR n 
1 90  TYR n 
1 91  PRO n 
1 92  ALA n 
1 93  ARG n 
1 94  TYR n 
1 95  GLN n 
1 96  SER n 
1 97  HIS n 
1 98  LEU n 
1 99  MET n 
1 100 LEU n 
1 101 ALA n 
1 102 VAL n 
1 103 GLY n 
1 104 HIS n 
1 105 SER n 
1 106 GLU n 
1 107 PRO n 
1 108 GLY n 
1 109 ASP n 
1 110 CYS n 
1 111 GLY n 
1 112 GLY n 
1 113 ILE n 
1 114 LEU n 
1 115 ARG n 
1 116 CYS n 
1 117 GLN n 
1 118 HIS n 
1 119 GLY n 
1 120 VAL n 
1 121 VAL n 
1 122 GLY n 
1 123 ILE n 
1 124 VAL n 
1 125 SER n 
1 126 THR n 
1 127 GLY n 
1 128 GLY n 
1 129 ASN n 
1 130 GLY n 
1 131 LEU n 
1 132 VAL n 
1 133 GLY n 
1 134 PHE n 
1 135 ALA n 
1 136 ASP n 
1 137 VAL n 
1 138 ARG n 
1 139 ASP n 
1 140 LEU n 
1 141 LEU n 
1 142 TRP n 
1 143 LEU n 
1 144 ASP n 
1 145 GLU n 
1 146 GLU n 
1 147 ALA n 
1 148 MET n 
1 149 GLU n 
1 150 GLN n 
# 
loop_
_entity_src_gen.entity_id 
_entity_src_gen.pdbx_src_id 
_entity_src_gen.pdbx_alt_source_flag 
_entity_src_gen.pdbx_seq_type 
_entity_src_gen.pdbx_beg_seq_num 
_entity_src_gen.pdbx_end_seq_num 
_entity_src_gen.gene_src_common_name 
_entity_src_gen.gene_src_genus 
_entity_src_gen.pdbx_gene_src_gene 
_entity_src_gen.gene_src_species 
_entity_src_gen.gene_src_strain 
_entity_src_gen.gene_src_tissue 
_entity_src_gen.gene_src_tissue_fraction 
_entity_src_gen.gene_src_details 
_entity_src_gen.pdbx_gene_src_fragment 
_entity_src_gen.pdbx_gene_src_scientific_name 
_entity_src_gen.pdbx_gene_src_ncbi_taxonomy_id 
_entity_src_gen.pdbx_gene_src_variant 
_entity_src_gen.pdbx_gene_src_cell_line 
_entity_src_gen.pdbx_gene_src_atcc 
_entity_src_gen.pdbx_gene_src_organ 
_entity_src_gen.pdbx_gene_src_organelle 
_entity_src_gen.pdbx_gene_src_cell 
_entity_src_gen.pdbx_gene_src_cellular_location 
_entity_src_gen.host_org_common_name 
_entity_src_gen.pdbx_host_org_scientific_name 
_entity_src_gen.pdbx_host_org_ncbi_taxonomy_id 
_entity_src_gen.host_org_genus 
_entity_src_gen.pdbx_host_org_gene 
_entity_src_gen.pdbx_host_org_organ 
_entity_src_gen.host_org_species 
_entity_src_gen.pdbx_host_org_tissue 
_entity_src_gen.pdbx_host_org_tissue_fraction 
_entity_src_gen.pdbx_host_org_strain 
_entity_src_gen.pdbx_host_org_variant 
_entity_src_gen.pdbx_host_org_cell_line 
_entity_src_gen.pdbx_host_org_atcc 
_entity_src_gen.pdbx_host_org_culture_collection 
_entity_src_gen.pdbx_host_org_cell 
_entity_src_gen.pdbx_host_org_organelle 
_entity_src_gen.pdbx_host_org_cellular_location 
_entity_src_gen.pdbx_host_org_vector_type 
_entity_src_gen.pdbx_host_org_vector 
_entity_src_gen.host_org_details 
_entity_src_gen.expression_system_id 
_entity_src_gen.plasmid_name 
_entity_src_gen.plasmid_details 
_entity_src_gen.pdbx_description 
1 1 sample 'Biological sequence' 1 150 ? ? ? ? ? ? ? ? ? 'Coxsackievirus A16' 31704 ? ? ? ? ? ? ? ? 'Escherichia coli' 562 ? ? ? ? 
? ? ? ? ? ? ? ? ? ? ? ? ? ? ? ? ? 
2 1 sample ?                     ? ?   ? ? ? ? ? ? ? ? ? 'Coxsackievirus A16' 31704 ? ? ? ? ? ? ? ? 'Escherichia coli' 562 ? ? ? ? 
? ? ? ? ? ? ? ? ? ? ? ? ? ? ? ? ? 
# 
loop_
_chem_comp.id 
_chem_comp.type 
_chem_comp.mon_nstd_flag 
_chem_comp.name 
_chem_comp.pdbx_synonyms 
_chem_comp.formula 
_chem_comp.formula_weight 
ALA 'L-peptide linking' y ALANINE                                ? 'C3 H7 N O2'      89.093  
ARG 'L-peptide linking' y ARGININE                               ? 'C6 H15 N4 O2 1'  175.209 
ASN 'L-peptide linking' y ASPARAGINE                             ? 'C4 H8 N2 O3'     132.118 
ASP 'L-peptide linking' y 'ASPARTIC ACID'                        ? 'C4 H7 N O4'      133.103 
CYS 'L-peptide linking' y CYSTEINE                               ? 'C3 H7 N O2 S'    121.158 
DMS non-polymer         . 'DIMETHYL SULFOXIDE'                   ? 'C2 H6 O S'       78.133  
GLN 'L-peptide linking' y GLUTAMINE                              ? 'C5 H10 N2 O3'    146.144 
GLU 'L-peptide linking' y 'GLUTAMIC ACID'                        ? 'C5 H9 N O4'      147.129 
GLY 'peptide linking'   y GLYCINE                                ? 'C2 H5 N O2'      75.067  
HIS 'L-peptide linking' y HISTIDINE                              ? 'C6 H10 N3 O2 1'  156.162 
HOH non-polymer         . WATER                                  ? 'H2 O'            18.015  
ILE 'L-peptide linking' y ISOLEUCINE                             ? 'C6 H13 N O2'     131.173 
LEU 'L-peptide linking' y LEUCINE                                ? 'C6 H13 N O2'     131.173 
LYS 'L-peptide linking' y LYSINE                                 ? 'C6 H15 N2 O2 1'  147.195 
MET 'L-peptide linking' y METHIONINE                             ? 'C5 H11 N O2 S'   149.211 
PHE 'L-peptide linking' y PHENYLALANINE                          ? 'C9 H11 N O2'     165.189 
PRO 'L-peptide linking' y PROLINE                                ? 'C5 H9 N O2'      115.130 
SER 'L-peptide linking' y SERINE                                 ? 'C3 H7 N O3'      105.093 
SO4 non-polymer         . 'SULFATE ION'                          ? 'O4 S -2'         96.063  
THR 'L-peptide linking' y THREONINE                              ? 'C4 H9 N O3'      119.119 
TRP 'L-peptide linking' y TRYPTOPHAN                             ? 'C11 H12 N2 O2'   204.225 
TYR 'L-peptide linking' y TYROSINE                               ? 'C9 H11 N O3'     181.189 
VAL 'L-peptide linking' y VALINE                                 ? 'C5 H11 N O2'     117.146 
X0S non-polymer         . 2-chloro-N-methylbenzene-1-sulfonamide ? 'C7 H8 Cl N O2 S' 205.662 
ZN  non-polymer         . 'ZINC ION'                             ? 'Zn 2'            65.409  
# 
loop_
_pdbx_poly_seq_scheme.asym_id 
_pdbx_poly_seq_scheme.entity_id 
_pdbx_poly_seq_scheme.seq_id 
_pdbx_poly_seq_scheme.mon_id 
_pdbx_poly_seq_scheme.ndb_seq_num 
_pdbx_poly_seq_scheme.pdb_seq_num 
_pdbx_poly_seq_scheme.auth_seq_num 
_pdbx_poly_seq_scheme.pdb_mon_id 
_pdbx_poly_seq_scheme.auth_mon_id 
_pdbx_poly_seq_scheme.pdb_strand_id 
_pdbx_poly_seq_scheme.pdb_ins_code 
_pdbx_poly_seq_scheme.hetero 
A 1 1   GLN 1   1   ?   ?   ?   A . n 
A 1 2   GLU 2   2   ?   ?   ?   A . n 
A 1 3   GLN 3   3   ?   ?   ?   A . n 
A 1 4   THR 4   4   ?   ?   ?   A . n 
A 1 5   GLY 5   5   ?   ?   ?   A . n 
A 1 6   GLY 6   6   ?   ?   ?   A . n 
A 1 7   SER 7   7   7   SER SER A . n 
A 1 8   GLY 8   8   8   GLY GLY A . n 
A 1 9   ALA 9   9   9   ALA ALA A . n 
A 1 10  ILE 10  10  10  ILE ILE A . n 
A 1 11  TYR 11  11  11  TYR TYR A . n 
A 1 12  VAL 12  12  12  VAL VAL A . n 
A 1 13  GLY 13  13  13  GLY GLY A . n 
A 1 14  ASN 14  14  14  ASN ASN A . n 
A 1 15  TYR 15  15  15  TYR TYR A . n 
A 1 16  ARG 16  16  16  ARG ARG A . n 
A 1 17  VAL 17  17  17  VAL VAL A . n 
A 1 18  VAL 18  18  18  VAL VAL A . n 
A 1 19  ASN 19  19  19  ASN ASN A . n 
A 1 20  ARG 20  20  20  ARG ARG A . n 
A 1 21  HIS 21  21  21  HIS HIS A . n 
A 1 22  LEU 22  22  22  LEU LEU A . n 
A 1 23  ALA 23  23  23  ALA ALA A . n 
A 1 24  THR 24  24  24  THR THR A . n 
A 1 25  HIS 25  25  25  HIS HIS A . n 
A 1 26  ASN 26  26  26  ASN ASN A . n 
A 1 27  ASP 27  27  27  ASP ASP A . n 
A 1 28  TRP 28  28  28  TRP TRP A . n 
A 1 29  ALA 29  29  29  ALA ALA A . n 
A 1 30  ASN 30  30  30  ASN ASN A . n 
A 1 31  LEU 31  31  31  LEU LEU A . n 
A 1 32  VAL 32  32  32  VAL VAL A . n 
A 1 33  TRP 33  33  33  TRP TRP A . n 
A 1 34  GLU 34  34  34  GLU GLU A . n 
A 1 35  ASP 35  35  35  ASP ASP A . n 
A 1 36  SER 36  36  36  SER SER A . n 
A 1 37  SER 37  37  37  SER SER A . n 
A 1 38  ARG 38  38  38  ARG ARG A . n 
A 1 39  ASP 39  39  39  ASP ASP A . n 
A 1 40  LEU 40  40  40  LEU LEU A . n 
A 1 41  LEU 41  41  41  LEU LEU A . n 
A 1 42  VAL 42  42  42  VAL VAL A . n 
A 1 43  SER 43  43  43  SER SER A . n 
A 1 44  SER 44  44  44  SER SER A . n 
A 1 45  THR 45  45  45  THR THR A . n 
A 1 46  THR 46  46  46  THR THR A . n 
A 1 47  ALA 47  47  47  ALA ALA A . n 
A 1 48  GLN 48  48  48  GLN GLN A . n 
A 1 49  GLY 49  49  49  GLY GLY A . n 
A 1 50  CYS 50  50  50  CYS CYS A . n 
A 1 51  ASP 51  51  51  ASP ASP A . n 
A 1 52  THR 52  52  52  THR THR A . n 
A 1 53  ILE 53  53  53  ILE ILE A . n 
A 1 54  ALA 54  54  54  ALA ALA A . n 
A 1 55  ARG 55  55  55  ARG ARG A . n 
A 1 56  CYS 56  56  56  CYS CYS A . n 
A 1 57  ASP 57  57  57  ASP ASP A . n 
A 1 58  CYS 58  58  58  CYS CYS A . n 
A 1 59  GLN 59  59  59  GLN GLN A . n 
A 1 60  THR 60  60  60  THR THR A . n 
A 1 61  GLY 61  61  61  GLY GLY A . n 
A 1 62  VAL 62  62  62  VAL VAL A . n 
A 1 63  TYR 63  63  63  TYR TYR A . n 
A 1 64  TYR 64  64  64  TYR TYR A . n 
A 1 65  CYS 65  65  65  CYS CYS A . n 
A 1 66  SER 66  66  66  SER SER A . n 
A 1 67  SER 67  67  67  SER SER A . n 
A 1 68  ARG 68  68  68  ARG ARG A . n 
A 1 69  ARG 69  69  69  ARG ARG A . n 
A 1 70  LYS 70  70  70  LYS LYS A . n 
A 1 71  HIS 71  71  71  HIS HIS A . n 
A 1 72  TYR 72  72  72  TYR TYR A . n 
A 1 73  PRO 73  73  73  PRO PRO A . n 
A 1 74  VAL 74  74  74  VAL VAL A . n 
A 1 75  SER 75  75  75  SER SER A . n 
A 1 76  PHE 76  76  76  PHE PHE A . n 
A 1 77  SER 77  77  77  SER SER A . n 
A 1 78  LYS 78  78  78  LYS LYS A . n 
A 1 79  PRO 79  79  79  PRO PRO A . n 
A 1 80  SER 80  80  80  SER SER A . n 
A 1 81  LEU 81  81  81  LEU LEU A . n 
A 1 82  ILE 82  82  82  ILE ILE A . n 
A 1 83  PHE 83  83  83  PHE PHE A . n 
A 1 84  VAL 84  84  84  VAL VAL A . n 
A 1 85  GLU 85  85  85  GLU GLU A . n 
A 1 86  ALA 86  86  86  ALA ALA A . n 
A 1 87  SER 87  87  87  SER SER A . n 
A 1 88  GLU 88  88  88  GLU GLU A . n 
A 1 89  TYR 89  89  89  TYR TYR A . n 
A 1 90  TYR 90  90  90  TYR TYR A . n 
A 1 91  PRO 91  91  91  PRO PRO A . n 
A 1 92  ALA 92  92  92  ALA ALA A . n 
A 1 93  ARG 93  93  93  ARG ARG A . n 
A 1 94  TYR 94  94  94  TYR TYR A . n 
A 1 95  GLN 95  95  95  GLN GLN A . n 
A 1 96  SER 96  96  96  SER SER A . n 
A 1 97  HIS 97  97  97  HIS HIS A . n 
A 1 98  LEU 98  98  98  LEU LEU A . n 
A 1 99  MET 99  99  99  MET MET A . n 
A 1 100 LEU 100 100 100 LEU LEU A . n 
A 1 101 ALA 101 101 101 ALA ALA A . n 
A 1 102 VAL 102 102 102 VAL VAL A . n 
A 1 103 GLY 103 103 103 GLY GLY A . n 
A 1 104 HIS 104 104 104 HIS HIS A . n 
A 1 105 SER 105 105 105 SER SER A . n 
A 1 106 GLU 106 106 106 GLU GLU A . n 
A 1 107 PRO 107 107 107 PRO PRO A . n 
A 1 108 GLY 108 108 108 GLY GLY A . n 
A 1 109 ASP 109 109 109 ASP ASP A . n 
A 1 110 CYS 110 110 110 CYS CYS A . n 
A 1 111 GLY 111 111 111 GLY GLY A . n 
A 1 112 GLY 112 112 112 GLY GLY A . n 
A 1 113 ILE 113 113 113 ILE ILE A . n 
A 1 114 LEU 114 114 114 LEU LEU A . n 
A 1 115 ARG 115 115 115 ARG ARG A . n 
A 1 116 CYS 116 116 116 CYS CYS A . n 
A 1 117 GLN 117 117 117 GLN GLN A . n 
A 1 118 HIS 118 118 118 HIS HIS A . n 
A 1 119 GLY 119 119 119 GLY GLY A . n 
A 1 120 VAL 120 120 120 VAL VAL A . n 
A 1 121 VAL 121 121 121 VAL VAL A . n 
A 1 122 GLY 122 122 122 GLY GLY A . n 
A 1 123 ILE 123 123 123 ILE ILE A . n 
A 1 124 VAL 124 124 124 VAL VAL A . n 
A 1 125 SER 125 125 125 SER SER A . n 
A 1 126 THR 126 126 126 THR THR A . n 
A 1 127 GLY 127 127 127 GLY GLY A . n 
A 1 128 GLY 128 128 128 GLY GLY A . n 
A 1 129 ASN 129 129 129 ASN ASN A . n 
A 1 130 GLY 130 130 130 GLY GLY A . n 
A 1 131 LEU 131 131 131 LEU LEU A . n 
A 1 132 VAL 132 132 132 VAL VAL A . n 
A 1 133 GLY 133 133 133 GLY GLY A . n 
A 1 134 PHE 134 134 134 PHE PHE A . n 
A 1 135 ALA 135 135 135 ALA ALA A . n 
A 1 136 ASP 136 136 136 ASP ASP A . n 
A 1 137 VAL 137 137 137 VAL VAL A . n 
A 1 138 ARG 138 138 138 ARG ARG A . n 
A 1 139 ASP 139 139 139 ASP ASP A . n 
A 1 140 LEU 140 140 140 LEU LEU A . n 
A 1 141 LEU 141 141 141 LEU LEU A . n 
A 1 142 TRP 142 142 142 TRP TRP A . n 
A 1 143 LEU 143 143 143 LEU LEU A . n 
A 1 144 ASP 144 144 144 ASP ASP A . n 
A 1 145 GLU 145 145 145 GLU GLU A . n 
A 1 146 GLU 146 146 146 GLU GLU A . n 
A 1 147 ALA 147 147 ?   ?   ?   A . n 
A 1 148 MET 148 148 ?   ?   ?   A . n 
A 1 149 GLU 149 149 ?   ?   ?   A . n 
A 1 150 GLN 150 150 ?   ?   ?   A . n 
# 
loop_
_pdbx_nonpoly_scheme.asym_id 
_pdbx_nonpoly_scheme.entity_id 
_pdbx_nonpoly_scheme.mon_id 
_pdbx_nonpoly_scheme.ndb_seq_num 
_pdbx_nonpoly_scheme.pdb_seq_num 
_pdbx_nonpoly_scheme.auth_seq_num 
_pdbx_nonpoly_scheme.pdb_mon_id 
_pdbx_nonpoly_scheme.auth_mon_id 
_pdbx_nonpoly_scheme.pdb_strand_id 
_pdbx_nonpoly_scheme.pdb_ins_code 
B 2 X0S 1   201 147 X0S LIG A . 
C 3 ZN  1   202 1   ZN  ZN  A . 
D 4 DMS 1   203 -1  DMS DMS A . 
E 4 DMS 1   204 0   DMS DMS A . 
F 4 DMS 1   205 1   DMS DMS A . 
G 4 DMS 1   206 3   DMS DMS A . 
H 4 DMS 1   207 6   DMS DMS A . 
I 5 SO4 1   208 1   SO4 SO4 A . 
J 6 HOH 1   301 238 HOH HOH A . 
J 6 HOH 2   302 245 HOH HOH A . 
J 6 HOH 3   303 217 HOH HOH A . 
J 6 HOH 4   304 94  HOH HOH A . 
J 6 HOH 5   305 182 HOH HOH A . 
J 6 HOH 6   306 184 HOH HOH A . 
J 6 HOH 7   307 103 HOH HOH A . 
J 6 HOH 8   308 186 HOH HOH A . 
J 6 HOH 9   309 30  HOH HOH A . 
J 6 HOH 10  310 107 HOH HOH A . 
J 6 HOH 11  311 70  HOH HOH A . 
J 6 HOH 12  312 227 HOH HOH A . 
J 6 HOH 13  313 77  HOH HOH A . 
J 6 HOH 14  314 191 HOH HOH A . 
J 6 HOH 15  315 3   HOH HOH A . 
J 6 HOH 16  316 249 HOH HOH A . 
J 6 HOH 17  317 34  HOH HOH A . 
J 6 HOH 18  318 141 HOH HOH A . 
J 6 HOH 19  319 46  HOH HOH A . 
J 6 HOH 20  320 205 HOH HOH A . 
J 6 HOH 21  321 150 HOH HOH A . 
J 6 HOH 22  322 104 HOH HOH A . 
J 6 HOH 23  323 109 HOH HOH A . 
J 6 HOH 24  324 81  HOH HOH A . 
J 6 HOH 25  325 37  HOH HOH A . 
J 6 HOH 26  326 147 HOH HOH A . 
J 6 HOH 27  327 152 HOH HOH A . 
J 6 HOH 28  328 216 HOH HOH A . 
J 6 HOH 29  329 215 HOH HOH A . 
J 6 HOH 30  330 221 HOH HOH A . 
J 6 HOH 31  331 116 HOH HOH A . 
J 6 HOH 32  332 29  HOH HOH A . 
J 6 HOH 33  333 183 HOH HOH A . 
J 6 HOH 34  334 57  HOH HOH A . 
J 6 HOH 35  335 204 HOH HOH A . 
J 6 HOH 36  336 4   HOH HOH A . 
J 6 HOH 37  337 193 HOH HOH A . 
J 6 HOH 38  338 195 HOH HOH A . 
J 6 HOH 39  339 179 HOH HOH A . 
J 6 HOH 40  340 137 HOH HOH A . 
J 6 HOH 41  341 12  HOH HOH A . 
J 6 HOH 42  342 173 HOH HOH A . 
J 6 HOH 43  343 181 HOH HOH A . 
J 6 HOH 44  344 13  HOH HOH A . 
J 6 HOH 45  345 2   HOH HOH A . 
J 6 HOH 46  346 72  HOH HOH A . 
J 6 HOH 47  347 25  HOH HOH A . 
J 6 HOH 48  348 133 HOH HOH A . 
J 6 HOH 49  349 42  HOH HOH A . 
J 6 HOH 50  350 88  HOH HOH A . 
J 6 HOH 51  351 106 HOH HOH A . 
J 6 HOH 52  352 148 HOH HOH A . 
J 6 HOH 53  353 26  HOH HOH A . 
J 6 HOH 54  354 59  HOH HOH A . 
J 6 HOH 55  355 167 HOH HOH A . 
J 6 HOH 56  356 67  HOH HOH A . 
J 6 HOH 57  357 27  HOH HOH A . 
J 6 HOH 58  358 24  HOH HOH A . 
J 6 HOH 59  359 211 HOH HOH A . 
J 6 HOH 60  360 9   HOH HOH A . 
J 6 HOH 61  361 161 HOH HOH A . 
J 6 HOH 62  362 168 HOH HOH A . 
J 6 HOH 63  363 174 HOH HOH A . 
J 6 HOH 64  364 68  HOH HOH A . 
J 6 HOH 65  365 90  HOH HOH A . 
J 6 HOH 66  366 16  HOH HOH A . 
J 6 HOH 67  367 97  HOH HOH A . 
J 6 HOH 68  368 21  HOH HOH A . 
J 6 HOH 69  369 45  HOH HOH A . 
J 6 HOH 70  370 7   HOH HOH A . 
J 6 HOH 71  371 60  HOH HOH A . 
J 6 HOH 72  372 180 HOH HOH A . 
J 6 HOH 73  373 248 HOH HOH A . 
J 6 HOH 74  374 169 HOH HOH A . 
J 6 HOH 75  375 39  HOH HOH A . 
J 6 HOH 76  376 33  HOH HOH A . 
J 6 HOH 77  377 119 HOH HOH A . 
J 6 HOH 78  378 214 HOH HOH A . 
J 6 HOH 79  379 50  HOH HOH A . 
J 6 HOH 80  380 210 HOH HOH A . 
J 6 HOH 81  381 36  HOH HOH A . 
J 6 HOH 82  382 71  HOH HOH A . 
J 6 HOH 83  383 41  HOH HOH A . 
J 6 HOH 84  384 28  HOH HOH A . 
J 6 HOH 85  385 19  HOH HOH A . 
J 6 HOH 86  386 43  HOH HOH A . 
J 6 HOH 87  387 15  HOH HOH A . 
J 6 HOH 88  388 64  HOH HOH A . 
J 6 HOH 89  389 52  HOH HOH A . 
J 6 HOH 90  390 121 HOH HOH A . 
J 6 HOH 91  391 40  HOH HOH A . 
J 6 HOH 92  392 66  HOH HOH A . 
J 6 HOH 93  393 55  HOH HOH A . 
J 6 HOH 94  394 178 HOH HOH A . 
J 6 HOH 95  395 53  HOH HOH A . 
J 6 HOH 96  396 14  HOH HOH A . 
J 6 HOH 97  397 112 HOH HOH A . 
J 6 HOH 98  398 100 HOH HOH A . 
J 6 HOH 99  399 49  HOH HOH A . 
J 6 HOH 100 400 78  HOH HOH A . 
J 6 HOH 101 401 5   HOH HOH A . 
J 6 HOH 102 402 146 HOH HOH A . 
J 6 HOH 103 403 177 HOH HOH A . 
J 6 HOH 104 404 212 HOH HOH A . 
J 6 HOH 105 405 198 HOH HOH A . 
J 6 HOH 106 406 132 HOH HOH A . 
J 6 HOH 107 407 95  HOH HOH A . 
J 6 HOH 108 408 84  HOH HOH A . 
J 6 HOH 109 409 54  HOH HOH A . 
J 6 HOH 110 410 20  HOH HOH A . 
J 6 HOH 111 411 91  HOH HOH A . 
J 6 HOH 112 412 62  HOH HOH A . 
J 6 HOH 113 413 118 HOH HOH A . 
J 6 HOH 114 414 93  HOH HOH A . 
J 6 HOH 115 415 123 HOH HOH A . 
J 6 HOH 116 416 213 HOH HOH A . 
J 6 HOH 117 417 18  HOH HOH A . 
J 6 HOH 118 418 176 HOH HOH A . 
J 6 HOH 119 419 192 HOH HOH A . 
J 6 HOH 120 420 79  HOH HOH A . 
J 6 HOH 121 421 155 HOH HOH A . 
J 6 HOH 122 422 38  HOH HOH A . 
J 6 HOH 123 423 76  HOH HOH A . 
J 6 HOH 124 424 63  HOH HOH A . 
J 6 HOH 125 425 111 HOH HOH A . 
J 6 HOH 126 426 31  HOH HOH A . 
J 6 HOH 127 427 58  HOH HOH A . 
J 6 HOH 128 428 17  HOH HOH A . 
J 6 HOH 129 429 82  HOH HOH A . 
J 6 HOH 130 430 156 HOH HOH A . 
J 6 HOH 131 431 229 HOH HOH A . 
J 6 HOH 132 432 80  HOH HOH A . 
J 6 HOH 133 433 113 HOH HOH A . 
J 6 HOH 134 434 237 HOH HOH A . 
J 6 HOH 135 435 108 HOH HOH A . 
J 6 HOH 136 436 47  HOH HOH A . 
J 6 HOH 137 437 124 HOH HOH A . 
J 6 HOH 138 438 11  HOH HOH A . 
J 6 HOH 139 439 144 HOH HOH A . 
J 6 HOH 140 440 131 HOH HOH A . 
J 6 HOH 141 441 105 HOH HOH A . 
J 6 HOH 142 442 96  HOH HOH A . 
J 6 HOH 143 443 102 HOH HOH A . 
J 6 HOH 144 444 170 HOH HOH A . 
J 6 HOH 145 445 48  HOH HOH A . 
J 6 HOH 146 446 250 HOH HOH A . 
J 6 HOH 147 447 201 HOH HOH A . 
J 6 HOH 148 448 203 HOH HOH A . 
J 6 HOH 149 449 89  HOH HOH A . 
J 6 HOH 150 450 23  HOH HOH A . 
J 6 HOH 151 451 110 HOH HOH A . 
J 6 HOH 152 452 159 HOH HOH A . 
J 6 HOH 153 453 61  HOH HOH A . 
J 6 HOH 154 454 51  HOH HOH A . 
J 6 HOH 155 455 247 HOH HOH A . 
J 6 HOH 156 456 230 HOH HOH A . 
J 6 HOH 157 457 157 HOH HOH A . 
J 6 HOH 158 458 10  HOH HOH A . 
J 6 HOH 159 459 120 HOH HOH A . 
J 6 HOH 160 460 35  HOH HOH A . 
J 6 HOH 161 461 126 HOH HOH A . 
J 6 HOH 162 462 69  HOH HOH A . 
J 6 HOH 163 463 6   HOH HOH A . 
J 6 HOH 164 464 135 HOH HOH A . 
J 6 HOH 165 465 234 HOH HOH A . 
J 6 HOH 166 466 197 HOH HOH A . 
J 6 HOH 167 467 138 HOH HOH A . 
J 6 HOH 168 468 101 HOH HOH A . 
J 6 HOH 169 469 65  HOH HOH A . 
J 6 HOH 170 470 220 HOH HOH A . 
J 6 HOH 171 471 162 HOH HOH A . 
J 6 HOH 172 472 171 HOH HOH A . 
J 6 HOH 173 473 200 HOH HOH A . 
J 6 HOH 174 474 22  HOH HOH A . 
J 6 HOH 175 475 74  HOH HOH A . 
J 6 HOH 176 476 231 HOH HOH A . 
J 6 HOH 177 477 136 HOH HOH A . 
J 6 HOH 178 478 224 HOH HOH A . 
J 6 HOH 179 479 175 HOH HOH A . 
J 6 HOH 180 480 98  HOH HOH A . 
J 6 HOH 181 481 158 HOH HOH A . 
J 6 HOH 182 482 163 HOH HOH A . 
J 6 HOH 183 483 154 HOH HOH A . 
J 6 HOH 184 484 117 HOH HOH A . 
J 6 HOH 185 485 233 HOH HOH A . 
J 6 HOH 186 486 151 HOH HOH A . 
J 6 HOH 187 487 172 HOH HOH A . 
J 6 HOH 188 488 246 HOH HOH A . 
J 6 HOH 189 489 228 HOH HOH A . 
J 6 HOH 190 490 225 HOH HOH A . 
J 6 HOH 191 491 239 HOH HOH A . 
J 6 HOH 192 492 218 HOH HOH A . 
J 6 HOH 193 493 219 HOH HOH A . 
J 6 HOH 194 494 190 HOH HOH A . 
J 6 HOH 195 495 207 HOH HOH A . 
J 6 HOH 196 496 127 HOH HOH A . 
J 6 HOH 197 497 134 HOH HOH A . 
J 6 HOH 198 498 87  HOH HOH A . 
J 6 HOH 199 499 226 HOH HOH A . 
J 6 HOH 200 500 189 HOH HOH A . 
J 6 HOH 201 501 140 HOH HOH A . 
J 6 HOH 202 502 32  HOH HOH A . 
J 6 HOH 203 503 232 HOH HOH A . 
J 6 HOH 204 504 99  HOH HOH A . 
J 6 HOH 205 505 240 HOH HOH A . 
J 6 HOH 206 506 73  HOH HOH A . 
J 6 HOH 207 507 83  HOH HOH A . 
J 6 HOH 208 508 85  HOH HOH A . 
J 6 HOH 209 509 129 HOH HOH A . 
J 6 HOH 210 510 86  HOH HOH A . 
J 6 HOH 211 511 223 HOH HOH A . 
J 6 HOH 212 512 236 HOH HOH A . 
J 6 HOH 213 513 185 HOH HOH A . 
J 6 HOH 214 514 209 HOH HOH A . 
J 6 HOH 215 515 122 HOH HOH A . 
J 6 HOH 216 516 208 HOH HOH A . 
J 6 HOH 217 517 56  HOH HOH A . 
J 6 HOH 218 518 241 HOH HOH A . 
J 6 HOH 219 519 187 HOH HOH A . 
J 6 HOH 220 520 142 HOH HOH A . 
J 6 HOH 221 521 202 HOH HOH A . 
J 6 HOH 222 522 199 HOH HOH A . 
J 6 HOH 223 523 235 HOH HOH A . 
J 6 HOH 224 524 114 HOH HOH A . 
J 6 HOH 225 525 206 HOH HOH A . 
J 6 HOH 226 526 165 HOH HOH A . 
J 6 HOH 227 527 153 HOH HOH A . 
J 6 HOH 228 528 75  HOH HOH A . 
J 6 HOH 229 529 125 HOH HOH A . 
J 6 HOH 230 530 92  HOH HOH A . 
J 6 HOH 231 531 222 HOH HOH A . 
J 6 HOH 232 532 243 HOH HOH A . 
J 6 HOH 233 533 242 HOH HOH A . 
J 6 HOH 234 534 160 HOH HOH A . 
J 6 HOH 235 535 164 HOH HOH A . 
J 6 HOH 236 536 244 HOH HOH A . 
# 
loop_
_software.classification 
_software.name 
_software.version 
_software.citation_id 
_software.pdbx_ordinal 
refinement       REFMAC  5.8.0267 ? 1 
refinement       REFMAC5 .        ? 2 
'data scaling'   Aimless .        ? 3 
phasing          PHASER  .        ? 4 
'data reduction' XDS     .        ? 5 
# 
_cell.entry_id           7H37 
_cell.length_a           86.157 
_cell.length_b           56.430 
_cell.length_c           32.347 
_cell.angle_alpha        90.00 
_cell.angle_beta         94.71 
_cell.angle_gamma        90.00 
_cell.Z_PDB              4 
_cell.pdbx_unique_axis   ? 
# 
_symmetry.entry_id                         7H37 
_symmetry.space_group_name_H-M             'C 1 2 1' 
_symmetry.pdbx_full_space_group_name_H-M   ? 
_symmetry.cell_setting                     ? 
_symmetry.Int_Tables_number                5 
# 
_exptl.entry_id          7H37 
_exptl.method            'X-RAY DIFFRACTION' 
_exptl.crystals_number   1 
# 
_exptl_crystal.id                    1 
_exptl_crystal.density_meas          ? 
_exptl_crystal.density_Matthews      2.38 
_exptl_crystal.density_percent_sol   48.23 
_exptl_crystal.description           ? 
# 
_exptl_crystal_grow.crystal_id      1 
_exptl_crystal_grow.method          'VAPOR DIFFUSION, SITTING DROP' 
_exptl_crystal_grow.pH              6.05 
_exptl_crystal_grow.temp            293.15 
_exptl_crystal_grow.pdbx_details    '0.1 M MES, pH 6.05, 16 % PEG 20,000' 
_exptl_crystal_grow.temp_details    ? 
_exptl_crystal_grow.pdbx_pH_range   ? 
# 
_diffrn.id                     1 
_diffrn.ambient_temp           100 
_diffrn.crystal_id             1 
_diffrn.ambient_temp_details   ? 
# 
_diffrn_detector.detector               PIXEL 
_diffrn_detector.type                   'DECTRIS EIGER2 XE 16M' 
_diffrn_detector.pdbx_collection_date   2023-10-10 
_diffrn_detector.diffrn_id              1 
_diffrn_detector.details                ? 
# 
_diffrn_radiation.diffrn_id                        1 
_diffrn_radiation.wavelength_id                    1 
_diffrn_radiation.pdbx_diffrn_protocol             'SINGLE WAVELENGTH' 
_diffrn_radiation.pdbx_monochromatic_or_laue_m_l   ? 
_diffrn_radiation.monochromator                    ? 
_diffrn_radiation.pdbx_scattering_type             x-ray 
# 
_diffrn_radiation_wavelength.id           1 
_diffrn_radiation_wavelength.wavelength   0.94055 
_diffrn_radiation_wavelength.wt           1.0 
# 
_diffrn_source.diffrn_id                   1 
_diffrn_source.source                      SYNCHROTRON 
_diffrn_source.type                        'DIAMOND BEAMLINE I03' 
_diffrn_source.pdbx_wavelength_list        0.94055 
_diffrn_source.pdbx_synchrotron_site       Diamond 
_diffrn_source.pdbx_synchrotron_beamline   I03 
_diffrn_source.pdbx_wavelength             ? 
# 
_reflns.entry_id                     7H37 
_reflns.pdbx_diffrn_id               1 
_reflns.pdbx_ordinal                 1 
_reflns.d_resolution_low             47.20 
_reflns.d_resolution_high            1.33 
_reflns.number_obs                   35245 
_reflns.percent_possible_obs         99.0 
_reflns.pdbx_Rmerge_I_obs            0.144 
_reflns.pdbx_netI_over_sigmaI        9.1 
_reflns.pdbx_redundancy              6.7 
_reflns.pdbx_Rrim_I_all              0.157 
_reflns.pdbx_Rpim_I_all              0.062 
_reflns.pdbx_CC_half                 0.982 
_reflns.pdbx_number_measured_all     237649 
_reflns.pdbx_chi_squared             0.72 
_reflns.observed_criterion_sigma_I   ? 
_reflns.observed_criterion_sigma_F   ? 
_reflns.number_all                   ? 
_reflns.pdbx_Rsym_value              ? 
_reflns.B_iso_Wilson_estimate        ? 
# 
_reflns_shell.pdbx_diffrn_id              1 
_reflns_shell.pdbx_ordinal                1 
_reflns_shell.d_res_high                  1.33 
_reflns_shell.d_res_low                   1.35 
_reflns_shell.number_measured_all         11143 
_reflns_shell.number_unique_obs           1708 
_reflns_shell.Rmerge_I_obs                4.834 
_reflns_shell.pdbx_chi_squared            0.31 
_reflns_shell.pdbx_redundancy             6.5 
_reflns_shell.percent_possible_obs        96.0 
_reflns_shell.pdbx_netI_over_sigmaI_obs   0.4 
_reflns_shell.pdbx_Rrim_I_all             5.266 
_reflns_shell.pdbx_Rpim_I_all             2.059 
_reflns_shell.pdbx_CC_half                0.278 
_reflns_shell.percent_possible_all        ? 
_reflns_shell.pdbx_Rsym_value             ? 
_reflns_shell.meanI_over_sigI_obs         ? 
# 
_refine.pdbx_refine_id                           'X-RAY DIFFRACTION' 
_refine.entry_id                                 7H37 
_refine.pdbx_diffrn_id                           1 
_refine.pdbx_TLS_residual_ADP_flag               ? 
_refine.ls_number_reflns_obs                     32509 
_refine.ls_number_reflns_all                     ? 
_refine.pdbx_ls_sigma_I                          ? 
_refine.pdbx_ls_sigma_F                          ? 
_refine.pdbx_data_cutoff_high_absF               ? 
_refine.pdbx_data_cutoff_low_absF                ? 
_refine.pdbx_data_cutoff_high_rms_absF           ? 
_refine.ls_d_res_low                             47.16 
_refine.ls_d_res_high                            1.33 
_refine.ls_percent_reflns_obs                    96.08 
_refine.ls_R_factor_obs                          0.21556 
_refine.ls_R_factor_all                          ? 
_refine.ls_R_factor_R_work                       0.21401 
_refine.ls_R_factor_R_free                       0.24397 
_refine.ls_R_factor_R_free_error                 ? 
_refine.ls_R_factor_R_free_error_details         ? 
_refine.ls_percent_reflns_R_free                 5.0 
_refine.ls_number_reflns_R_free                  1715 
_refine.ls_number_parameters                     ? 
_refine.ls_number_restraints                     ? 
_refine.occupancy_min                            ? 
_refine.occupancy_max                            ? 
_refine.correlation_coeff_Fo_to_Fc               0.952 
_refine.correlation_coeff_Fo_to_Fc_free          0.954 
_refine.B_iso_mean                               22.178 
_refine.aniso_B[1][1]                            -0.23 
_refine.aniso_B[2][2]                            0.70 
_refine.aniso_B[3][3]                            -0.44 
_refine.aniso_B[1][2]                            0.00 
_refine.aniso_B[1][3]                            -0.09 
_refine.aniso_B[2][3]                            0.00 
_refine.solvent_model_details                    MASK 
_refine.solvent_model_param_ksol                 ? 
_refine.solvent_model_param_bsol                 ? 
_refine.pdbx_solvent_vdw_probe_radii             1.20 
_refine.pdbx_solvent_ion_probe_radii             0.80 
_refine.pdbx_solvent_shrinkage_radii             0.80 
_refine.pdbx_ls_cross_valid_method               THROUGHOUT 
_refine.details                                  'HYDROGENS HAVE BEEN ADDED IN THE RIDING POSITIONS' 
_refine.pdbx_starting_model                      ? 
_refine.pdbx_method_to_determine_struct          'MOLECULAR REPLACEMENT' 
_refine.pdbx_isotropic_thermal_model             ? 
_refine.pdbx_stereochemistry_target_values       'MAXIMUM LIKELIHOOD' 
_refine.pdbx_stereochem_target_val_spec_case     ? 
_refine.pdbx_R_Free_selection_details            RANDOM 
_refine.pdbx_overall_ESU_R                       0.068 
_refine.pdbx_overall_ESU_R_Free                  0.070 
_refine.overall_SU_ML                            ? 
_refine.pdbx_overall_phase_error                 ? 
_refine.overall_SU_B                             ? 
_refine.overall_SU_R_Cruickshank_DPI             ? 
_refine.pdbx_overall_SU_R_free_Cruickshank_DPI   ? 
_refine.pdbx_overall_SU_R_Blow_DPI               ? 
_refine.pdbx_overall_SU_R_free_Blow_DPI          ? 
# 
_refine_hist.pdbx_refine_id                   'X-RAY DIFFRACTION' 
_refine_hist.cycle_id                         1 
_refine_hist.pdbx_number_atoms_protein        1083 
_refine_hist.pdbx_number_atoms_nucleic_acid   0 
_refine_hist.pdbx_number_atoms_ligand         38 
_refine_hist.number_atoms_solvent             236 
_refine_hist.number_atoms_total               1357 
_refine_hist.d_res_high                       1.33 
_refine_hist.d_res_low                        47.16 
# 
loop_
_refine_ls_restr.type 
_refine_ls_restr.dev_ideal 
_refine_ls_restr.dev_ideal_target 
_refine_ls_restr.weight 
_refine_ls_restr.number 
_refine_ls_restr.pdbx_refine_id 
_refine_ls_restr.pdbx_restraint_function 
r_bond_refined_d             0.013  0.013  ? 1289 'X-RAY DIFFRACTION' ? 
r_bond_other_d               0.036  0.014  ? 1071 'X-RAY DIFFRACTION' ? 
r_angle_refined_deg          1.826  1.612  ? 1671 'X-RAY DIFFRACTION' ? 
r_angle_other_deg            2.432  1.598  ? 2459 'X-RAY DIFFRACTION' ? 
r_dihedral_angle_1_deg       7.290  5.000  ? 157  'X-RAY DIFFRACTION' ? 
r_dihedral_angle_2_deg       32.966 21.385 ? 65   'X-RAY DIFFRACTION' ? 
r_dihedral_angle_3_deg       13.016 15.000 ? 175  'X-RAY DIFFRACTION' ? 
r_dihedral_angle_4_deg       23.239 15.000 ? 9    'X-RAY DIFFRACTION' ? 
r_chiral_restr               0.077  0.200  ? 148  'X-RAY DIFFRACTION' ? 
r_gen_planes_refined         0.012  0.020  ? 1519 'X-RAY DIFFRACTION' ? 
r_gen_planes_other           0.020  0.020  ? 303  'X-RAY DIFFRACTION' ? 
r_nbd_refined                ?      ?      ? ?    'X-RAY DIFFRACTION' ? 
r_nbd_other                  ?      ?      ? ?    'X-RAY DIFFRACTION' ? 
r_nbtor_refined              ?      ?      ? ?    'X-RAY DIFFRACTION' ? 
r_nbtor_other                ?      ?      ? ?    'X-RAY DIFFRACTION' ? 
r_xyhbond_nbd_refined        ?      ?      ? ?    'X-RAY DIFFRACTION' ? 
r_xyhbond_nbd_other          ?      ?      ? ?    'X-RAY DIFFRACTION' ? 
r_metal_ion_refined          ?      ?      ? ?    'X-RAY DIFFRACTION' ? 
r_metal_ion_other            ?      ?      ? ?    'X-RAY DIFFRACTION' ? 
r_symmetry_vdw_refined       ?      ?      ? ?    'X-RAY DIFFRACTION' ? 
r_symmetry_vdw_other         ?      ?      ? ?    'X-RAY DIFFRACTION' ? 
r_symmetry_hbond_refined     ?      ?      ? ?    'X-RAY DIFFRACTION' ? 
r_symmetry_hbond_other       ?      ?      ? ?    'X-RAY DIFFRACTION' ? 
r_symmetry_metal_ion_refined ?      ?      ? ?    'X-RAY DIFFRACTION' ? 
r_symmetry_metal_ion_other   ?      ?      ? ?    'X-RAY DIFFRACTION' ? 
r_mcbond_it                  1.954  2.091  ? 647  'X-RAY DIFFRACTION' ? 
r_mcbond_other               1.968  2.055  ? 638  'X-RAY DIFFRACTION' ? 
r_mcangle_it                 2.657  3.072  ? 771  'X-RAY DIFFRACTION' ? 
r_mcangle_other              2.655  3.072  ? 772  'X-RAY DIFFRACTION' ? 
r_scbond_it                  2.652  2.308  ? 639  'X-RAY DIFFRACTION' ? 
r_scbond_other               2.639  2.310  ? 639  'X-RAY DIFFRACTION' ? 
r_scangle_it                 ?      ?      ? ?    'X-RAY DIFFRACTION' ? 
r_scangle_other              3.623  3.374  ? 895  'X-RAY DIFFRACTION' ? 
r_long_range_B_refined       6.673  28.178 ? 1535 'X-RAY DIFFRACTION' ? 
r_long_range_B_other         6.671  28.209 ? 1536 'X-RAY DIFFRACTION' ? 
r_rigid_bond_restr           ?      ?      ? ?    'X-RAY DIFFRACTION' ? 
r_sphericity_free            ?      ?      ? ?    'X-RAY DIFFRACTION' ? 
r_sphericity_bonded          ?      ?      ? ?    'X-RAY DIFFRACTION' ? 
# 
_refine_ls_shell.pdbx_refine_id                   'X-RAY DIFFRACTION' 
_refine_ls_shell.pdbx_total_number_of_bins_used   20 
_refine_ls_shell.d_res_high                       1.329 
_refine_ls_shell.d_res_low                        1.363 
_refine_ls_shell.number_reflns_R_work             1747 
_refine_ls_shell.R_factor_R_work                  0.393 
_refine_ls_shell.percent_reflns_obs               69.60 
_refine_ls_shell.R_factor_R_free                  0.401 
_refine_ls_shell.R_factor_R_free_error            ? 
_refine_ls_shell.percent_reflns_R_free            ? 
_refine_ls_shell.number_reflns_R_free             80 
_refine_ls_shell.number_reflns_all                ? 
_refine_ls_shell.R_factor_all                     ? 
# 
_struct.entry_id                  7H37 
_struct.title                     
;Group deposition for crystallographic fragment screening of Coxsackievirus A16 (G-10) 2A protease -- Crystal structure of Coxsackievirus A16 (G-10) 2A protease in complex with Z45527714 (A71EV2A-x0332)
;
_struct.pdbx_model_details        ? 
_struct.pdbx_CASP_flag            ? 
_struct.pdbx_model_type_details   ? 
# 
_struct_keywords.entry_id        7H37 
_struct_keywords.pdbx_keywords   HYDROLASE 
_struct_keywords.text            
;Diamond Light Source, I03, ASAP, Coxsackievirus A16, crystallographic fragment screening, PanDDA, Pandda2, XChemExplorer, viral protein, HYDROLASE
;
# 
loop_
_struct_asym.id 
_struct_asym.pdbx_blank_PDB_chainid_flag 
_struct_asym.pdbx_modified 
_struct_asym.entity_id 
_struct_asym.details 
A N N 1 ? 
B N N 2 ? 
C N N 3 ? 
D N N 4 ? 
E N N 4 ? 
F N N 4 ? 
G N N 4 ? 
H N N 4 ? 
I N N 5 ? 
J N N 6 ? 
# 
_struct_ref.id                         1 
_struct_ref.db_name                    UNP 
_struct_ref.db_code                    POLG_CX16G 
_struct_ref.pdbx_db_accession          Q65900 
_struct_ref.pdbx_db_isoform            ? 
_struct_ref.entity_id                  1 
_struct_ref.pdbx_seq_one_letter_code   
;SGAIYVGNYRVVNRHLATHNDWANLVWEDSSRDLLVSSTTAQGCDTIARCDCQTGVYYCSSRRKHYPVSFSKPSLIFVEA
SEYYPARYQSHLMLAVGHSEPGDCGGILRCQHGVVGIVSTGGNGLVGFADVRDLLWLDEEAMEQ
;
_struct_ref.pdbx_align_begin           869 
# 
_struct_ref_seq.align_id                      1 
_struct_ref_seq.ref_id                        1 
_struct_ref_seq.pdbx_PDB_id_code              7H37 
_struct_ref_seq.pdbx_strand_id                A 
_struct_ref_seq.seq_align_beg                 7 
_struct_ref_seq.pdbx_seq_align_beg_ins_code   ? 
_struct_ref_seq.seq_align_end                 150 
_struct_ref_seq.pdbx_seq_align_end_ins_code   ? 
_struct_ref_seq.pdbx_db_accession             Q65900 
_struct_ref_seq.db_align_beg                  869 
_struct_ref_seq.pdbx_db_align_beg_ins_code    ? 
_struct_ref_seq.db_align_end                  1012 
_struct_ref_seq.pdbx_db_align_end_ins_code    ? 
_struct_ref_seq.pdbx_auth_seq_align_beg       7 
_struct_ref_seq.pdbx_auth_seq_align_end       150 
# 
loop_
_struct_ref_seq_dif.align_id 
_struct_ref_seq_dif.pdbx_pdb_id_code 
_struct_ref_seq_dif.mon_id 
_struct_ref_seq_dif.pdbx_pdb_strand_id 
_struct_ref_seq_dif.seq_num 
_struct_ref_seq_dif.pdbx_pdb_ins_code 
_struct_ref_seq_dif.pdbx_seq_db_name 
_struct_ref_seq_dif.pdbx_seq_db_accession_code 
_struct_ref_seq_dif.db_mon_id 
_struct_ref_seq_dif.pdbx_seq_db_seq_num 
_struct_ref_seq_dif.details 
_struct_ref_seq_dif.pdbx_auth_seq_num 
_struct_ref_seq_dif.pdbx_ordinal 
1 7H37 GLN A 1 ? UNP Q65900 ? ? 'expression tag' 1 1 
1 7H37 GLU A 2 ? UNP Q65900 ? ? 'expression tag' 2 2 
1 7H37 GLN A 3 ? UNP Q65900 ? ? 'expression tag' 3 3 
1 7H37 THR A 4 ? UNP Q65900 ? ? 'expression tag' 4 4 
1 7H37 GLY A 5 ? UNP Q65900 ? ? 'expression tag' 5 5 
1 7H37 GLY A 6 ? UNP Q65900 ? ? 'expression tag' 6 6 
# 
_pdbx_struct_assembly.id                   1 
_pdbx_struct_assembly.details              author_and_software_defined_assembly 
_pdbx_struct_assembly.method_details       PISA 
_pdbx_struct_assembly.oligomeric_details   monomeric 
_pdbx_struct_assembly.oligomeric_count     1 
# 
loop_
_pdbx_struct_assembly_prop.biol_id 
_pdbx_struct_assembly_prop.type 
_pdbx_struct_assembly_prop.value 
_pdbx_struct_assembly_prop.details 
1 'ABSA (A^2)' 830  ? 
1 MORE         -5   ? 
1 'SSA (A^2)'  7500 ? 
# 
_pdbx_struct_assembly_gen.assembly_id       1 
_pdbx_struct_assembly_gen.oper_expression   1 
_pdbx_struct_assembly_gen.asym_id_list      A,B,C,D,E,F,G,H,I,J 
# 
_pdbx_struct_oper_list.id                   1 
_pdbx_struct_oper_list.type                 'identity operation' 
_pdbx_struct_oper_list.name                 1_555 
_pdbx_struct_oper_list.symmetry_operation   x,y,z 
_pdbx_struct_oper_list.matrix[1][1]         1.0000000000 
_pdbx_struct_oper_list.matrix[1][2]         0.0000000000 
_pdbx_struct_oper_list.matrix[1][3]         0.0000000000 
_pdbx_struct_oper_list.vector[1]            0.0000000000 
_pdbx_struct_oper_list.matrix[2][1]         0.0000000000 
_pdbx_struct_oper_list.matrix[2][2]         1.0000000000 
_pdbx_struct_oper_list.matrix[2][3]         0.0000000000 
_pdbx_struct_oper_list.vector[2]            0.0000000000 
_pdbx_struct_oper_list.matrix[3][1]         0.0000000000 
_pdbx_struct_oper_list.matrix[3][2]         0.0000000000 
_pdbx_struct_oper_list.matrix[3][3]         1.0000000000 
_pdbx_struct_oper_list.vector[3]            0.0000000000 
# 
loop_
_struct_conf.conf_type_id 
_struct_conf.id 
_struct_conf.pdbx_PDB_helix_id 
_struct_conf.beg_label_comp_id 
_struct_conf.beg_label_asym_id 
_struct_conf.beg_label_seq_id 
_struct_conf.pdbx_beg_PDB_ins_code 
_struct_conf.end_label_comp_id 
_struct_conf.end_label_asym_id 
_struct_conf.end_label_seq_id 
_struct_conf.pdbx_end_PDB_ins_code 
_struct_conf.beg_auth_comp_id 
_struct_conf.beg_auth_asym_id 
_struct_conf.beg_auth_seq_id 
_struct_conf.end_auth_comp_id 
_struct_conf.end_auth_asym_id 
_struct_conf.end_auth_seq_id 
_struct_conf.pdbx_PDB_helix_class 
_struct_conf.details 
_struct_conf.pdbx_PDB_helix_length 
HELX_P HELX_P1 AA1 HIS A 21  ? ALA A 23  ? HIS A 21  ALA A 23  5 ? 3 
HELX_P HELX_P2 AA2 THR A 24  ? ASN A 30  ? THR A 24  ASN A 30  1 ? 7 
HELX_P HELX_P3 AA3 SER A 36  ? ARG A 38  ? SER A 36  ARG A 38  5 ? 3 
HELX_P HELX_P4 AA4 GLU A 106 ? CYS A 110 ? GLU A 106 CYS A 110 5 ? 5 
HELX_P HELX_P5 AA5 LEU A 140 ? GLU A 145 ? LEU A 140 GLU A 145 5 ? 6 
# 
_struct_conf_type.id          HELX_P 
_struct_conf_type.criteria    ? 
_struct_conf_type.reference   ? 
# 
loop_
_struct_conn.id 
_struct_conn.conn_type_id 
_struct_conn.pdbx_leaving_atom_flag 
_struct_conn.pdbx_PDB_id 
_struct_conn.ptnr1_label_asym_id 
_struct_conn.ptnr1_label_comp_id 
_struct_conn.ptnr1_label_seq_id 
_struct_conn.ptnr1_label_atom_id 
_struct_conn.pdbx_ptnr1_label_alt_id 
_struct_conn.pdbx_ptnr1_PDB_ins_code 
_struct_conn.pdbx_ptnr1_standard_comp_id 
_struct_conn.ptnr1_symmetry 
_struct_conn.ptnr2_label_asym_id 
_struct_conn.ptnr2_label_comp_id 
_struct_conn.ptnr2_label_seq_id 
_struct_conn.ptnr2_label_atom_id 
_struct_conn.pdbx_ptnr2_label_alt_id 
_struct_conn.pdbx_ptnr2_PDB_ins_code 
_struct_conn.ptnr1_auth_asym_id 
_struct_conn.ptnr1_auth_comp_id 
_struct_conn.ptnr1_auth_seq_id 
_struct_conn.ptnr2_auth_asym_id 
_struct_conn.ptnr2_auth_comp_id 
_struct_conn.ptnr2_auth_seq_id 
_struct_conn.ptnr2_symmetry 
_struct_conn.pdbx_ptnr3_label_atom_id 
_struct_conn.pdbx_ptnr3_label_seq_id 
_struct_conn.pdbx_ptnr3_label_comp_id 
_struct_conn.pdbx_ptnr3_label_asym_id 
_struct_conn.pdbx_ptnr3_label_alt_id 
_struct_conn.pdbx_ptnr3_PDB_ins_code 
_struct_conn.details 
_struct_conn.pdbx_dist_value 
_struct_conn.pdbx_value_order 
_struct_conn.pdbx_role 
metalc1 metalc ? ? A CYS 56  SG  ? ? ? 1_555 C ZN . ZN ? ? A CYS 56  A ZN 202 1_555 ? ? ? ? ? ? ? 2.371 ? ? 
metalc2 metalc ? ? A CYS 58  SG  ? ? ? 1_555 C ZN . ZN ? ? A CYS 58  A ZN 202 1_555 ? ? ? ? ? ? ? 2.304 ? ? 
metalc3 metalc ? ? A CYS 116 SG  ? ? ? 1_555 C ZN . ZN ? ? A CYS 116 A ZN 202 1_555 ? ? ? ? ? ? ? 2.246 ? ? 
metalc4 metalc ? ? A HIS 118 ND1 ? ? ? 1_555 C ZN . ZN ? ? A HIS 118 A ZN 202 1_555 ? ? ? ? ? ? ? 1.992 ? ? 
# 
_struct_conn_type.id          metalc 
_struct_conn_type.criteria    ? 
_struct_conn_type.reference   ? 
# 
loop_
_pdbx_struct_conn_angle.id 
_pdbx_struct_conn_angle.ptnr1_label_atom_id 
_pdbx_struct_conn_angle.ptnr1_label_alt_id 
_pdbx_struct_conn_angle.ptnr1_label_asym_id 
_pdbx_struct_conn_angle.ptnr1_label_comp_id 
_pdbx_struct_conn_angle.ptnr1_label_seq_id 
_pdbx_struct_conn_angle.ptnr1_auth_atom_id 
_pdbx_struct_conn_angle.ptnr1_auth_asym_id 
_pdbx_struct_conn_angle.ptnr1_auth_comp_id 
_pdbx_struct_conn_angle.ptnr1_auth_seq_id 
_pdbx_struct_conn_angle.ptnr1_PDB_ins_code 
_pdbx_struct_conn_angle.ptnr1_symmetry 
_pdbx_struct_conn_angle.ptnr2_label_atom_id 
_pdbx_struct_conn_angle.ptnr2_label_alt_id 
_pdbx_struct_conn_angle.ptnr2_label_asym_id 
_pdbx_struct_conn_angle.ptnr2_label_comp_id 
_pdbx_struct_conn_angle.ptnr2_label_seq_id 
_pdbx_struct_conn_angle.ptnr2_auth_atom_id 
_pdbx_struct_conn_angle.ptnr2_auth_asym_id 
_pdbx_struct_conn_angle.ptnr2_auth_comp_id 
_pdbx_struct_conn_angle.ptnr2_auth_seq_id 
_pdbx_struct_conn_angle.ptnr2_PDB_ins_code 
_pdbx_struct_conn_angle.ptnr2_symmetry 
_pdbx_struct_conn_angle.ptnr3_label_atom_id 
_pdbx_struct_conn_angle.ptnr3_label_alt_id 
_pdbx_struct_conn_angle.ptnr3_label_asym_id 
_pdbx_struct_conn_angle.ptnr3_label_comp_id 
_pdbx_struct_conn_angle.ptnr3_label_seq_id 
_pdbx_struct_conn_angle.ptnr3_auth_atom_id 
_pdbx_struct_conn_angle.ptnr3_auth_asym_id 
_pdbx_struct_conn_angle.ptnr3_auth_comp_id 
_pdbx_struct_conn_angle.ptnr3_auth_seq_id 
_pdbx_struct_conn_angle.ptnr3_PDB_ins_code 
_pdbx_struct_conn_angle.ptnr3_symmetry 
_pdbx_struct_conn_angle.value 
_pdbx_struct_conn_angle.value_esd 
1 SG ? A CYS 56  ? A CYS 56  ? 1_555 ZN ? C ZN . ? A ZN 202 ? 1_555 SG  ? A CYS 58  ? A CYS 58  ? 1_555 108.7 ? 
2 SG ? A CYS 56  ? A CYS 56  ? 1_555 ZN ? C ZN . ? A ZN 202 ? 1_555 SG  ? A CYS 116 ? A CYS 116 ? 1_555 104.6 ? 
3 SG ? A CYS 58  ? A CYS 58  ? 1_555 ZN ? C ZN . ? A ZN 202 ? 1_555 SG  ? A CYS 116 ? A CYS 116 ? 1_555 117.5 ? 
4 SG ? A CYS 56  ? A CYS 56  ? 1_555 ZN ? C ZN . ? A ZN 202 ? 1_555 ND1 ? A HIS 118 ? A HIS 118 ? 1_555 105.7 ? 
5 SG ? A CYS 58  ? A CYS 58  ? 1_555 ZN ? C ZN . ? A ZN 202 ? 1_555 ND1 ? A HIS 118 ? A HIS 118 ? 1_555 102.1 ? 
6 SG ? A CYS 116 ? A CYS 116 ? 1_555 ZN ? C ZN . ? A ZN 202 ? 1_555 ND1 ? A HIS 118 ? A HIS 118 ? 1_555 117.6 ? 
# 
loop_
_struct_sheet.id 
_struct_sheet.type 
_struct_sheet.number_strands 
_struct_sheet.details 
AA1 ? 3 ? 
AA2 ? 7 ? 
# 
loop_
_struct_sheet_order.sheet_id 
_struct_sheet_order.range_id_1 
_struct_sheet_order.range_id_2 
_struct_sheet_order.offset 
_struct_sheet_order.sense 
AA1 1 2 ? anti-parallel 
AA1 2 3 ? anti-parallel 
AA2 1 2 ? anti-parallel 
AA2 2 3 ? anti-parallel 
AA2 3 4 ? anti-parallel 
AA2 4 5 ? anti-parallel 
AA2 5 6 ? anti-parallel 
AA2 6 7 ? anti-parallel 
# 
loop_
_struct_sheet_range.sheet_id 
_struct_sheet_range.id 
_struct_sheet_range.beg_label_comp_id 
_struct_sheet_range.beg_label_asym_id 
_struct_sheet_range.beg_label_seq_id 
_struct_sheet_range.pdbx_beg_PDB_ins_code 
_struct_sheet_range.end_label_comp_id 
_struct_sheet_range.end_label_asym_id 
_struct_sheet_range.end_label_seq_id 
_struct_sheet_range.pdbx_end_PDB_ins_code 
_struct_sheet_range.beg_auth_comp_id 
_struct_sheet_range.beg_auth_asym_id 
_struct_sheet_range.beg_auth_seq_id 
_struct_sheet_range.end_auth_comp_id 
_struct_sheet_range.end_auth_asym_id 
_struct_sheet_range.end_auth_seq_id 
AA1 1 LEU A 31  ? ASP A 35  ? LEU A 31  ASP A 35  
AA1 2 LEU A 40  ? CYS A 50  ? LEU A 40  CYS A 50  
AA1 3 ILE A 10  ? ASN A 19  ? ILE A 10  ASN A 19  
AA2 1 LYS A 70  ? SER A 75  ? LYS A 70  SER A 75  
AA2 2 THR A 60  ? CYS A 65  ? THR A 60  CYS A 65  
AA2 3 ILE A 113 ? CYS A 116 ? ILE A 113 CYS A 116 
AA2 4 GLY A 119 ? GLY A 128 ? GLY A 119 GLY A 128 
AA2 5 LEU A 131 ? ASP A 136 ? LEU A 131 ASP A 136 
AA2 6 ARG A 93  ? VAL A 102 ? ARG A 93  VAL A 102 
AA2 7 SER A 80  ? VAL A 84  ? SER A 80  VAL A 84  
# 
loop_
_pdbx_struct_sheet_hbond.sheet_id 
_pdbx_struct_sheet_hbond.range_id_1 
_pdbx_struct_sheet_hbond.range_id_2 
_pdbx_struct_sheet_hbond.range_1_label_atom_id 
_pdbx_struct_sheet_hbond.range_1_label_comp_id 
_pdbx_struct_sheet_hbond.range_1_label_asym_id 
_pdbx_struct_sheet_hbond.range_1_label_seq_id 
_pdbx_struct_sheet_hbond.range_1_PDB_ins_code 
_pdbx_struct_sheet_hbond.range_1_auth_atom_id 
_pdbx_struct_sheet_hbond.range_1_auth_comp_id 
_pdbx_struct_sheet_hbond.range_1_auth_asym_id 
_pdbx_struct_sheet_hbond.range_1_auth_seq_id 
_pdbx_struct_sheet_hbond.range_2_label_atom_id 
_pdbx_struct_sheet_hbond.range_2_label_comp_id 
_pdbx_struct_sheet_hbond.range_2_label_asym_id 
_pdbx_struct_sheet_hbond.range_2_label_seq_id 
_pdbx_struct_sheet_hbond.range_2_PDB_ins_code 
_pdbx_struct_sheet_hbond.range_2_auth_atom_id 
_pdbx_struct_sheet_hbond.range_2_auth_comp_id 
_pdbx_struct_sheet_hbond.range_2_auth_asym_id 
_pdbx_struct_sheet_hbond.range_2_auth_seq_id 
AA1 1 2 N VAL A 32  ? N VAL A 32  O VAL A 42  ? O VAL A 42  
AA1 2 3 N LEU A 41  ? N LEU A 41  O VAL A 18  ? O VAL A 18  
AA2 1 2 O LYS A 70  ? O LYS A 70  N CYS A 65  ? N CYS A 65  
AA2 2 3 N VAL A 62  ? N VAL A 62  O ARG A 115 ? O ARG A 115 
AA2 3 4 N LEU A 114 ? N LEU A 114 O VAL A 121 ? O VAL A 121 
AA2 4 5 N SER A 125 ? N SER A 125 O GLY A 133 ? O GLY A 133 
AA2 5 6 O VAL A 132 ? O VAL A 132 N ALA A 101 ? N ALA A 101 
AA2 6 7 O ARG A 93  ? O ARG A 93  N VAL A 84  ? N VAL A 84  
# 
_pdbx_entry_details.entry_id                   7H37 
_pdbx_entry_details.compound_details           ? 
_pdbx_entry_details.source_details             ? 
_pdbx_entry_details.nonpolymer_details         ? 
_pdbx_entry_details.sequence_details           ? 
_pdbx_entry_details.has_ligand_of_interest     ? 
_pdbx_entry_details.has_protein_modification   N 
# 
loop_
_pdbx_validate_close_contact.id 
_pdbx_validate_close_contact.PDB_model_num 
_pdbx_validate_close_contact.auth_atom_id_1 
_pdbx_validate_close_contact.auth_asym_id_1 
_pdbx_validate_close_contact.auth_comp_id_1 
_pdbx_validate_close_contact.auth_seq_id_1 
_pdbx_validate_close_contact.PDB_ins_code_1 
_pdbx_validate_close_contact.label_alt_id_1 
_pdbx_validate_close_contact.auth_atom_id_2 
_pdbx_validate_close_contact.auth_asym_id_2 
_pdbx_validate_close_contact.auth_comp_id_2 
_pdbx_validate_close_contact.auth_seq_id_2 
_pdbx_validate_close_contact.PDB_ins_code_2 
_pdbx_validate_close_contact.label_alt_id_2 
_pdbx_validate_close_contact.dist 
1 1 O A HOH 373 ? ? O A HOH 430 ? ? 1.90 
2 1 O A HOH 408 ? ? O A HOH 497 ? ? 2.09 
3 1 O A THR 46  ? ? O A HOH 301 ? ? 2.13 
4 1 O A HOH 314 ? ? O A HOH 316 ? ? 2.16 
# 
loop_
_pdbx_validate_symm_contact.id 
_pdbx_validate_symm_contact.PDB_model_num 
_pdbx_validate_symm_contact.auth_atom_id_1 
_pdbx_validate_symm_contact.auth_asym_id_1 
_pdbx_validate_symm_contact.auth_comp_id_1 
_pdbx_validate_symm_contact.auth_seq_id_1 
_pdbx_validate_symm_contact.PDB_ins_code_1 
_pdbx_validate_symm_contact.label_alt_id_1 
_pdbx_validate_symm_contact.site_symmetry_1 
_pdbx_validate_symm_contact.auth_atom_id_2 
_pdbx_validate_symm_contact.auth_asym_id_2 
_pdbx_validate_symm_contact.auth_comp_id_2 
_pdbx_validate_symm_contact.auth_seq_id_2 
_pdbx_validate_symm_contact.PDB_ins_code_2 
_pdbx_validate_symm_contact.label_alt_id_2 
_pdbx_validate_symm_contact.site_symmetry_2 
_pdbx_validate_symm_contact.dist 
1 1 O3 A SO4 208 ? ? 1_555 O4 A SO4 208 ? ? 2_556 1.09 
2 1 S  A SO4 208 ? ? 1_555 O4 A SO4 208 ? ? 2_556 1.57 
3 1 O4 A SO4 208 ? ? 1_555 O4 A SO4 208 ? ? 2_556 1.69 
4 1 O2 A SO4 208 ? ? 1_555 O2 A SO4 208 ? ? 2_556 1.93 
5 1 S  A SO4 208 ? ? 1_555 S  A SO4 208 ? ? 2_556 2.09 
# 
loop_
_pdbx_validate_torsion.id 
_pdbx_validate_torsion.PDB_model_num 
_pdbx_validate_torsion.auth_comp_id 
_pdbx_validate_torsion.auth_asym_id 
_pdbx_validate_torsion.auth_seq_id 
_pdbx_validate_torsion.PDB_ins_code 
_pdbx_validate_torsion.label_alt_id 
_pdbx_validate_torsion.phi 
_pdbx_validate_torsion.psi 
1 1 CYS A 56 ? ? 179.53 168.15 
2 1 CYS A 56 ? ? 179.53 170.67 
# 
_pdbx_distant_solvent_atoms.id                                1 
_pdbx_distant_solvent_atoms.PDB_model_num                     1 
_pdbx_distant_solvent_atoms.auth_atom_id                      O 
_pdbx_distant_solvent_atoms.label_alt_id                      ? 
_pdbx_distant_solvent_atoms.auth_asym_id                      A 
_pdbx_distant_solvent_atoms.auth_comp_id                      HOH 
_pdbx_distant_solvent_atoms.auth_seq_id                       536 
_pdbx_distant_solvent_atoms.PDB_ins_code                      ? 
_pdbx_distant_solvent_atoms.neighbor_macromolecule_distance   8.13 
_pdbx_distant_solvent_atoms.neighbor_ligand_distance          . 
# 
loop_
_pdbx_unobs_or_zero_occ_residues.id 
_pdbx_unobs_or_zero_occ_residues.PDB_model_num 
_pdbx_unobs_or_zero_occ_residues.polymer_flag 
_pdbx_unobs_or_zero_occ_residues.occupancy_flag 
_pdbx_unobs_or_zero_occ_residues.auth_asym_id 
_pdbx_unobs_or_zero_occ_residues.auth_comp_id 
_pdbx_unobs_or_zero_occ_residues.auth_seq_id 
_pdbx_unobs_or_zero_occ_residues.PDB_ins_code 
_pdbx_unobs_or_zero_occ_residues.label_asym_id 
_pdbx_unobs_or_zero_occ_residues.label_comp_id 
_pdbx_unobs_or_zero_occ_residues.label_seq_id 
1  1 Y 1 A GLN 1   ? A GLN 1   
2  1 Y 1 A GLU 2   ? A GLU 2   
3  1 Y 1 A GLN 3   ? A GLN 3   
4  1 Y 1 A THR 4   ? A THR 4   
5  1 Y 1 A GLY 5   ? A GLY 5   
6  1 Y 1 A GLY 6   ? A GLY 6   
7  1 Y 1 A ALA 147 ? A ALA 147 
8  1 Y 1 A MET 148 ? A MET 148 
9  1 Y 1 A GLU 149 ? A GLU 149 
10 1 Y 1 A GLN 150 ? A GLN 150 
# 
loop_
_chem_comp_atom.comp_id 
_chem_comp_atom.atom_id 
_chem_comp_atom.type_symbol 
_chem_comp_atom.pdbx_aromatic_flag 
_chem_comp_atom.pdbx_stereo_config 
_chem_comp_atom.pdbx_ordinal 
ALA N    N  N N 1   
ALA CA   C  N S 2   
ALA C    C  N N 3   
ALA O    O  N N 4   
ALA CB   C  N N 5   
ALA OXT  O  N N 6   
ALA H    H  N N 7   
ALA H2   H  N N 8   
ALA HA   H  N N 9   
ALA HB1  H  N N 10  
ALA HB2  H  N N 11  
ALA HB3  H  N N 12  
ALA HXT  H  N N 13  
ARG N    N  N N 14  
ARG CA   C  N S 15  
ARG C    C  N N 16  
ARG O    O  N N 17  
ARG CB   C  N N 18  
ARG CG   C  N N 19  
ARG CD   C  N N 20  
ARG NE   N  N N 21  
ARG CZ   C  N N 22  
ARG NH1  N  N N 23  
ARG NH2  N  N N 24  
ARG OXT  O  N N 25  
ARG H    H  N N 26  
ARG H2   H  N N 27  
ARG HA   H  N N 28  
ARG HB2  H  N N 29  
ARG HB3  H  N N 30  
ARG HG2  H  N N 31  
ARG HG3  H  N N 32  
ARG HD2  H  N N 33  
ARG HD3  H  N N 34  
ARG HE   H  N N 35  
ARG HH11 H  N N 36  
ARG HH12 H  N N 37  
ARG HH21 H  N N 38  
ARG HH22 H  N N 39  
ARG HXT  H  N N 40  
ASN N    N  N N 41  
ASN CA   C  N S 42  
ASN C    C  N N 43  
ASN O    O  N N 44  
ASN CB   C  N N 45  
ASN CG   C  N N 46  
ASN OD1  O  N N 47  
ASN ND2  N  N N 48  
ASN OXT  O  N N 49  
ASN H    H  N N 50  
ASN H2   H  N N 51  
ASN HA   H  N N 52  
ASN HB2  H  N N 53  
ASN HB3  H  N N 54  
ASN HD21 H  N N 55  
ASN HD22 H  N N 56  
ASN HXT  H  N N 57  
ASP N    N  N N 58  
ASP CA   C  N S 59  
ASP C    C  N N 60  
ASP O    O  N N 61  
ASP CB   C  N N 62  
ASP CG   C  N N 63  
ASP OD1  O  N N 64  
ASP OD2  O  N N 65  
ASP OXT  O  N N 66  
ASP H    H  N N 67  
ASP H2   H  N N 68  
ASP HA   H  N N 69  
ASP HB2  H  N N 70  
ASP HB3  H  N N 71  
ASP HD2  H  N N 72  
ASP HXT  H  N N 73  
CYS N    N  N N 74  
CYS CA   C  N R 75  
CYS C    C  N N 76  
CYS O    O  N N 77  
CYS CB   C  N N 78  
CYS SG   S  N N 79  
CYS OXT  O  N N 80  
CYS H    H  N N 81  
CYS H2   H  N N 82  
CYS HA   H  N N 83  
CYS HB2  H  N N 84  
CYS HB3  H  N N 85  
CYS HG   H  N N 86  
CYS HXT  H  N N 87  
DMS S    S  N N 88  
DMS O    O  N N 89  
DMS C1   C  N N 90  
DMS C2   C  N N 91  
DMS H11  H  N N 92  
DMS H12  H  N N 93  
DMS H13  H  N N 94  
DMS H21  H  N N 95  
DMS H22  H  N N 96  
DMS H23  H  N N 97  
GLN N    N  N N 98  
GLN CA   C  N S 99  
GLN C    C  N N 100 
GLN O    O  N N 101 
GLN CB   C  N N 102 
GLN CG   C  N N 103 
GLN CD   C  N N 104 
GLN OE1  O  N N 105 
GLN NE2  N  N N 106 
GLN OXT  O  N N 107 
GLN H    H  N N 108 
GLN H2   H  N N 109 
GLN HA   H  N N 110 
GLN HB2  H  N N 111 
GLN HB3  H  N N 112 
GLN HG2  H  N N 113 
GLN HG3  H  N N 114 
GLN HE21 H  N N 115 
GLN HE22 H  N N 116 
GLN HXT  H  N N 117 
GLU N    N  N N 118 
GLU CA   C  N S 119 
GLU C    C  N N 120 
GLU O    O  N N 121 
GLU CB   C  N N 122 
GLU CG   C  N N 123 
GLU CD   C  N N 124 
GLU OE1  O  N N 125 
GLU OE2  O  N N 126 
GLU OXT  O  N N 127 
GLU H    H  N N 128 
GLU H2   H  N N 129 
GLU HA   H  N N 130 
GLU HB2  H  N N 131 
GLU HB3  H  N N 132 
GLU HG2  H  N N 133 
GLU HG3  H  N N 134 
GLU HE2  H  N N 135 
GLU HXT  H  N N 136 
GLY N    N  N N 137 
GLY CA   C  N N 138 
GLY C    C  N N 139 
GLY O    O  N N 140 
GLY OXT  O  N N 141 
GLY H    H  N N 142 
GLY H2   H  N N 143 
GLY HA2  H  N N 144 
GLY HA3  H  N N 145 
GLY HXT  H  N N 146 
HIS N    N  N N 147 
HIS CA   C  N S 148 
HIS C    C  N N 149 
HIS O    O  N N 150 
HIS CB   C  N N 151 
HIS CG   C  Y N 152 
HIS ND1  N  Y N 153 
HIS CD2  C  Y N 154 
HIS CE1  C  Y N 155 
HIS NE2  N  Y N 156 
HIS OXT  O  N N 157 
HIS H    H  N N 158 
HIS H2   H  N N 159 
HIS HA   H  N N 160 
HIS HB2  H  N N 161 
HIS HB3  H  N N 162 
HIS HD1  H  N N 163 
HIS HD2  H  N N 164 
HIS HE1  H  N N 165 
HIS HE2  H  N N 166 
HIS HXT  H  N N 167 
HOH O    O  N N 168 
HOH H1   H  N N 169 
HOH H2   H  N N 170 
ILE N    N  N N 171 
ILE CA   C  N S 172 
ILE C    C  N N 173 
ILE O    O  N N 174 
ILE CB   C  N S 175 
ILE CG1  C  N N 176 
ILE CG2  C  N N 177 
ILE CD1  C  N N 178 
ILE OXT  O  N N 179 
ILE H    H  N N 180 
ILE H2   H  N N 181 
ILE HA   H  N N 182 
ILE HB   H  N N 183 
ILE HG12 H  N N 184 
ILE HG13 H  N N 185 
ILE HG21 H  N N 186 
ILE HG22 H  N N 187 
ILE HG23 H  N N 188 
ILE HD11 H  N N 189 
ILE HD12 H  N N 190 
ILE HD13 H  N N 191 
ILE HXT  H  N N 192 
LEU N    N  N N 193 
LEU CA   C  N S 194 
LEU C    C  N N 195 
LEU O    O  N N 196 
LEU CB   C  N N 197 
LEU CG   C  N N 198 
LEU CD1  C  N N 199 
LEU CD2  C  N N 200 
LEU OXT  O  N N 201 
LEU H    H  N N 202 
LEU H2   H  N N 203 
LEU HA   H  N N 204 
LEU HB2  H  N N 205 
LEU HB3  H  N N 206 
LEU HG   H  N N 207 
LEU HD11 H  N N 208 
LEU HD12 H  N N 209 
LEU HD13 H  N N 210 
LEU HD21 H  N N 211 
LEU HD22 H  N N 212 
LEU HD23 H  N N 213 
LEU HXT  H  N N 214 
LYS N    N  N N 215 
LYS CA   C  N S 216 
LYS C    C  N N 217 
LYS O    O  N N 218 
LYS CB   C  N N 219 
LYS CG   C  N N 220 
LYS CD   C  N N 221 
LYS CE   C  N N 222 
LYS NZ   N  N N 223 
LYS OXT  O  N N 224 
LYS H    H  N N 225 
LYS H2   H  N N 226 
LYS HA   H  N N 227 
LYS HB2  H  N N 228 
LYS HB3  H  N N 229 
LYS HG2  H  N N 230 
LYS HG3  H  N N 231 
LYS HD2  H  N N 232 
LYS HD3  H  N N 233 
LYS HE2  H  N N 234 
LYS HE3  H  N N 235 
LYS HZ1  H  N N 236 
LYS HZ2  H  N N 237 
LYS HZ3  H  N N 238 
LYS HXT  H  N N 239 
MET N    N  N N 240 
MET CA   C  N S 241 
MET C    C  N N 242 
MET O    O  N N 243 
MET CB   C  N N 244 
MET CG   C  N N 245 
MET SD   S  N N 246 
MET CE   C  N N 247 
MET OXT  O  N N 248 
MET H    H  N N 249 
MET H2   H  N N 250 
MET HA   H  N N 251 
MET HB2  H  N N 252 
MET HB3  H  N N 253 
MET HG2  H  N N 254 
MET HG3  H  N N 255 
MET HE1  H  N N 256 
MET HE2  H  N N 257 
MET HE3  H  N N 258 
MET HXT  H  N N 259 
PHE N    N  N N 260 
PHE CA   C  N S 261 
PHE C    C  N N 262 
PHE O    O  N N 263 
PHE CB   C  N N 264 
PHE CG   C  Y N 265 
PHE CD1  C  Y N 266 
PHE CD2  C  Y N 267 
PHE CE1  C  Y N 268 
PHE CE2  C  Y N 269 
PHE CZ   C  Y N 270 
PHE OXT  O  N N 271 
PHE H    H  N N 272 
PHE H2   H  N N 273 
PHE HA   H  N N 274 
PHE HB2  H  N N 275 
PHE HB3  H  N N 276 
PHE HD1  H  N N 277 
PHE HD2  H  N N 278 
PHE HE1  H  N N 279 
PHE HE2  H  N N 280 
PHE HZ   H  N N 281 
PHE HXT  H  N N 282 
PRO N    N  N N 283 
PRO CA   C  N S 284 
PRO C    C  N N 285 
PRO O    O  N N 286 
PRO CB   C  N N 287 
PRO CG   C  N N 288 
PRO CD   C  N N 289 
PRO OXT  O  N N 290 
PRO H    H  N N 291 
PRO HA   H  N N 292 
PRO HB2  H  N N 293 
PRO HB3  H  N N 294 
PRO HG2  H  N N 295 
PRO HG3  H  N N 296 
PRO HD2  H  N N 297 
PRO HD3  H  N N 298 
PRO HXT  H  N N 299 
SER N    N  N N 300 
SER CA   C  N S 301 
SER C    C  N N 302 
SER O    O  N N 303 
SER CB   C  N N 304 
SER OG   O  N N 305 
SER OXT  O  N N 306 
SER H    H  N N 307 
SER H2   H  N N 308 
SER HA   H  N N 309 
SER HB2  H  N N 310 
SER HB3  H  N N 311 
SER HG   H  N N 312 
SER HXT  H  N N 313 
SO4 S    S  N N 314 
SO4 O1   O  N N 315 
SO4 O2   O  N N 316 
SO4 O3   O  N N 317 
SO4 O4   O  N N 318 
THR N    N  N N 319 
THR CA   C  N S 320 
THR C    C  N N 321 
THR O    O  N N 322 
THR CB   C  N R 323 
THR OG1  O  N N 324 
THR CG2  C  N N 325 
THR OXT  O  N N 326 
THR H    H  N N 327 
THR H2   H  N N 328 
THR HA   H  N N 329 
THR HB   H  N N 330 
THR HG1  H  N N 331 
THR HG21 H  N N 332 
THR HG22 H  N N 333 
THR HG23 H  N N 334 
THR HXT  H  N N 335 
TRP N    N  N N 336 
TRP CA   C  N S 337 
TRP C    C  N N 338 
TRP O    O  N N 339 
TRP CB   C  N N 340 
TRP CG   C  Y N 341 
TRP CD1  C  Y N 342 
TRP CD2  C  Y N 343 
TRP NE1  N  Y N 344 
TRP CE2  C  Y N 345 
TRP CE3  C  Y N 346 
TRP CZ2  C  Y N 347 
TRP CZ3  C  Y N 348 
TRP CH2  C  Y N 349 
TRP OXT  O  N N 350 
TRP H    H  N N 351 
TRP H2   H  N N 352 
TRP HA   H  N N 353 
TRP HB2  H  N N 354 
TRP HB3  H  N N 355 
TRP HD1  H  N N 356 
TRP HE1  H  N N 357 
TRP HE3  H  N N 358 
TRP HZ2  H  N N 359 
TRP HZ3  H  N N 360 
TRP HH2  H  N N 361 
TRP HXT  H  N N 362 
TYR N    N  N N 363 
TYR CA   C  N S 364 
TYR C    C  N N 365 
TYR O    O  N N 366 
TYR CB   C  N N 367 
TYR CG   C  Y N 368 
TYR CD1  C  Y N 369 
TYR CD2  C  Y N 370 
TYR CE1  C  Y N 371 
TYR CE2  C  Y N 372 
TYR CZ   C  Y N 373 
TYR OH   O  N N 374 
TYR OXT  O  N N 375 
TYR H    H  N N 376 
TYR H2   H  N N 377 
TYR HA   H  N N 378 
TYR HB2  H  N N 379 
TYR HB3  H  N N 380 
TYR HD1  H  N N 381 
TYR HD2  H  N N 382 
TYR HE1  H  N N 383 
TYR HE2  H  N N 384 
TYR HH   H  N N 385 
TYR HXT  H  N N 386 
VAL N    N  N N 387 
VAL CA   C  N S 388 
VAL C    C  N N 389 
VAL O    O  N N 390 
VAL CB   C  N N 391 
VAL CG1  C  N N 392 
VAL CG2  C  N N 393 
VAL OXT  O  N N 394 
VAL H    H  N N 395 
VAL H2   H  N N 396 
VAL HA   H  N N 397 
VAL HB   H  N N 398 
VAL HG11 H  N N 399 
VAL HG12 H  N N 400 
VAL HG13 H  N N 401 
VAL HG21 H  N N 402 
VAL HG22 H  N N 403 
VAL HG23 H  N N 404 
VAL HXT  H  N N 405 
X0S C4   C  Y N 406 
X0S C5   C  Y N 407 
X0S C6   C  Y N 408 
X0S C7   C  N N 409 
X0S N1   N  N N 410 
X0S C3   C  Y N 411 
X0S C1   C  Y N 412 
X0S C2   C  Y N 413 
X0S O1   O  N N 414 
X0S O2   O  N N 415 
X0S S1   S  N N 416 
X0S CL1  CL N N 417 
X0S H4   H  N N 418 
X0S H7   H  N N 419 
X0S H8   H  N N 420 
X0S H6   H  N N 421 
X0S H5   H  N N 422 
X0S H3   H  N N 423 
X0S H1   H  N N 424 
X0S H2   H  N N 425 
ZN  ZN   ZN N N 426 
# 
loop_
_chem_comp_bond.comp_id 
_chem_comp_bond.atom_id_1 
_chem_comp_bond.atom_id_2 
_chem_comp_bond.value_order 
_chem_comp_bond.pdbx_aromatic_flag 
_chem_comp_bond.pdbx_stereo_config 
_chem_comp_bond.pdbx_ordinal 
ALA N   CA   sing N N 1   
ALA N   H    sing N N 2   
ALA N   H2   sing N N 3   
ALA CA  C    sing N N 4   
ALA CA  CB   sing N N 5   
ALA CA  HA   sing N N 6   
ALA C   O    doub N N 7   
ALA C   OXT  sing N N 8   
ALA CB  HB1  sing N N 9   
ALA CB  HB2  sing N N 10  
ALA CB  HB3  sing N N 11  
ALA OXT HXT  sing N N 12  
ARG N   CA   sing N N 13  
ARG N   H    sing N N 14  
ARG N   H2   sing N N 15  
ARG CA  C    sing N N 16  
ARG CA  CB   sing N N 17  
ARG CA  HA   sing N N 18  
ARG C   O    doub N N 19  
ARG C   OXT  sing N N 20  
ARG CB  CG   sing N N 21  
ARG CB  HB2  sing N N 22  
ARG CB  HB3  sing N N 23  
ARG CG  CD   sing N N 24  
ARG CG  HG2  sing N N 25  
ARG CG  HG3  sing N N 26  
ARG CD  NE   sing N N 27  
ARG CD  HD2  sing N N 28  
ARG CD  HD3  sing N N 29  
ARG NE  CZ   sing N N 30  
ARG NE  HE   sing N N 31  
ARG CZ  NH1  sing N N 32  
ARG CZ  NH2  doub N N 33  
ARG NH1 HH11 sing N N 34  
ARG NH1 HH12 sing N N 35  
ARG NH2 HH21 sing N N 36  
ARG NH2 HH22 sing N N 37  
ARG OXT HXT  sing N N 38  
ASN N   CA   sing N N 39  
ASN N   H    sing N N 40  
ASN N   H2   sing N N 41  
ASN CA  C    sing N N 42  
ASN CA  CB   sing N N 43  
ASN CA  HA   sing N N 44  
ASN C   O    doub N N 45  
ASN C   OXT  sing N N 46  
ASN CB  CG   sing N N 47  
ASN CB  HB2  sing N N 48  
ASN CB  HB3  sing N N 49  
ASN CG  OD1  doub N N 50  
ASN CG  ND2  sing N N 51  
ASN ND2 HD21 sing N N 52  
ASN ND2 HD22 sing N N 53  
ASN OXT HXT  sing N N 54  
ASP N   CA   sing N N 55  
ASP N   H    sing N N 56  
ASP N   H2   sing N N 57  
ASP CA  C    sing N N 58  
ASP CA  CB   sing N N 59  
ASP CA  HA   sing N N 60  
ASP C   O    doub N N 61  
ASP C   OXT  sing N N 62  
ASP CB  CG   sing N N 63  
ASP CB  HB2  sing N N 64  
ASP CB  HB3  sing N N 65  
ASP CG  OD1  doub N N 66  
ASP CG  OD2  sing N N 67  
ASP OD2 HD2  sing N N 68  
ASP OXT HXT  sing N N 69  
CYS N   CA   sing N N 70  
CYS N   H    sing N N 71  
CYS N   H2   sing N N 72  
CYS CA  C    sing N N 73  
CYS CA  CB   sing N N 74  
CYS CA  HA   sing N N 75  
CYS C   O    doub N N 76  
CYS C   OXT  sing N N 77  
CYS CB  SG   sing N N 78  
CYS CB  HB2  sing N N 79  
CYS CB  HB3  sing N N 80  
CYS SG  HG   sing N N 81  
CYS OXT HXT  sing N N 82  
DMS S   O    doub N N 83  
DMS S   C1   sing N N 84  
DMS S   C2   sing N N 85  
DMS C1  H11  sing N N 86  
DMS C1  H12  sing N N 87  
DMS C1  H13  sing N N 88  
DMS C2  H21  sing N N 89  
DMS C2  H22  sing N N 90  
DMS C2  H23  sing N N 91  
GLN N   CA   sing N N 92  
GLN N   H    sing N N 93  
GLN N   H2   sing N N 94  
GLN CA  C    sing N N 95  
GLN CA  CB   sing N N 96  
GLN CA  HA   sing N N 97  
GLN C   O    doub N N 98  
GLN C   OXT  sing N N 99  
GLN CB  CG   sing N N 100 
GLN CB  HB2  sing N N 101 
GLN CB  HB3  sing N N 102 
GLN CG  CD   sing N N 103 
GLN CG  HG2  sing N N 104 
GLN CG  HG3  sing N N 105 
GLN CD  OE1  doub N N 106 
GLN CD  NE2  sing N N 107 
GLN NE2 HE21 sing N N 108 
GLN NE2 HE22 sing N N 109 
GLN OXT HXT  sing N N 110 
GLU N   CA   sing N N 111 
GLU N   H    sing N N 112 
GLU N   H2   sing N N 113 
GLU CA  C    sing N N 114 
GLU CA  CB   sing N N 115 
GLU CA  HA   sing N N 116 
GLU C   O    doub N N 117 
GLU C   OXT  sing N N 118 
GLU CB  CG   sing N N 119 
GLU CB  HB2  sing N N 120 
GLU CB  HB3  sing N N 121 
GLU CG  CD   sing N N 122 
GLU CG  HG2  sing N N 123 
GLU CG  HG3  sing N N 124 
GLU CD  OE1  doub N N 125 
GLU CD  OE2  sing N N 126 
GLU OE2 HE2  sing N N 127 
GLU OXT HXT  sing N N 128 
GLY N   CA   sing N N 129 
GLY N   H    sing N N 130 
GLY N   H2   sing N N 131 
GLY CA  C    sing N N 132 
GLY CA  HA2  sing N N 133 
GLY CA  HA3  sing N N 134 
GLY C   O    doub N N 135 
GLY C   OXT  sing N N 136 
GLY OXT HXT  sing N N 137 
HIS N   CA   sing N N 138 
HIS N   H    sing N N 139 
HIS N   H2   sing N N 140 
HIS CA  C    sing N N 141 
HIS CA  CB   sing N N 142 
HIS CA  HA   sing N N 143 
HIS C   O    doub N N 144 
HIS C   OXT  sing N N 145 
HIS CB  CG   sing N N 146 
HIS CB  HB2  sing N N 147 
HIS CB  HB3  sing N N 148 
HIS CG  ND1  sing Y N 149 
HIS CG  CD2  doub Y N 150 
HIS ND1 CE1  doub Y N 151 
HIS ND1 HD1  sing N N 152 
HIS CD2 NE2  sing Y N 153 
HIS CD2 HD2  sing N N 154 
HIS CE1 NE2  sing Y N 155 
HIS CE1 HE1  sing N N 156 
HIS NE2 HE2  sing N N 157 
HIS OXT HXT  sing N N 158 
HOH O   H1   sing N N 159 
HOH O   H2   sing N N 160 
ILE N   CA   sing N N 161 
ILE N   H    sing N N 162 
ILE N   H2   sing N N 163 
ILE CA  C    sing N N 164 
ILE CA  CB   sing N N 165 
ILE CA  HA   sing N N 166 
ILE C   O    doub N N 167 
ILE C   OXT  sing N N 168 
ILE CB  CG1  sing N N 169 
ILE CB  CG2  sing N N 170 
ILE CB  HB   sing N N 171 
ILE CG1 CD1  sing N N 172 
ILE CG1 HG12 sing N N 173 
ILE CG1 HG13 sing N N 174 
ILE CG2 HG21 sing N N 175 
ILE CG2 HG22 sing N N 176 
ILE CG2 HG23 sing N N 177 
ILE CD1 HD11 sing N N 178 
ILE CD1 HD12 sing N N 179 
ILE CD1 HD13 sing N N 180 
ILE OXT HXT  sing N N 181 
LEU N   CA   sing N N 182 
LEU N   H    sing N N 183 
LEU N   H2   sing N N 184 
LEU CA  C    sing N N 185 
LEU CA  CB   sing N N 186 
LEU CA  HA   sing N N 187 
LEU C   O    doub N N 188 
LEU C   OXT  sing N N 189 
LEU CB  CG   sing N N 190 
LEU CB  HB2  sing N N 191 
LEU CB  HB3  sing N N 192 
LEU CG  CD1  sing N N 193 
LEU CG  CD2  sing N N 194 
LEU CG  HG   sing N N 195 
LEU CD1 HD11 sing N N 196 
LEU CD1 HD12 sing N N 197 
LEU CD1 HD13 sing N N 198 
LEU CD2 HD21 sing N N 199 
LEU CD2 HD22 sing N N 200 
LEU CD2 HD23 sing N N 201 
LEU OXT HXT  sing N N 202 
LYS N   CA   sing N N 203 
LYS N   H    sing N N 204 
LYS N   H2   sing N N 205 
LYS CA  C    sing N N 206 
LYS CA  CB   sing N N 207 
LYS CA  HA   sing N N 208 
LYS C   O    doub N N 209 
LYS C   OXT  sing N N 210 
LYS CB  CG   sing N N 211 
LYS CB  HB2  sing N N 212 
LYS CB  HB3  sing N N 213 
LYS CG  CD   sing N N 214 
LYS CG  HG2  sing N N 215 
LYS CG  HG3  sing N N 216 
LYS CD  CE   sing N N 217 
LYS CD  HD2  sing N N 218 
LYS CD  HD3  sing N N 219 
LYS CE  NZ   sing N N 220 
LYS CE  HE2  sing N N 221 
LYS CE  HE3  sing N N 222 
LYS NZ  HZ1  sing N N 223 
LYS NZ  HZ2  sing N N 224 
LYS NZ  HZ3  sing N N 225 
LYS OXT HXT  sing N N 226 
MET N   CA   sing N N 227 
MET N   H    sing N N 228 
MET N   H2   sing N N 229 
MET CA  C    sing N N 230 
MET CA  CB   sing N N 231 
MET CA  HA   sing N N 232 
MET C   O    doub N N 233 
MET C   OXT  sing N N 234 
MET CB  CG   sing N N 235 
MET CB  HB2  sing N N 236 
MET CB  HB3  sing N N 237 
MET CG  SD   sing N N 238 
MET CG  HG2  sing N N 239 
MET CG  HG3  sing N N 240 
MET SD  CE   sing N N 241 
MET CE  HE1  sing N N 242 
MET CE  HE2  sing N N 243 
MET CE  HE3  sing N N 244 
MET OXT HXT  sing N N 245 
PHE N   CA   sing N N 246 
PHE N   H    sing N N 247 
PHE N   H2   sing N N 248 
PHE CA  C    sing N N 249 
PHE CA  CB   sing N N 250 
PHE CA  HA   sing N N 251 
PHE C   O    doub N N 252 
PHE C   OXT  sing N N 253 
PHE CB  CG   sing N N 254 
PHE CB  HB2  sing N N 255 
PHE CB  HB3  sing N N 256 
PHE CG  CD1  doub Y N 257 
PHE CG  CD2  sing Y N 258 
PHE CD1 CE1  sing Y N 259 
PHE CD1 HD1  sing N N 260 
PHE CD2 CE2  doub Y N 261 
PHE CD2 HD2  sing N N 262 
PHE CE1 CZ   doub Y N 263 
PHE CE1 HE1  sing N N 264 
PHE CE2 CZ   sing Y N 265 
PHE CE2 HE2  sing N N 266 
PHE CZ  HZ   sing N N 267 
PHE OXT HXT  sing N N 268 
PRO N   CA   sing N N 269 
PRO N   CD   sing N N 270 
PRO N   H    sing N N 271 
PRO CA  C    sing N N 272 
PRO CA  CB   sing N N 273 
PRO CA  HA   sing N N 274 
PRO C   O    doub N N 275 
PRO C   OXT  sing N N 276 
PRO CB  CG   sing N N 277 
PRO CB  HB2  sing N N 278 
PRO CB  HB3  sing N N 279 
PRO CG  CD   sing N N 280 
PRO CG  HG2  sing N N 281 
PRO CG  HG3  sing N N 282 
PRO CD  HD2  sing N N 283 
PRO CD  HD3  sing N N 284 
PRO OXT HXT  sing N N 285 
SER N   CA   sing N N 286 
SER N   H    sing N N 287 
SER N   H2   sing N N 288 
SER CA  C    sing N N 289 
SER CA  CB   sing N N 290 
SER CA  HA   sing N N 291 
SER C   O    doub N N 292 
SER C   OXT  sing N N 293 
SER CB  OG   sing N N 294 
SER CB  HB2  sing N N 295 
SER CB  HB3  sing N N 296 
SER OG  HG   sing N N 297 
SER OXT HXT  sing N N 298 
SO4 S   O1   doub N N 299 
SO4 S   O2   doub N N 300 
SO4 S   O3   sing N N 301 
SO4 S   O4   sing N N 302 
THR N   CA   sing N N 303 
THR N   H    sing N N 304 
THR N   H2   sing N N 305 
THR CA  C    sing N N 306 
THR CA  CB   sing N N 307 
THR CA  HA   sing N N 308 
THR C   O    doub N N 309 
THR C   OXT  sing N N 310 
THR CB  OG1  sing N N 311 
THR CB  CG2  sing N N 312 
THR CB  HB   sing N N 313 
THR OG1 HG1  sing N N 314 
THR CG2 HG21 sing N N 315 
THR CG2 HG22 sing N N 316 
THR CG2 HG23 sing N N 317 
THR OXT HXT  sing N N 318 
TRP N   CA   sing N N 319 
TRP N   H    sing N N 320 
TRP N   H2   sing N N 321 
TRP CA  C    sing N N 322 
TRP CA  CB   sing N N 323 
TRP CA  HA   sing N N 324 
TRP C   O    doub N N 325 
TRP C   OXT  sing N N 326 
TRP CB  CG   sing N N 327 
TRP CB  HB2  sing N N 328 
TRP CB  HB3  sing N N 329 
TRP CG  CD1  doub Y N 330 
TRP CG  CD2  sing Y N 331 
TRP CD1 NE1  sing Y N 332 
TRP CD1 HD1  sing N N 333 
TRP CD2 CE2  doub Y N 334 
TRP CD2 CE3  sing Y N 335 
TRP NE1 CE2  sing Y N 336 
TRP NE1 HE1  sing N N 337 
TRP CE2 CZ2  sing Y N 338 
TRP CE3 CZ3  doub Y N 339 
TRP CE3 HE3  sing N N 340 
TRP CZ2 CH2  doub Y N 341 
TRP CZ2 HZ2  sing N N 342 
TRP CZ3 CH2  sing Y N 343 
TRP CZ3 HZ3  sing N N 344 
TRP CH2 HH2  sing N N 345 
TRP OXT HXT  sing N N 346 
TYR N   CA   sing N N 347 
TYR N   H    sing N N 348 
TYR N   H2   sing N N 349 
TYR CA  C    sing N N 350 
TYR CA  CB   sing N N 351 
TYR CA  HA   sing N N 352 
TYR C   O    doub N N 353 
TYR C   OXT  sing N N 354 
TYR CB  CG   sing N N 355 
TYR CB  HB2  sing N N 356 
TYR CB  HB3  sing N N 357 
TYR CG  CD1  doub Y N 358 
TYR CG  CD2  sing Y N 359 
TYR CD1 CE1  sing Y N 360 
TYR CD1 HD1  sing N N 361 
TYR CD2 CE2  doub Y N 362 
TYR CD2 HD2  sing N N 363 
TYR CE1 CZ   doub Y N 364 
TYR CE1 HE1  sing N N 365 
TYR CE2 CZ   sing Y N 366 
TYR CE2 HE2  sing N N 367 
TYR CZ  OH   sing N N 368 
TYR OH  HH   sing N N 369 
TYR OXT HXT  sing N N 370 
VAL N   CA   sing N N 371 
VAL N   H    sing N N 372 
VAL N   H2   sing N N 373 
VAL CA  C    sing N N 374 
VAL CA  CB   sing N N 375 
VAL CA  HA   sing N N 376 
VAL C   O    doub N N 377 
VAL C   OXT  sing N N 378 
VAL CB  CG1  sing N N 379 
VAL CB  CG2  sing N N 380 
VAL CB  HB   sing N N 381 
VAL CG1 HG11 sing N N 382 
VAL CG1 HG12 sing N N 383 
VAL CG1 HG13 sing N N 384 
VAL CG2 HG21 sing N N 385 
VAL CG2 HG22 sing N N 386 
VAL CG2 HG23 sing N N 387 
VAL OXT HXT  sing N N 388 
X0S O2  S1   doub N N 389 
X0S C2  C3   doub Y N 390 
X0S C2  C1   sing Y N 391 
X0S C3  C4   sing Y N 392 
X0S C1  C6   doub Y N 393 
X0S C4  C5   doub Y N 394 
X0S C6  C5   sing Y N 395 
X0S C6  CL1  sing N N 396 
X0S C5  S1   sing N N 397 
X0S S1  N1   sing N N 398 
X0S S1  O1   doub N N 399 
X0S N1  C7   sing N N 400 
X0S C4  H4   sing N N 401 
X0S C7  H7   sing N N 402 
X0S C7  H8   sing N N 403 
X0S C7  H6   sing N N 404 
X0S N1  H5   sing N N 405 
X0S C3  H3   sing N N 406 
X0S C1  H1   sing N N 407 
X0S C2  H2   sing N N 408 
# 
_pdbx_audit_support.funding_organization   
'National Institutes of Health/National Institute Of Allergy and Infectious Diseases (NIH/NIAID)' 
_pdbx_audit_support.country                'United States' 
_pdbx_audit_support.grant_number           U19AI171399 
_pdbx_audit_support.ordinal                1 
# 
_pdbx_deposit_group.group_id            G_1002288 
_pdbx_deposit_group.group_description   'Crystallographic fragment screening of Coxsackievirus A16 (G-10) 2A protease' 
_pdbx_deposit_group.group_title         
'Group deposition for crystallographic fragment screening of Coxsackievirus A16 (G-10) 2A protease' 
_pdbx_deposit_group.group_type          'changed state' 
# 
_atom_sites.entry_id                    7H37 
_atom_sites.fract_transf_matrix[1][1]   -0.00023892 
_atom_sites.fract_transf_matrix[1][2]   -0.01161100 
_atom_sites.fract_transf_matrix[1][3]   -0.00087408 
_atom_sites.fract_transf_matrix[2][1]   0.00905623 
_atom_sites.fract_transf_matrix[2][2]   -0.00132867 
_atom_sites.fract_transf_matrix[2][3]   0.01517409 
_atom_sites.fract_transf_matrix[3][1]   -0.02661804 
_atom_sites.fract_transf_matrix[3][2]   -0.00318129 
_atom_sites.fract_transf_matrix[3][3]   0.01560768 
_atom_sites.fract_transf_vector[1]      0.185672 
_atom_sites.fract_transf_vector[2]      0.124342 
_atom_sites.fract_transf_vector[3]      0.449525 
# 
loop_
_atom_type.symbol 
C  
CL 
N  
O  
S  
ZN 
# 
loop_
_atom_site.group_PDB 
_atom_site.id 
_atom_site.type_symbol 
_atom_site.label_atom_id 
_atom_site.label_alt_id 
_atom_site.label_comp_id 
_atom_site.label_asym_id 
_atom_site.label_entity_id 
_atom_site.label_seq_id 
_atom_site.pdbx_PDB_ins_code 
_atom_site.Cartn_x 
_atom_site.Cartn_y 
_atom_site.Cartn_z 
_atom_site.occupancy 
_atom_site.B_iso_or_equiv 
_atom_site.pdbx_formal_charge 
_atom_site.auth_seq_id 
_atom_site.auth_comp_id 
_atom_site.auth_asym_id 
_atom_site.auth_atom_id 
_atom_site.pdbx_PDB_model_num 
ATOM   1    N  N   . SER A 1 7   ? -8.673  -4.475  4.337   1.00 20.07 ? 7   SER A N   1 
ATOM   2    C  CA  . SER A 1 7   ? -7.918  -5.594  3.835   1.00 21.66 ? 7   SER A CA  1 
ATOM   3    C  C   . SER A 1 7   ? -7.662  -5.429  2.350   1.00 19.57 ? 7   SER A C   1 
ATOM   4    O  O   . SER A 1 7   ? -8.344  -4.600  1.643   1.00 22.11 ? 7   SER A O   1 
ATOM   5    C  CB  . SER A 1 7   ? -8.640  -6.903  4.085   1.00 23.36 ? 7   SER A CB  1 
ATOM   6    O  OG  . SER A 1 7   ? -9.941  -6.851  3.545   1.00 24.01 ? 7   SER A OG  1 
ATOM   7    N  N   . GLY A 1 8   ? -6.672  -6.149  1.878   1.00 20.58 ? 8   GLY A N   1 
ATOM   8    C  CA  . GLY A 1 8   ? -6.334  -6.134  0.469   1.00 18.41 ? 8   GLY A CA  1 
ATOM   9    C  C   . GLY A 1 8   ? -4.883  -6.428  0.271   1.00 18.07 ? 8   GLY A C   1 
ATOM   10   O  O   . GLY A 1 8   ? -4.066  -6.188  1.124   1.00 17.71 ? 8   GLY A O   1 
ATOM   11   N  N   . ALA A 1 9   ? -4.579  -6.934  -0.886  1.00 18.51 ? 9   ALA A N   1 
ATOM   12   C  CA  . ALA A 1 9   ? -3.187  -7.187  -1.232  1.00 16.73 ? 9   ALA A CA  1 
ATOM   13   C  C   . ALA A 1 9   ? -2.984  -6.895  -2.699  1.00 16.66 ? 9   ALA A C   1 
ATOM   14   O  O   . ALA A 1 9   ? -3.985  -6.811  -3.479  1.00 17.57 ? 9   ALA A O   1 
ATOM   15   C  CB  . ALA A 1 9   ? -2.874  -8.621  -0.911  1.00 19.04 ? 9   ALA A CB  1 
ATOM   16   N  N   . ILE A 1 10  ? -1.720  -6.810  -3.060  1.00 17.26 ? 10  ILE A N   1 
ATOM   17   C  CA  . ILE A 1 10  ? -1.212  -6.820  -4.454  1.00 19.82 ? 10  ILE A CA  1 
ATOM   18   C  C   . ILE A 1 10  ? -0.669  -8.208  -4.688  1.00 20.45 ? 10  ILE A C   1 
ATOM   19   O  O   . ILE A 1 10  ? 0.131   -8.670  -3.851  1.00 23.63 ? 10  ILE A O   1 
ATOM   20   C  CB  . ILE A 1 10  ? -0.132  -5.746  -4.739  1.00 18.39 ? 10  ILE A CB  1 
ATOM   21   C  CG1 . ILE A 1 10  ? -0.542  -4.351  -4.241  1.00 19.29 ? 10  ILE A CG1 1 
ATOM   22   C  CG2 . ILE A 1 10  ? 0.198   -5.694  -6.229  1.00 18.53 ? 10  ILE A CG2 1 
ATOM   23   C  CD1 . ILE A 1 10  ? 0.641   -3.398  -4.105  1.00 18.18 ? 10  ILE A CD1 1 
ATOM   24   N  N   . TYR A 1 11  ? -1.014  -8.775  -5.846  1.00 23.71 ? 11  TYR A N   1 
ATOM   25   C  CA  . TYR A 1 11  ? -0.562  -10.095 -6.349  1.00 21.63 ? 11  TYR A CA  1 
ATOM   26   C  C   . TYR A 1 11  ? 0.190   -9.864  -7.650  1.00 23.68 ? 11  TYR A C   1 
ATOM   27   O  O   . TYR A 1 11  ? -0.468  -9.686  -8.659  1.00 26.82 ? 11  TYR A O   1 
ATOM   28   C  CB  . TYR A 1 11  ? -1.753  -11.039 -6.509  1.00 23.70 ? 11  TYR A CB  1 
ATOM   29   C  CG  . TYR A 1 11  ? -2.405  -11.342 -5.192  1.00 24.49 ? 11  TYR A CG  1 
ATOM   30   C  CD1 . TYR A 1 11  ? -1.874  -12.306 -4.356  1.00 23.01 ? 11  TYR A CD1 1 
ATOM   31   C  CD2 . TYR A 1 11  ? -3.524  -10.670 -4.782  1.00 24.80 ? 11  TYR A CD2 1 
ATOM   32   C  CE1 . TYR A 1 11  ? -2.448  -12.569 -3.121  1.00 22.28 ? 11  TYR A CE1 1 
ATOM   33   C  CE2 . TYR A 1 11  ? -4.117  -10.915 -3.556  1.00 26.65 ? 11  TYR A CE2 1 
ATOM   34   C  CZ  . TYR A 1 11  ? -3.553  -11.859 -2.712  1.00 23.50 ? 11  TYR A CZ  1 
ATOM   35   O  OH  . TYR A 1 11  ? -4.223  -12.042 -1.555  1.00 23.37 ? 11  TYR A OH  1 
ATOM   36   N  N   . VAL A 1 12  ? 1.504   -9.837  -7.578  1.00 22.67 ? 12  VAL A N   1 
ATOM   37   C  CA  . VAL A 1 12  ? 2.422   -9.592  -8.737  1.00 26.24 ? 12  VAL A CA  1 
ATOM   38   C  C   . VAL A 1 12  ? 3.419   -10.744 -8.801  1.00 30.36 ? 12  VAL A C   1 
ATOM   39   O  O   . VAL A 1 12  ? 4.084   -11.020 -7.794  1.00 27.01 ? 12  VAL A O   1 
ATOM   40   C  CB  . VAL A 1 12  ? 3.119   -8.216  -8.690  1.00 26.04 ? 12  VAL A CB  1 
ATOM   41   C  CG1 . VAL A 1 12  ? 3.925   -7.900  -7.447  1.00 21.85 ? 12  VAL A CG1 1 
ATOM   42   C  CG2 . VAL A 1 12  ? 4.011   -8.029  -9.900  1.00 27.44 ? 12  VAL A CG2 1 
ATOM   43   N  N   . GLY A 1 13  ? 3.504   -11.416 -9.967  1.00 29.30 ? 13  GLY A N   1 
ATOM   44   C  CA  . GLY A 1 13  ? 4.267   -12.664 -10.080 1.00 30.70 ? 13  GLY A CA  1 
ATOM   45   C  C   . GLY A 1 13  ? 3.858   -13.618 -8.976  1.00 26.14 ? 13  GLY A C   1 
ATOM   46   O  O   . GLY A 1 13  ? 2.631   -13.905 -8.853  1.00 33.62 ? 13  GLY A O   1 
ATOM   47   N  N   . ASN A 1 14  ? 4.854   -14.131 -8.266  1.00 27.21 ? 14  ASN A N   1 
ATOM   48   C  CA  . ASN A 1 14  ? 4.670   -15.109 -7.167  1.00 30.72 ? 14  ASN A CA  1 
ATOM   49   C  C   . ASN A 1 14  ? 4.844   -14.355 -5.837  1.00 27.94 ? 14  ASN A C   1 
ATOM   50   O  O   . ASN A 1 14  ? 5.388   -14.934 -4.877  1.00 28.41 ? 14  ASN A O   1 
ATOM   51   C  CB  . ASN A 1 14  ? 5.526   -16.362 -7.383  1.00 34.04 ? 14  ASN A CB  1 
ATOM   52   C  CG  . ASN A 1 14  ? 4.883   -17.315 -8.382  1.00 36.97 ? 14  ASN A CG  1 
ATOM   53   O  OD1 . ASN A 1 14  ? 4.037   -18.133 -8.037  1.00 44.42 ? 14  ASN A OD1 1 
ATOM   54   N  ND2 . ASN A 1 14  ? 5.212   -17.174 -9.650  1.00 33.69 ? 14  ASN A ND2 1 
ATOM   55   N  N   . TYR A 1 15  ? 4.375   -13.097 -5.792  1.00 26.36 ? 15  TYR A N   1 
ATOM   56   C  CA  . TYR A 1 15  ? 4.511   -12.199 -4.604  1.00 23.62 ? 15  TYR A CA  1 
ATOM   57   C  C   . TYR A 1 15  ? 3.122   -11.728 -4.201  1.00 22.22 ? 15  TYR A C   1 
ATOM   58   O  O   . TYR A 1 15  ? 2.206   -11.461 -5.008  1.00 23.27 ? 15  TYR A O   1 
ATOM   59   C  CB  . TYR A 1 15  ? 5.408   -10.982 -4.845  1.00 24.48 ? 15  TYR A CB  1 
ATOM   60   C  CG  . TYR A 1 15  ? 6.847   -11.296 -5.165  1.00 24.41 ? 15  TYR A CG  1 
ATOM   61   C  CD1 . TYR A 1 15  ? 7.630   -12.048 -4.302  1.00 24.07 ? 15  TYR A CD1 1 
ATOM   62   C  CD2 . TYR A 1 15  ? 7.419   -10.868 -6.356  1.00 27.23 ? 15  TYR A CD2 1 
ATOM   63   C  CE1 . TYR A 1 15  ? 8.954   -12.344 -4.579  1.00 26.53 ? 15  TYR A CE1 1 
ATOM   64   C  CE2 . TYR A 1 15  ? 8.748   -11.161 -6.646  1.00 27.30 ? 15  TYR A CE2 1 
ATOM   65   C  CZ  . TYR A 1 15  ? 9.521   -11.901 -5.757  1.00 26.41 ? 15  TYR A CZ  1 
ATOM   66   O  OH  . TYR A 1 15  ? 10.830  -12.211 -6.016  1.00 31.32 ? 15  TYR A OH  1 
ATOM   67   N  N   . ARG A 1 16  ? 2.965   -11.649 -2.889  1.00 21.78 ? 16  ARG A N   1 
ATOM   68   C  CA  . ARG A 1 16  ? 1.795   -11.071 -2.220  1.00 20.70 ? 16  ARG A CA  1 
ATOM   69   C  C   . ARG A 1 16  ? 2.306   -9.891  -1.399  1.00 17.90 ? 16  ARG A C   1 
ATOM   70   O  O   . ARG A 1 16  ? 3.143   -10.114 -0.552  1.00 18.29 ? 16  ARG A O   1 
ATOM   71   C  CB  . ARG A 1 16  ? 1.117   -12.110 -1.325  1.00 21.41 ? 16  ARG A CB  1 
ATOM   72   C  CG  . ARG A 1 16  ? 0.047   -11.557 -0.401  1.00 22.30 ? 16  ARG A CG  1 
ATOM   73   C  CD  . ARG A 1 16  ? -0.668  -12.719 0.255   1.00 24.22 ? 16  ARG A CD  1 
ATOM   74   N  NE  . ARG A 1 16  ? -0.953  -12.496 1.654   1.00 22.60 ? 16  ARG A NE  1 
ATOM   75   C  CZ  . ARG A 1 16  ? -2.091  -12.006 2.109   1.00 21.16 ? 16  ARG A CZ  1 
ATOM   76   N  NH1 . ARG A 1 16  ? -3.052  -11.610 1.269   1.00 21.17 ? 16  ARG A NH1 1 
ATOM   77   N  NH2 . ARG A 1 16  ? -2.220  -11.785 3.393   1.00 24.71 ? 16  ARG A NH2 1 
ATOM   78   N  N   . VAL A 1 17  ? 1.791   -8.684  -1.668  1.00 16.70 ? 17  VAL A N   1 
ATOM   79   C  CA  . VAL A 1 17  ? 2.167   -7.445  -0.937  1.00 15.06 ? 17  VAL A CA  1 
ATOM   80   C  C   . VAL A 1 17  ? 0.982   -7.028  -0.067  1.00 14.67 ? 17  VAL A C   1 
ATOM   81   O  O   . VAL A 1 17  ? -0.123  -6.749  -0.610  1.00 14.09 ? 17  VAL A O   1 
ATOM   82   C  CB  . VAL A 1 17  ? 2.568   -6.338  -1.919  1.00 15.91 ? 17  VAL A CB  1 
ATOM   83   C  CG1 . VAL A 1 17  ? 3.162   -5.211  -1.119  1.00 17.17 ? 17  VAL A CG1 1 
ATOM   84   C  CG2 . VAL A 1 17  ? 3.534   -6.836  -2.989  1.00 16.70 ? 17  VAL A CG2 1 
ATOM   85   N  N   . VAL A 1 18  ? 1.199   -6.986  1.247   1.00 16.11 ? 18  VAL A N   1 
ATOM   86   C  CA  . VAL A 1 18  ? 0.161   -6.648  2.236   1.00 15.61 ? 18  VAL A CA  1 
ATOM   87   C  C   . VAL A 1 18  ? 0.715   -5.591  3.153   1.00 14.58 ? 18  VAL A C   1 
ATOM   88   O  O   . VAL A 1 18  ? 1.923   -5.401  3.247   1.00 15.83 ? 18  VAL A O   1 
ATOM   89   C  CB  . VAL A 1 18  ? -0.314  -7.866  3.036   1.00 15.51 ? 18  VAL A CB  1 
ATOM   90   C  CG1 . VAL A 1 18  ? -1.157  -8.782  2.160   1.00 17.87 ? 18  VAL A CG1 1 
ATOM   91   C  CG2 . VAL A 1 18  ? 0.886   -8.627  3.584   1.00 16.50 ? 18  VAL A CG2 1 
ATOM   92   N  N   . ASN A 1 19  ? -0.186  -4.956  3.843   1.00 14.12 ? 19  ASN A N   1 
ATOM   93   C  CA  . ASN A 1 19  ? 0.208   -4.114  4.996   1.00 14.51 ? 19  ASN A CA  1 
ATOM   94   C  C   . ASN A 1 19  ? 0.914   -4.993  6.042   1.00 14.96 ? 19  ASN A C   1 
ATOM   95   O  O   . ASN A 1 19  ? 0.344   -6.030  6.394   1.00 16.75 ? 19  ASN A O   1 
ATOM   96   C  CB  . ASN A 1 19  ? -1.038  -3.489  5.607   1.00 14.91 ? 19  ASN A CB  1 
ATOM   97   C  CG  . ASN A 1 19  ? -1.747  -2.572  4.628   1.00 14.60 ? 19  ASN A CG  1 
ATOM   98   O  OD1 . ASN A 1 19  ? -2.727  -2.947  3.975   1.00 15.72 ? 19  ASN A OD1 1 
ATOM   99   N  ND2 . ASN A 1 19  ? -1.329  -1.326  4.640   1.00 15.87 ? 19  ASN A ND2 1 
ATOM   100  N  N   . ARG A 1 20  ? 2.105   -4.627  6.501   1.00 16.83 ? 20  ARG A N   1 
ATOM   101  C  CA  . ARG A 1 20  ? 2.825   -5.407  7.533   1.00 15.89 ? 20  ARG A CA  1 
ATOM   102  C  C   . ARG A 1 20  ? 1.893   -5.690  8.722   1.00 16.57 ? 20  ARG A C   1 
ATOM   103  O  O   . ARG A 1 20  ? 1.896   -6.815  9.241   1.00 16.39 ? 20  ARG A O   1 
ATOM   104  C  CB  . ARG A 1 20  ? 4.079   -4.702  7.998   1.00 14.38 ? 20  ARG A CB  1 
ATOM   105  C  CG  . ARG A 1 20  ? 5.030   -5.580  8.811   1.00 15.16 ? 20  ARG A CG  1 
ATOM   106  C  CD  . ARG A 1 20  ? 6.190   -4.744  9.319   1.00 18.47 ? 20  ARG A CD  1 
ATOM   107  N  NE  . ARG A 1 20  ? 7.141   -5.482  10.125  1.00 17.91 ? 20  ARG A NE  1 
ATOM   108  C  CZ  . ARG A 1 20  ? 6.995   -5.741  11.424  1.00 18.95 ? 20  ARG A CZ  1 
ATOM   109  N  NH1 . ARG A 1 20  ? 5.910   -5.365  12.064  1.00 21.03 ? 20  ARG A NH1 1 
ATOM   110  N  NH2 . ARG A 1 20  ? 7.954   -6.381  12.097  1.00 22.58 ? 20  ARG A NH2 1 
ATOM   111  N  N   . HIS A 1 21  ? 1.065   -4.724  9.106   1.00 17.09 ? 21  HIS A N   1 
ATOM   112  C  CA  . HIS A 1 21  ? 0.224   -4.913  10.313  1.00 16.72 ? 21  HIS A CA  1 
ATOM   113  C  C   . HIS A 1 21  ? -0.924  -5.881  10.079  1.00 16.54 ? 21  HIS A C   1 
ATOM   114  O  O   . HIS A 1 21  ? -1.491  -6.304  11.071  1.00 20.65 ? 21  HIS A O   1 
ATOM   115  C  CB  . HIS A 1 21  ? -0.210  -3.571  10.847  1.00 15.06 ? 21  HIS A CB  1 
ATOM   116  C  CG  . HIS A 1 21  ? -1.284  -2.884  10.079  1.00 17.08 ? 21  HIS A CG  1 
ATOM   117  N  ND1 . HIS A 1 21  ? -1.027  -1.975  9.033   1.00 16.66 ? 21  HIS A ND1 1 
ATOM   118  C  CD2 . HIS A 1 21  ? -2.625  -2.931  10.257  1.00 18.30 ? 21  HIS A CD2 1 
ATOM   119  C  CE1 . HIS A 1 21  ? -2.199  -1.528  8.596   1.00 17.44 ? 21  HIS A CE1 1 
ATOM   120  N  NE2 . HIS A 1 21  ? -3.203  -2.113  9.319   1.00 18.63 ? 21  HIS A NE2 1 
ATOM   121  N  N   . LEU A 1 22  ? -1.230  -6.271  8.860   1.00 15.11 ? 22  LEU A N   1 
ATOM   122  C  CA  . LEU A 1 22  ? -2.288  -7.236  8.510   1.00 14.09 ? 22  LEU A CA  1 
ATOM   123  C  C   . LEU A 1 22  ? -1.721  -8.565  8.026   1.00 16.83 ? 22  LEU A C   1 
ATOM   124  O  O   . LEU A 1 22  ? -2.544  -9.479  7.702   1.00 18.68 ? 22  LEU A O   1 
ATOM   125  C  CB  . LEU A 1 22  ? -3.171  -6.590  7.449   1.00 17.33 ? 22  LEU A CB  1 
ATOM   126  C  CG  . LEU A 1 22  ? -3.933  -5.341  7.892   1.00 17.38 ? 22  LEU A CG  1 
ATOM   127  C  CD1 . LEU A 1 22  ? -4.806  -4.828  6.774   1.00 18.12 ? 22  LEU A CD1 1 
ATOM   128  C  CD2 . LEU A 1 22  ? -4.829  -5.667  9.105   1.00 18.67 ? 22  LEU A CD2 1 
ATOM   129  N  N   . ALA A 1 23  ? -0.390  -8.713  8.019   1.00 16.53 ? 23  ALA A N   1 
ATOM   130  C  CA  . ALA A 1 23  ? 0.252   -9.967  7.570   1.00 17.15 ? 23  ALA A CA  1 
ATOM   131  C  C   . ALA A 1 23  ? -0.186  -11.123 8.478   1.00 17.03 ? 23  ALA A C   1 
ATOM   132  O  O   . ALA A 1 23  ? -0.298  -10.920 9.734   1.00 19.40 ? 23  ALA A O   1 
ATOM   133  C  CB  . ALA A 1 23  ? 1.747   -9.855  7.497   1.00 17.54 ? 23  ALA A CB  1 
ATOM   134  N  N   . THR A 1 24  ? -0.401  -12.269 7.861   1.00 16.73 ? 24  THR A N   1 
ATOM   135  C  CA  . THR A 1 24  ? -0.887  -13.486 8.563   1.00 19.71 ? 24  THR A CA  1 
ATOM   136  C  C   . THR A 1 24  ? 0.308   -14.311 9.034   1.00 18.97 ? 24  THR A C   1 
ATOM   137  O  O   . THR A 1 24  ? 1.438   -14.049 8.603   1.00 18.20 ? 24  THR A O   1 
ATOM   138  C  CB  . THR A 1 24  ? -1.772  -14.315 7.624   1.00 17.59 ? 24  THR A CB  1 
ATOM   139  O  OG1 . THR A 1 24  ? -0.931  -14.765 6.559   1.00 20.24 ? 24  THR A OG1 1 
ATOM   140  C  CG2 . THR A 1 24  ? -2.956  -13.523 7.096   1.00 19.50 ? 24  THR A CG2 1 
ATOM   141  N  N   . HIS A 1 25  ? 0.078   -15.388 9.795   1.00 20.37 ? 25  HIS A N   1 
ATOM   142  C  CA  . HIS A 1 25  ? 1.173   -16.342 10.108  1.00 20.49 ? 25  HIS A CA  1 
ATOM   143  C  C   . HIS A 1 25  ? 1.757   -16.899 8.797   1.00 20.30 ? 25  HIS A C   1 
ATOM   144  O  O   . HIS A 1 25  ? 2.996   -16.989 8.646   1.00 20.51 ? 25  HIS A O   1 
ATOM   145  C  CB  . HIS A 1 25  ? 0.691   -17.442 11.059  1.00 22.21 ? 25  HIS A CB  1 
ATOM   146  C  CG  . HIS A 1 25  ? 1.633   -18.601 11.083  1.00 26.68 ? 25  HIS A CG  1 
ATOM   147  N  ND1 . HIS A 1 25  ? 2.816   -18.591 11.796  1.00 25.01 ? 25  HIS A ND1 1 
ATOM   148  C  CD2 . HIS A 1 25  ? 1.634   -19.750 10.353  1.00 29.45 ? 25  HIS A CD2 1 
ATOM   149  C  CE1 . HIS A 1 25  ? 3.448   -19.725 11.599  1.00 30.29 ? 25  HIS A CE1 1 
ATOM   150  N  NE2 . HIS A 1 25  ? 2.761   -20.442 10.678  1.00 32.23 ? 25  HIS A NE2 1 
ATOM   151  N  N   . ASN A 1 26  ? 0.898   -17.287 7.860   1.00 20.36 ? 26  ASN A N   1 
ATOM   152  C  CA  . ASN A 1 26  ? 1.360   -17.854 6.574   1.00 22.35 ? 26  ASN A CA  1 
ATOM   153  C  C   . ASN A 1 26  ? 2.268   -16.828 5.889   1.00 19.23 ? 26  ASN A C   1 
ATOM   154  O  O   . ASN A 1 26  ? 3.311   -17.199 5.331   1.00 19.43 ? 26  ASN A O   1 
ATOM   155  C  CB  . ASN A 1 26  ? 0.211   -18.235 5.640   1.00 23.40 ? 26  ASN A CB  1 
ATOM   156  C  CG  . ASN A 1 26  ? 0.746   -18.863 4.362   1.00 30.94 ? 26  ASN A CG  1 
ATOM   157  O  OD1 . ASN A 1 26  ? 1.150   -20.031 4.366   1.00 32.72 ? 26  ASN A OD1 1 
ATOM   158  N  ND2 . ASN A 1 26  ? 0.845   -18.084 3.288   1.00 31.64 ? 26  ASN A ND2 1 
ATOM   159  N  N   . ASP A 1 27  ? 1.889   -15.532 5.854   1.00 19.81 ? 27  ASP A N   1 
ATOM   160  C  CA  . ASP A 1 27  ? 2.781   -14.505 5.262   1.00 17.55 ? 27  ASP A CA  1 
ATOM   161  C  C   . ASP A 1 27  ? 4.161   -14.592 5.930   1.00 15.67 ? 27  ASP A C   1 
ATOM   162  O  O   . ASP A 1 27  ? 5.192   -14.587 5.194   1.00 16.84 ? 27  ASP A O   1 
ATOM   163  C  CB  . ASP A 1 27  ? 2.200   -13.096 5.348   1.00 18.08 ? 27  ASP A CB  1 
ATOM   164  C  CG  . ASP A 1 27  ? 0.975   -12.865 4.481   1.00 19.42 ? 27  ASP A CG  1 
ATOM   165  O  OD1 . ASP A 1 27  ? 0.953   -13.356 3.327   1.00 19.65 ? 27  ASP A OD1 1 
ATOM   166  O  OD2 . ASP A 1 27  ? -0.006  -12.258 4.980   1.00 20.68 ? 27  ASP A OD2 1 
ATOM   167  N  N   . TRP A 1 28  ? 4.240   -14.528 7.267   1.00 17.26 ? 28  TRP A N   1 
ATOM   168  C  CA  . TRP A 1 28  ? 5.520   -14.529 8.007   1.00 16.74 ? 28  TRP A CA  1 
ATOM   169  C  C   . TRP A 1 28  ? 6.286   -15.844 7.791   1.00 14.14 ? 28  TRP A C   1 
ATOM   170  O  O   . TRP A 1 28  ? 7.526   -15.771 7.722   1.00 17.14 ? 28  TRP A O   1 
ATOM   171  C  CB  . TRP A 1 28  ? 5.289   -14.284 9.493   1.00 16.60 ? 28  TRP A CB  1 
ATOM   172  C  CG  . TRP A 1 28  ? 5.025   -12.839 9.831   1.00 17.33 ? 28  TRP A CG  1 
ATOM   173  C  CD1 . TRP A 1 28  ? 3.818   -12.234 10.075  1.00 17.68 ? 28  TRP A CD1 1 
ATOM   174  C  CD2 . TRP A 1 28  ? 6.025   -11.816 9.893   1.00 16.82 ? 28  TRP A CD2 1 
ATOM   175  N  NE1 . TRP A 1 28  ? 4.018   -10.909 10.379  1.00 17.24 ? 28  TRP A NE1 1 
ATOM   176  C  CE2 . TRP A 1 28  ? 5.376   -10.631 10.314  1.00 15.23 ? 28  TRP A CE2 1 
ATOM   177  C  CE3 . TRP A 1 28  ? 7.415   -11.803 9.738   1.00 15.68 ? 28  TRP A CE3 1 
ATOM   178  C  CZ2 . TRP A 1 28  ? 6.077   -9.442  10.470  1.00 16.52 ? 28  TRP A CZ2 1 
ATOM   179  C  CZ3 . TRP A 1 28  ? 8.108   -10.640 9.973   1.00 17.11 ? 28  TRP A CZ3 1 
ATOM   180  C  CH2 . TRP A 1 28  ? 7.438   -9.454  10.270  1.00 15.61 ? 28  TRP A CH2 1 
ATOM   181  N  N   . ALA A 1 29  ? 5.575   -16.941 7.556   1.00 17.48 ? 29  ALA A N   1 
ATOM   182  C  CA  . ALA A 1 29  ? 6.185   -18.274 7.353   1.00 18.75 ? 29  ALA A CA  1 
ATOM   183  C  C   . ALA A 1 29  ? 6.739   -18.383 5.927   1.00 21.77 ? 29  ALA A C   1 
ATOM   184  O  O   . ALA A 1 29  ? 7.499   -19.313 5.632   1.00 22.96 ? 29  ALA A O   1 
ATOM   185  C  CB  . ALA A 1 29  ? 5.140   -19.305 7.661   1.00 17.42 ? 29  ALA A CB  1 
ATOM   186  N  N   . ASN A 1 30  ? 6.345   -17.466 5.041   1.00 22.30 ? 30  ASN A N   1 
ATOM   187  C  CA  . ASN A 1 30  ? 6.686   -17.512 3.593   1.00 22.67 ? 30  ASN A CA  1 
ATOM   188  C  C   . ASN A 1 30  ? 7.252   -16.135 3.243   1.00 22.78 ? 30  ASN A C   1 
ATOM   189  O  O   . ASN A 1 30  ? 6.972   -15.626 2.193   1.00 24.60 ? 30  ASN A O   1 
ATOM   190  C  CB  . ASN A 1 30  ? 5.473   -17.950 2.758   1.00 21.42 ? 30  ASN A CB  1 
ATOM   191  C  CG  . ASN A 1 30  ? 5.080   -19.415 2.910   1.00 27.05 ? 30  ASN A CG  1 
ATOM   192  O  OD1 . ASN A 1 30  ? 5.736   -20.292 2.374   1.00 30.13 ? 30  ASN A OD1 1 
ATOM   193  N  ND2 . ASN A 1 30  ? 3.986   -19.682 3.599   1.00 26.92 ? 30  ASN A ND2 1 
ATOM   194  N  N   . LEU A 1 31  ? 7.966   -15.521 4.180   1.00 23.60 ? 31  LEU A N   1 
ATOM   195  C  CA  . LEU A 1 31  ? 8.374   -14.109 4.093   1.00 22.03 ? 31  LEU A CA  1 
ATOM   196  C  C   . LEU A 1 31  ? 9.407   -13.955 2.993   1.00 23.05 ? 31  LEU A C   1 
ATOM   197  O  O   . LEU A 1 31  ? 10.352  -14.747 2.906   1.00 23.00 ? 31  LEU A O   1 
ATOM   198  C  CB  . LEU A 1 31  ? 8.991   -13.671 5.417   1.00 20.80 ? 31  LEU A CB  1 
ATOM   199  C  CG  . LEU A 1 31  ? 9.453   -12.221 5.469   1.00 20.64 ? 31  LEU A CG  1 
ATOM   200  C  CD1 . LEU A 1 31  ? 8.294   -11.271 5.165   1.00 23.32 ? 31  LEU A CD1 1 
ATOM   201  C  CD2 . LEU A 1 31  ? 10.059  -11.941 6.798   1.00 20.63 ? 31  LEU A CD2 1 
ATOM   202  N  N   . VAL A 1 32  ? 9.255   -12.905 2.204   1.00 19.26 ? 32  VAL A N   1 
ATOM   203  C  CA  . VAL A 1 32  ? 10.329  -12.444 1.271   1.00 21.97 ? 32  VAL A CA  1 
ATOM   204  C  C   . VAL A 1 32  ? 10.996  -11.187 1.822   1.00 23.04 ? 32  VAL A C   1 
ATOM   205  O  O   . VAL A 1 32  ? 12.258  -11.064 1.829   1.00 24.37 ? 32  VAL A O   1 
ATOM   206  C  CB  . VAL A 1 32  ? 9.676   -12.197 -0.099  1.00 20.76 ? 32  VAL A CB  1 
ATOM   207  C  CG1 . VAL A 1 32  ? 10.638  -11.601 -1.079  1.00 22.61 ? 32  VAL A CG1 1 
ATOM   208  C  CG2 . VAL A 1 32  ? 8.992   -13.428 -0.625  1.00 21.61 ? 32  VAL A CG2 1 
ATOM   209  N  N   . TRP A 1 33  ? 10.198  -10.205 2.259   1.00 20.20 ? 33  TRP A N   1 
ATOM   210  C  CA  . TRP A 1 33  ? 10.760  -8.907  2.675   1.00 20.34 ? 33  TRP A CA  1 
ATOM   211  C  C   . TRP A 1 33  ? 9.734   -8.192  3.571   1.00 17.95 ? 33  TRP A C   1 
ATOM   212  O  O   . TRP A 1 33  ? 8.535   -8.356  3.314   1.00 19.15 ? 33  TRP A O   1 
ATOM   213  C  CB  . TRP A 1 33  ? 11.141  -8.100  1.416   1.00 23.26 ? 33  TRP A CB  1 
ATOM   214  C  CG  . TRP A 1 33  ? 11.482  -6.670  1.666   1.00 21.92 ? 33  TRP A CG  1 
ATOM   215  C  CD1 . TRP A 1 33  ? 12.695  -6.173  2.040   1.00 24.31 ? 33  TRP A CD1 1 
ATOM   216  C  CD2 . TRP A 1 33  ? 10.606  -5.536  1.552   1.00 20.09 ? 33  TRP A CD2 1 
ATOM   217  N  NE1 . TRP A 1 33  ? 12.633  -4.816  2.211   1.00 27.33 ? 33  TRP A NE1 1 
ATOM   218  C  CE2 . TRP A 1 33  ? 11.356  -4.401  1.916   1.00 21.51 ? 33  TRP A CE2 1 
ATOM   219  C  CE3 . TRP A 1 33  ? 9.279   -5.366  1.181   1.00 19.00 ? 33  TRP A CE3 1 
ATOM   220  C  CZ2 . TRP A 1 33  ? 10.836  -3.119  1.857   1.00 22.94 ? 33  TRP A CZ2 1 
ATOM   221  C  CZ3 . TRP A 1 33  ? 8.745   -4.089  1.161   1.00 19.46 ? 33  TRP A CZ3 1 
ATOM   222  C  CH2 . TRP A 1 33  ? 9.524   -2.984  1.490   1.00 19.21 ? 33  TRP A CH2 1 
ATOM   223  N  N   . GLU A 1 34  ? 10.170  -7.514  4.627   1.00 19.29 ? 34  GLU A N   1 
ATOM   224  C  CA  . GLU A 1 34  ? 9.249   -6.690  5.426   1.00 19.41 ? 34  GLU A CA  1 
ATOM   225  C  C   . GLU A 1 34  ? 9.994   -5.453  5.927   1.00 19.97 ? 34  GLU A C   1 
ATOM   226  O  O   . GLU A 1 34  ? 11.259  -5.534  6.079   1.00 23.06 ? 34  GLU A O   1 
ATOM   227  C  CB  . GLU A 1 34  ? 8.591   -7.509  6.532   1.00 21.90 ? 34  GLU A CB  1 
ATOM   228  C  CG  . GLU A 1 34  ? 9.580   -8.132  7.516   1.00 24.22 ? 34  GLU A CG  1 
ATOM   229  C  CD  . GLU A 1 34  ? 10.168  -7.174  8.541   1.00 23.01 ? 34  GLU A CD  1 
ATOM   230  O  OE1 . GLU A 1 34  ? 11.307  -7.451  9.042   1.00 25.14 ? 34  GLU A OE1 1 
ATOM   231  O  OE2 . GLU A 1 34  ? 9.524   -6.147  8.820   1.00 23.71 ? 34  GLU A OE2 1 
ATOM   232  N  N   . ASP A 1 35  ? 9.266   -4.336  6.045   1.00 20.98 ? 35  ASP A N   1 
ATOM   233  C  CA  . ASP A 1 35  ? 9.780   -3.027  6.541   1.00 20.54 ? 35  ASP A CA  1 
ATOM   234  C  C   . ASP A 1 35  ? 8.686   -2.337  7.359   1.00 21.00 ? 35  ASP A C   1 
ATOM   235  O  O   . ASP A 1 35  ? 7.683   -1.876  6.735   1.00 22.52 ? 35  ASP A O   1 
ATOM   236  C  CB  . ASP A 1 35  ? 10.306  -2.276  5.314   1.00 23.32 ? 35  ASP A CB  1 
ATOM   237  C  CG  . ASP A 1 35  ? 10.929  -0.939  5.594   1.00 23.71 ? 35  ASP A CG  1 
ATOM   238  O  OD1 . ASP A 1 35  ? 10.495  -0.273  6.547   1.00 27.01 ? 35  ASP A OD1 1 
ATOM   239  O  OD2 . ASP A 1 35  ? 11.794  -0.566  4.775   1.00 26.34 ? 35  ASP A OD2 1 
ATOM   240  N  N   A SER A 1 36  ? 8.819   -2.330  8.695   0.25 20.23 ? 36  SER A N   1 
ATOM   241  N  N   B SER A 1 36  ? 8.819   -2.330  8.695   0.25 20.23 ? 36  SER A N   1 
ATOM   242  C  CA  A SER A 1 36  ? 7.865   -1.682  9.632   0.25 21.52 ? 36  SER A CA  1 
ATOM   243  C  CA  B SER A 1 36  ? 7.876   -1.680  9.641   0.25 22.84 ? 36  SER A CA  1 
ATOM   244  C  C   A SER A 1 36  ? 7.714   -0.197  9.287   0.25 20.81 ? 36  SER A C   1 
ATOM   245  C  C   B SER A 1 36  ? 7.714   -0.197  9.287   0.25 20.81 ? 36  SER A C   1 
ATOM   246  O  O   A SER A 1 36  ? 6.556   0.266   9.311   0.25 23.51 ? 36  SER A O   1 
ATOM   247  O  O   B SER A 1 36  ? 6.556   0.266   9.311   0.25 23.51 ? 36  SER A O   1 
ATOM   248  C  CB  A SER A 1 36  ? 8.276   -1.854  11.094  0.25 21.04 ? 36  SER A CB  1 
ATOM   249  C  CB  B SER A 1 36  ? 8.331   -1.845  11.087  0.25 23.78 ? 36  SER A CB  1 
ATOM   250  O  OG  A SER A 1 36  ? 7.394   -1.161  11.959  0.25 20.26 ? 36  SER A OG  1 
ATOM   251  O  OG  B SER A 1 36  ? 9.754   -1.847  11.164  0.25 27.00 ? 36  SER A OG  1 
ATOM   252  N  N   . SER A 1 37  ? 8.826   0.480   8.926   1.00 22.36 ? 37  SER A N   1 
ATOM   253  C  CA  . SER A 1 37  ? 8.808   1.948   8.680   1.00 22.29 ? 37  SER A CA  1 
ATOM   254  C  C   . SER A 1 37  ? 7.868   2.225   7.506   1.00 23.07 ? 37  SER A C   1 
ATOM   255  O  O   . SER A 1 37  ? 7.273   3.314   7.470   1.00 23.02 ? 37  SER A O   1 
ATOM   256  C  CB  . SER A 1 37  ? 10.194  2.542   8.456   1.00 23.08 ? 37  SER A CB  1 
ATOM   257  O  OG  . SER A 1 37  ? 10.700  2.197   7.172   1.00 26.90 ? 37  SER A OG  1 
ATOM   258  N  N   . ARG A 1 38  ? 7.694   1.252   6.595   1.00 20.46 ? 38  ARG A N   1 
ATOM   259  C  CA  . ARG A 1 38  ? 6.843   1.428   5.384   1.00 19.05 ? 38  ARG A CA  1 
ATOM   260  C  C   . ARG A 1 38  ? 5.459   0.779   5.553   1.00 18.69 ? 38  ARG A C   1 
ATOM   261  O  O   . ARG A 1 38  ? 4.644   0.882   4.621   1.00 16.99 ? 38  ARG A O   1 
ATOM   262  C  CB  . ARG A 1 38  ? 7.498   0.770   4.177   1.00 17.84 ? 38  ARG A CB  1 
ATOM   263  C  CG  . ARG A 1 38  ? 8.832   1.380   3.800   1.00 20.75 ? 38  ARG A CG  1 
ATOM   264  C  CD  . ARG A 1 38  ? 9.403   0.722   2.593   1.00 21.23 ? 38  ARG A CD  1 
ATOM   265  N  NE  . ARG A 1 38  ? 8.687   0.957   1.337   1.00 19.26 ? 38  ARG A NE  1 
ATOM   266  C  CZ  . ARG A 1 38  ? 9.260   1.080   0.119   1.00 18.99 ? 38  ARG A CZ  1 
ATOM   267  N  NH1 . ARG A 1 38  ? 10.567  0.920   -0.053  1.00 20.33 ? 38  ARG A NH1 1 
ATOM   268  N  NH2 . ARG A 1 38  ? 8.509   1.283   -0.973  1.00 18.78 ? 38  ARG A NH2 1 
ATOM   269  N  N   . ASP A 1 39  ? 5.245   0.045   6.644   1.00 18.65 ? 39  ASP A N   1 
ATOM   270  C  CA  . ASP A 1 39  ? 4.026   -0.780  6.813   1.00 16.32 ? 39  ASP A CA  1 
ATOM   271  C  C   . ASP A 1 39  ? 3.861   -1.739  5.636   1.00 13.59 ? 39  ASP A C   1 
ATOM   272  O  O   . ASP A 1 39  ? 2.702   -1.992  5.295   1.00 15.49 ? 39  ASP A O   1 
ATOM   273  C  CB  . ASP A 1 39  ? 2.782   0.102   6.996   1.00 16.36 ? 39  ASP A CB  1 
ATOM   274  C  CG  . ASP A 1 39  ? 1.530   -0.688  7.306   1.00 15.32 ? 39  ASP A CG  1 
ATOM   275  O  OD1 . ASP A 1 39  ? 1.669   -1.690  8.044   1.00 15.18 ? 39  ASP A OD1 1 
ATOM   276  O  OD2 . ASP A 1 39  ? 0.425   -0.351  6.801   1.00 17.87 ? 39  ASP A OD2 1 
ATOM   277  N  N   . LEU A 1 40  ? 4.954   -2.355  5.113   1.00 13.96 ? 40  LEU A N   1 
ATOM   278  C  CA  . LEU A 1 40  ? 4.855   -3.349  4.020   1.00 13.36 ? 40  LEU A CA  1 
ATOM   279  C  C   . LEU A 1 40  ? 5.435   -4.718  4.426   1.00 13.82 ? 40  LEU A C   1 
ATOM   280  O  O   . LEU A 1 40  ? 6.461   -4.778  5.107   1.00 15.27 ? 40  LEU A O   1 
ATOM   281  C  CB  . LEU A 1 40  ? 5.550   -2.814  2.779   1.00 14.06 ? 40  LEU A CB  1 
ATOM   282  C  CG  . LEU A 1 40  ? 4.847   -1.711  2.011   1.00 14.10 ? 40  LEU A CG  1 
ATOM   283  C  CD1 . LEU A 1 40  ? 5.688   -1.285  0.788   1.00 16.00 ? 40  LEU A CD1 1 
ATOM   284  C  CD2 . LEU A 1 40  ? 3.399   -2.087  1.626   1.00 14.23 ? 40  LEU A CD2 1 
ATOM   285  N  N   . LEU A 1 41  ? 4.808   -5.747  3.877   1.00 15.14 ? 41  LEU A N   1 
ATOM   286  C  CA  . LEU A 1 41  ? 5.287   -7.140  3.955   1.00 14.35 ? 41  LEU A CA  1 
ATOM   287  C  C   . LEU A 1 41  ? 4.941   -7.818  2.647   1.00 15.99 ? 41  LEU A C   1 
ATOM   288  O  O   . LEU A 1 41  ? 3.843   -7.633  2.103   1.00 15.23 ? 41  LEU A O   1 
ATOM   289  C  CB  . LEU A 1 41  ? 4.656   -7.894  5.128   1.00 15.72 ? 41  LEU A CB  1 
ATOM   290  C  CG  . LEU A 1 41  ? 5.261   -9.271  5.412   1.00 15.90 ? 41  LEU A CG  1 
ATOM   291  C  CD1 . LEU A 1 41  ? 5.391   -9.570  6.881   1.00 17.07 ? 41  LEU A CD1 1 
ATOM   292  C  CD2 . LEU A 1 41  ? 4.486   -10.365 4.734   1.00 17.44 ? 41  LEU A CD2 1 
ATOM   293  N  N   . VAL A 1 42  ? 5.922   -8.558  2.170   1.00 16.41 ? 42  VAL A N   1 
ATOM   294  C  CA  . VAL A 1 42  ? 5.808   -9.367  0.943   1.00 17.53 ? 42  VAL A CA  1 
ATOM   295  C  C   . VAL A 1 42  ? 6.133   -10.813 1.281   1.00 17.61 ? 42  VAL A C   1 
ATOM   296  O  O   . VAL A 1 42  ? 7.152   -11.054 1.930   1.00 18.46 ? 42  VAL A O   1 
ATOM   297  C  CB  . VAL A 1 42  ? 6.759   -8.873  -0.136  1.00 16.18 ? 42  VAL A CB  1 
ATOM   298  C  CG1 . VAL A 1 42  ? 6.541   -9.733  -1.367  1.00 17.83 ? 42  VAL A CG1 1 
ATOM   299  C  CG2 . VAL A 1 42  ? 6.544   -7.416  -0.478  1.00 14.43 ? 42  VAL A CG2 1 
ATOM   300  N  N   . SER A 1 43  ? 5.252   -11.692 0.853   1.00 18.14 ? 43  SER A N   1 
ATOM   301  C  CA  . SER A 1 43  ? 5.341   -13.167 1.074   1.00 19.01 ? 43  SER A CA  1 
ATOM   302  C  C   . SER A 1 43  ? 5.302   -13.848 -0.306  1.00 22.09 ? 43  SER A C   1 
ATOM   303  O  O   . SER A 1 43  ? 4.872   -13.180 -1.288  1.00 22.01 ? 43  SER A O   1 
ATOM   304  C  CB  . SER A 1 43  ? 4.252   -13.606 2.048   1.00 16.91 ? 43  SER A CB  1 
ATOM   305  O  OG  . SER A 1 43  ? 2.944   -13.402 1.527   1.00 20.34 ? 43  SER A OG  1 
ATOM   306  N  N   . SER A 1 44  ? 5.716   -15.118 -0.394  1.00 25.31 ? 44  SER A N   1 
ATOM   307  C  CA  . SER A 1 44  ? 5.659   -15.930 -1.657  1.00 26.48 ? 44  SER A CA  1 
ATOM   308  C  C   . SER A 1 44  ? 4.278   -16.543 -1.868  1.00 28.94 ? 44  SER A C   1 
ATOM   309  O  O   . SER A 1 44  ? 3.582   -16.849 -0.878  1.00 30.06 ? 44  SER A O   1 
ATOM   310  C  CB  . SER A 1 44  ? 6.700   -16.994 -1.626  1.00 29.99 ? 44  SER A CB  1 
ATOM   311  O  OG  . SER A 1 44  ? 6.490   -17.785 -0.472  1.00 33.69 ? 44  SER A OG  1 
ATOM   312  N  N   . THR A 1 45  ? 3.899   -16.792 -3.123  1.00 29.75 ? 45  THR A N   1 
ATOM   313  C  CA  . THR A 1 45  ? 2.603   -17.396 -3.499  1.00 36.16 ? 45  THR A CA  1 
ATOM   314  C  C   . THR A 1 45  ? 2.888   -18.656 -4.324  1.00 36.91 ? 45  THR A C   1 
ATOM   315  O  O   . THR A 1 45  ? 4.002   -18.774 -4.900  1.00 35.58 ? 45  THR A O   1 
ATOM   316  C  CB  . THR A 1 45  ? 1.731   -16.411 -4.289  1.00 36.68 ? 45  THR A CB  1 
ATOM   317  O  OG1 . THR A 1 45  ? 2.415   -16.142 -5.510  1.00 40.02 ? 45  THR A OG1 1 
ATOM   318  C  CG2 . THR A 1 45  ? 1.494   -15.107 -3.561  1.00 39.24 ? 45  THR A CG2 1 
ATOM   319  N  N   . THR A 1 46  ? 1.897   -19.532 -4.437  1.00 38.59 ? 46  THR A N   1 
ATOM   320  C  CA  . THR A 1 46  ? 2.009   -20.716 -5.324  1.00 40.50 ? 46  THR A CA  1 
ATOM   321  C  C   . THR A 1 46  ? 1.530   -20.276 -6.716  1.00 39.56 ? 46  THR A C   1 
ATOM   322  O  O   . THR A 1 46  ? 2.309   -20.403 -7.661  1.00 44.06 ? 46  THR A O   1 
ATOM   323  C  CB  . THR A 1 46  ? 1.342   -21.912 -4.640  1.00 37.11 ? 46  THR A CB  1 
ATOM   324  O  OG1 . THR A 1 46  ? 0.004   -21.564 -4.300  1.00 36.49 ? 46  THR A OG1 1 
ATOM   325  C  CG2 . THR A 1 46  ? 2.051   -22.275 -3.356  1.00 37.82 ? 46  THR A CG2 1 
ATOM   326  N  N   . ALA A 1 47  ? 0.349   -19.665 -6.805  1.00 39.91 ? 47  ALA A N   1 
ATOM   327  C  CA  . ALA A 1 47  ? -0.237  -19.184 -8.080  1.00 38.82 ? 47  ALA A CA  1 
ATOM   328  C  C   . ALA A 1 47  ? 0.335   -17.804 -8.457  1.00 38.97 ? 47  ALA A C   1 
ATOM   329  O  O   . ALA A 1 47  ? 0.714   -17.023 -7.554  1.00 37.50 ? 47  ALA A O   1 
ATOM   330  C  CB  . ALA A 1 47  ? -1.734  -19.161 -7.958  1.00 37.91 ? 47  ALA A CB  1 
ATOM   331  N  N   . GLN A 1 48  ? 0.401   -17.511 -9.763  1.00 38.83 ? 48  GLN A N   1 
ATOM   332  C  CA  . GLN A 1 48  ? 0.821   -16.181 -10.275 1.00 33.05 ? 48  GLN A CA  1 
ATOM   333  C  C   . GLN A 1 48  ? -0.356  -15.207 -10.191 1.00 27.99 ? 48  GLN A C   1 
ATOM   334  O  O   . GLN A 1 48  ? -1.546  -15.626 -10.347 1.00 30.18 ? 48  GLN A O   1 
ATOM   335  C  CB  . GLN A 1 48  ? 1.364   -16.305 -11.694 1.00 35.50 ? 48  GLN A CB  1 
ATOM   336  C  CG  . GLN A 1 48  ? 2.807   -16.773 -11.745 1.00 42.70 ? 48  GLN A CG  1 
ATOM   337  C  CD  . GLN A 1 48  ? 3.357   -16.645 -13.142 1.00 52.10 ? 48  GLN A CD  1 
ATOM   338  O  OE1 . GLN A 1 48  ? 2.886   -17.299 -14.071 1.00 61.52 ? 48  GLN A OE1 1 
ATOM   339  N  NE2 . GLN A 1 48  ? 4.339   -15.772 -13.309 1.00 58.85 ? 48  GLN A NE2 1 
ATOM   340  N  N   . GLY A 1 49  ? -0.047  -13.936 -9.943  1.00 34.61 ? 49  GLY A N   1 
ATOM   341  C  CA  . GLY A 1 49  ? -1.059  -12.903 -9.680  1.00 32.83 ? 49  GLY A CA  1 
ATOM   342  C  C   . GLY A 1 49  ? -1.305  -12.001 -10.865 1.00 31.99 ? 49  GLY A C   1 
ATOM   343  O  O   . GLY A 1 49  ? -0.361  -11.880 -11.723 1.00 32.30 ? 49  GLY A O   1 
ATOM   344  N  N   . CYS A 1 50  ? -2.489  -11.359 -10.856 1.00 28.80 ? 50  CYS A N   1 
ATOM   345  C  CA  . CYS A 1 50  ? -3.078  -10.586 -11.992 1.00 31.03 ? 50  CYS A CA  1 
ATOM   346  C  C   . CYS A 1 50  ? -2.546  -9.131  -12.039 1.00 29.65 ? 50  CYS A C   1 
ATOM   347  O  O   . CYS A 1 50  ? -2.852  -8.451  -13.039 1.00 31.82 ? 50  CYS A O   1 
ATOM   348  C  CB  . CYS A 1 50  ? -4.615  -10.571 -11.928 1.00 32.64 ? 50  CYS A CB  1 
ATOM   349  S  SG  . CYS A 1 50  ? -5.472  -12.155 -12.223 1.00 40.73 ? 50  CYS A SG  1 
ATOM   350  N  N   . ASP A 1 51  ? -1.798  -8.631  -11.038 1.00 26.90 ? 51  ASP A N   1 
ATOM   351  C  CA  . ASP A 1 51  ? -1.458  -7.173  -10.948 1.00 26.20 ? 51  ASP A CA  1 
ATOM   352  C  C   . ASP A 1 51  ? -0.104  -6.824  -11.588 1.00 26.18 ? 51  ASP A C   1 
ATOM   353  O  O   . ASP A 1 51  ? 0.828   -7.612  -11.530 1.00 27.72 ? 51  ASP A O   1 
ATOM   354  C  CB  . ASP A 1 51  ? -1.508  -6.639  -9.507  1.00 24.06 ? 51  ASP A CB  1 
ATOM   355  C  CG  . ASP A 1 51  ? -2.828  -6.844  -8.812  1.00 24.86 ? 51  ASP A CG  1 
ATOM   356  O  OD1 . ASP A 1 51  ? -3.910  -6.498  -9.402  1.00 26.97 ? 51  ASP A OD1 1 
ATOM   357  O  OD2 . ASP A 1 51  ? -2.775  -7.300  -7.662  1.00 27.02 ? 51  ASP A OD2 1 
ATOM   358  N  N   . THR A 1 52  ? -0.018  -5.598  -12.144 1.00 22.05 ? 52  THR A N   1 
ATOM   359  C  CA  . THR A 1 52  ? 1.166   -4.950  -12.756 1.00 22.62 ? 52  THR A CA  1 
ATOM   360  C  C   . THR A 1 52  ? 1.563   -3.762  -11.888 1.00 20.75 ? 52  THR A C   1 
ATOM   361  O  O   . THR A 1 52  ? 0.680   -3.024  -11.510 1.00 21.37 ? 52  THR A O   1 
ATOM   362  C  CB  . THR A 1 52  ? 0.855   -4.468  -14.176 1.00 24.28 ? 52  THR A CB  1 
ATOM   363  O  OG1 . THR A 1 52  ? 0.571   -5.662  -14.903 1.00 26.08 ? 52  THR A OG1 1 
ATOM   364  C  CG2 . THR A 1 52  ? 1.985   -3.725  -14.855 1.00 25.99 ? 52  THR A CG2 1 
ATOM   365  N  N   . ILE A 1 53  ? 2.836   -3.617  -11.590 1.00 17.99 ? 53  ILE A N   1 
ATOM   366  C  CA  . ILE A 1 53  ? 3.288   -2.499  -10.735 1.00 17.33 ? 53  ILE A CA  1 
ATOM   367  C  C   . ILE A 1 53  ? 3.575   -1.338  -11.685 1.00 19.43 ? 53  ILE A C   1 
ATOM   368  O  O   . ILE A 1 53  ? 4.176   -1.569  -12.763 1.00 17.14 ? 53  ILE A O   1 
ATOM   369  C  CB  . ILE A 1 53  ? 4.475   -2.892  -9.826  1.00 17.25 ? 53  ILE A CB  1 
ATOM   370  C  CG1 . ILE A 1 53  ? 4.191   -4.179  -9.040  1.00 18.49 ? 53  ILE A CG1 1 
ATOM   371  C  CG2 . ILE A 1 53  ? 4.840   -1.751  -8.894  1.00 17.72 ? 53  ILE A CG2 1 
ATOM   372  C  CD1 . ILE A 1 53  ? 2.940   -4.182  -8.198  1.00 17.49 ? 53  ILE A CD1 1 
ATOM   373  N  N   . ALA A 1 54  ? 3.060   -0.160  -11.330 1.00 16.02 ? 54  ALA A N   1 
ATOM   374  C  CA  . ALA A 1 54  ? 3.428   1.120   -11.967 1.00 17.39 ? 54  ALA A CA  1 
ATOM   375  C  C   . ALA A 1 54  ? 4.918   1.371   -11.746 1.00 15.67 ? 54  ALA A C   1 
ATOM   376  O  O   . ALA A 1 54  ? 5.483   1.172   -10.577 1.00 16.37 ? 54  ALA A O   1 
ATOM   377  C  CB  . ALA A 1 54  ? 2.615   2.218   -11.357 1.00 15.55 ? 54  ALA A CB  1 
ATOM   378  N  N   . ARG A 1 55  ? 5.601   1.810   -12.809 1.00 16.22 ? 55  ARG A N   1 
ATOM   379  C  CA  . ARG A 1 55  ? 6.990   2.291   -12.719 1.00 15.71 ? 55  ARG A CA  1 
ATOM   380  C  C   . ARG A 1 55  ? 6.983   3.700   -13.324 1.00 14.32 ? 55  ARG A C   1 
ATOM   381  O  O   . ARG A 1 55  ? 7.046   3.812   -14.524 1.00 16.75 ? 55  ARG A O   1 
ATOM   382  C  CB  . ARG A 1 55  ? 7.942   1.331   -13.452 1.00 18.65 ? 55  ARG A CB  1 
ATOM   383  C  CG  . ARG A 1 55  ? 7.900   -0.120  -12.978 1.00 19.12 ? 55  ARG A CG  1 
ATOM   384  C  CD  . ARG A 1 55  ? 8.410   -0.314  -11.547 1.00 20.71 ? 55  ARG A CD  1 
ATOM   385  N  NE  . ARG A 1 55  ? 8.208   -1.701  -11.127 1.00 19.85 ? 55  ARG A NE  1 
ATOM   386  C  CZ  . ARG A 1 55  ? 8.196   -2.113  -9.862  1.00 21.66 ? 55  ARG A CZ  1 
ATOM   387  N  NH1 . ARG A 1 55  ? 8.426   -1.282  -8.871  1.00 20.34 ? 55  ARG A NH1 1 
ATOM   388  N  NH2 . ARG A 1 55  ? 7.978   -3.386  -9.593  1.00 22.60 ? 55  ARG A NH2 1 
ATOM   389  N  N   . CYS A 1 56  ? 6.954   4.727   -12.480 1.00 14.62 ? 56  CYS A N   1 
ATOM   390  C  CA  . CYS A 1 56  ? 6.493   6.084   -12.846 1.00 15.60 ? 56  CYS A CA  1 
ATOM   391  C  C   . CYS A 1 56  ? 6.573   7.038   -11.644 1.00 16.91 ? 56  CYS A C   1 
ATOM   392  O  O   . CYS A 1 56  ? 6.817   6.617   -10.486 1.00 15.60 ? 56  CYS A O   1 
ATOM   393  C  CB  . CYS A 1 56  ? 5.065   6.050   -13.362 1.00 15.08 ? 56  CYS A CB  1 
ATOM   394  S  SG  . CYS A 1 56  ? 3.837   5.765   -12.051 1.00 16.27 ? 56  CYS A SG  1 
ATOM   395  N  N   A ASP A 1 57  ? 6.421   8.336   -11.882 0.25 17.12 ? 57  ASP A N   1 
ATOM   396  N  N   B ASP A 1 57  ? 6.355   8.308   -11.986 0.25 17.99 ? 57  ASP A N   1 
ATOM   397  C  CA  A ASP A 1 57  ? 6.234   9.338   -10.802 0.25 18.03 ? 57  ASP A CA  1 
ATOM   398  C  CA  B ASP A 1 57  ? 6.320   9.506   -11.113 0.25 19.58 ? 57  ASP A CA  1 
ATOM   399  C  C   A ASP A 1 57  ? 4.875   10.020  -10.972 0.25 19.79 ? 57  ASP A C   1 
ATOM   400  C  C   B ASP A 1 57  ? 4.882   10.039  -10.976 0.25 20.50 ? 57  ASP A C   1 
ATOM   401  O  O   A ASP A 1 57  ? 4.779   11.231  -10.745 0.25 20.11 ? 57  ASP A O   1 
ATOM   402  O  O   B ASP A 1 57  ? 4.737   11.188  -10.503 0.25 20.94 ? 57  ASP A O   1 
ATOM   403  C  CB  A ASP A 1 57  ? 7.344   10.395  -10.811 0.25 19.68 ? 57  ASP A CB  1 
ATOM   404  C  CB  B ASP A 1 57  ? 7.224   10.598  -11.719 0.25 20.70 ? 57  ASP A CB  1 
ATOM   405  C  CG  A ASP A 1 57  ? 7.347   11.271  -12.050 0.25 18.44 ? 57  ASP A CG  1 
ATOM   406  C  CG  B ASP A 1 57  ? 7.859   11.566  -10.729 0.25 21.26 ? 57  ASP A CG  1 
ATOM   407  O  OD1 A ASP A 1 57  ? 6.573   10.997  -12.966 0.25 19.14 ? 57  ASP A OD1 1 
ATOM   408  O  OD1 B ASP A 1 57  ? 8.094   11.150  -9.579  0.25 26.55 ? 57  ASP A OD1 1 
ATOM   409  O  OD2 A ASP A 1 57  ? 8.143   12.220  -12.073 0.25 21.30 ? 57  ASP A OD2 1 
ATOM   410  O  OD2 B ASP A 1 57  ? 8.129   12.734  -11.134 0.25 24.48 ? 57  ASP A OD2 1 
ATOM   411  N  N   . CYS A 1 58  ? 3.843   9.260   -11.320 1.00 19.04 ? 58  CYS A N   1 
ATOM   412  C  CA  . CYS A 1 58  ? 2.449   9.790   -11.329 1.00 17.43 ? 58  CYS A CA  1 
ATOM   413  C  C   . CYS A 1 58  ? 2.050   10.298  -9.949  1.00 16.28 ? 58  CYS A C   1 
ATOM   414  O  O   . CYS A 1 58  ? 2.504   9.758   -8.930  1.00 17.09 ? 58  CYS A O   1 
ATOM   415  C  CB  . CYS A 1 58  ? 1.421   8.751   -11.717 1.00 18.31 ? 58  CYS A CB  1 
ATOM   416  S  SG  . CYS A 1 58  ? 1.460   8.370   -13.466 1.00 17.47 ? 58  CYS A SG  1 
ATOM   417  N  N   . GLN A 1 59  ? 1.308   11.400  -9.976  1.00 17.88 ? 59  GLN A N   1 
ATOM   418  C  CA  . GLN A 1 59  ? 0.698   12.014  -8.778  1.00 17.42 ? 59  GLN A CA  1 
ATOM   419  C  C   . GLN A 1 59  ? -0.812  12.080  -8.989  1.00 16.34 ? 59  GLN A C   1 
ATOM   420  O  O   . GLN A 1 59  ? -1.478  12.686  -8.158  1.00 18.21 ? 59  GLN A O   1 
ATOM   421  C  CB  . GLN A 1 59  ? 1.261   13.405  -8.454  1.00 19.50 ? 59  GLN A CB  1 
ATOM   422  C  CG  . GLN A 1 59  ? 2.653   13.324  -7.860  1.00 19.26 ? 59  GLN A CG  1 
ATOM   423  C  CD  . GLN A 1 59  ? 3.128   14.669  -7.367  1.00 18.88 ? 59  GLN A CD  1 
ATOM   424  O  OE1 . GLN A 1 59  ? 3.902   15.298  -8.058  1.00 20.05 ? 59  GLN A OE1 1 
ATOM   425  N  NE2 . GLN A 1 59  ? 2.636   15.131  -6.210  1.00 17.42 ? 59  GLN A NE2 1 
ATOM   426  N  N   . THR A 1 60  ? -1.352  11.400  -9.990  1.00 16.03 ? 60  THR A N   1 
ATOM   427  C  CA  . THR A 1 60  ? -2.822  11.219  -10.032 1.00 16.15 ? 60  THR A CA  1 
ATOM   428  C  C   . THR A 1 60  ? -3.178  9.751   -10.267 1.00 14.39 ? 60  THR A C   1 
ATOM   429  O  O   . THR A 1 60  ? -2.450  9.039   -10.952 1.00 16.25 ? 60  THR A O   1 
ATOM   430  C  CB  . THR A 1 60  ? -3.472  12.112  -11.088 1.00 17.82 ? 60  THR A CB  1 
ATOM   431  O  OG1 . THR A 1 60  ? -3.005  11.593  -12.306 1.00 25.21 ? 60  THR A OG1 1 
ATOM   432  C  CG2 . THR A 1 60  ? -3.154  13.580  -10.984 1.00 20.07 ? 60  THR A CG2 1 
ATOM   433  N  N   . GLY A 1 61  ? -4.272  9.315   -9.673  1.00 14.36 ? 61  GLY A N   1 
ATOM   434  C  CA  . GLY A 1 61  ? -4.746  7.961   -9.925  1.00 13.35 ? 61  GLY A CA  1 
ATOM   435  C  C   . GLY A 1 61  ? -6.071  7.765   -9.207  1.00 13.41 ? 61  GLY A C   1 
ATOM   436  O  O   . GLY A 1 61  ? -6.774  8.717   -8.995  1.00 14.83 ? 61  GLY A O   1 
ATOM   437  N  N   . VAL A 1 62  ? -6.343  6.525   -8.868  1.00 11.83 ? 62  VAL A N   1 
ATOM   438  C  CA  . VAL A 1 62  ? -7.654  6.122   -8.328  1.00 12.31 ? 62  VAL A CA  1 
ATOM   439  C  C   . VAL A 1 62  ? -7.393  5.106   -7.233  1.00 12.84 ? 62  VAL A C   1 
ATOM   440  O  O   . VAL A 1 62  ? -6.577  4.180   -7.409  1.00 15.01 ? 62  VAL A O   1 
ATOM   441  C  CB  . VAL A 1 62  ? -8.559  5.540   -9.418  1.00 11.99 ? 62  VAL A CB  1 
ATOM   442  C  CG1 . VAL A 1 62  ? -9.848  5.011   -8.825  1.00 11.97 ? 62  VAL A CG1 1 
ATOM   443  C  CG2 . VAL A 1 62  ? -8.864  6.592   -10.471 1.00 13.40 ? 62  VAL A CG2 1 
ATOM   444  N  N   . TYR A 1 63  ? -8.107  5.208   -6.117  1.00 12.79 ? 63  TYR A N   1 
ATOM   445  C  CA  . TYR A 1 63  ? -7.938  4.223   -5.030  1.00 12.10 ? 63  TYR A CA  1 
ATOM   446  C  C   . TYR A 1 63  ? -9.284  3.622   -4.620  1.00 13.05 ? 63  TYR A C   1 
ATOM   447  O  O   . TYR A 1 63  ? -10.306 4.256   -4.753  1.00 15.34 ? 63  TYR A O   1 
ATOM   448  C  CB  . TYR A 1 63  ? -7.239  4.835   -3.828  1.00 14.24 ? 63  TYR A CB  1 
ATOM   449  C  CG  . TYR A 1 63  ? -8.087  5.570   -2.811  1.00 13.51 ? 63  TYR A CG  1 
ATOM   450  C  CD1 . TYR A 1 63  ? -8.473  6.860   -3.081  1.00 15.02 ? 63  TYR A CD1 1 
ATOM   451  C  CD2 . TYR A 1 63  ? -8.505  4.977   -1.629  1.00 14.67 ? 63  TYR A CD2 1 
ATOM   452  C  CE1 . TYR A 1 63  ? -9.173  7.602   -2.141  1.00 17.27 ? 63  TYR A CE1 1 
ATOM   453  C  CE2 . TYR A 1 63  ? -9.249  5.692   -0.712  1.00 15.00 ? 63  TYR A CE2 1 
ATOM   454  C  CZ  . TYR A 1 63  ? -9.628  7.001   -0.997  1.00 17.47 ? 63  TYR A CZ  1 
ATOM   455  O  OH  . TYR A 1 63  ? -10.354 7.700   -0.075  1.00 17.04 ? 63  TYR A OH  1 
ATOM   456  N  N   . TYR A 1 64  ? -9.231  2.416   -4.137  1.00 14.70 ? 64  TYR A N   1 
ATOM   457  C  CA  . TYR A 1 64  ? -10.412 1.754   -3.576  1.00 15.27 ? 64  TYR A CA  1 
ATOM   458  C  C   . TYR A 1 64  ? -10.492 2.044   -2.087  1.00 15.11 ? 64  TYR A C   1 
ATOM   459  O  O   . TYR A 1 64  ? -9.613  1.655   -1.285  1.00 13.00 ? 64  TYR A O   1 
ATOM   460  C  CB  . TYR A 1 64  ? -10.371 0.258   -3.826  1.00 16.21 ? 64  TYR A CB  1 
ATOM   461  C  CG  . TYR A 1 64  ? -11.609 -0.415  -3.328  1.00 15.35 ? 64  TYR A CG  1 
ATOM   462  C  CD1 . TYR A 1 64  ? -12.824 -0.047  -3.884  1.00 18.79 ? 64  TYR A CD1 1 
ATOM   463  C  CD2 . TYR A 1 64  ? -11.569 -1.402  -2.363  1.00 18.15 ? 64  TYR A CD2 1 
ATOM   464  C  CE1 . TYR A 1 64  ? -14.013 -0.610  -3.453  1.00 20.13 ? 64  TYR A CE1 1 
ATOM   465  C  CE2 . TYR A 1 64  ? -12.757 -1.959  -1.905  1.00 18.65 ? 64  TYR A CE2 1 
ATOM   466  C  CZ  . TYR A 1 64  ? -13.962 -1.583  -2.467  1.00 21.44 ? 64  TYR A CZ  1 
ATOM   467  O  OH  . TYR A 1 64  ? -15.106 -2.145  -1.992  1.00 24.30 ? 64  TYR A OH  1 
ATOM   468  N  N   . CYS A 1 65  ? -11.712 2.419   -1.694  1.00 17.74 ? 65  CYS A N   1 
ATOM   469  C  CA  . CYS A 1 65  ? -12.107 2.722   -0.308  1.00 15.30 ? 65  CYS A CA  1 
ATOM   470  C  C   . CYS A 1 65  ? -13.197 1.725   0.097   1.00 16.74 ? 65  CYS A C   1 
ATOM   471  O  O   . CYS A 1 65  ? -14.425 1.929   -0.263  1.00 15.31 ? 65  CYS A O   1 
ATOM   472  C  CB  . CYS A 1 65  ? -12.605 4.154   -0.220  1.00 14.80 ? 65  CYS A CB  1 
ATOM   473  S  SG  . CYS A 1 65  ? -13.158 4.581   1.447   1.00 17.57 ? 65  CYS A SG  1 
ATOM   474  N  N   . SER A 1 66  ? -12.800 0.646   0.772   1.00 15.27 ? 66  SER A N   1 
ATOM   475  C  CA  . SER A 1 66  ? -13.773 -0.394  1.193   1.00 16.84 ? 66  SER A CA  1 
ATOM   476  C  C   . SER A 1 66  ? -14.882 0.193   2.078   1.00 17.02 ? 66  SER A C   1 
ATOM   477  O  O   . SER A 1 66  ? -16.009 -0.297  1.994   1.00 19.50 ? 66  SER A O   1 
ATOM   478  C  CB  . SER A 1 66  ? -13.139 -1.577  1.866   1.00 16.43 ? 66  SER A CB  1 
ATOM   479  O  OG  . SER A 1 66  ? -12.486 -1.206  3.050   1.00 20.20 ? 66  SER A OG  1 
ATOM   480  N  N   . SER A 1 67  ? -14.608 1.210   2.886   1.00 15.43 ? 67  SER A N   1 
ATOM   481  C  CA  . SER A 1 67  ? -15.598 1.787   3.843   1.00 16.25 ? 67  SER A CA  1 
ATOM   482  C  C   . SER A 1 67  ? -16.593 2.689   3.104   1.00 17.19 ? 67  SER A C   1 
ATOM   483  O  O   . SER A 1 67  ? -17.577 3.150   3.772   1.00 18.06 ? 67  SER A O   1 
ATOM   484  C  CB  . SER A 1 67  ? -14.955 2.539   4.957   1.00 18.45 ? 67  SER A CB  1 
ATOM   485  O  OG  . SER A 1 67  ? -14.273 3.728   4.480   1.00 18.82 ? 67  SER A OG  1 
ATOM   486  N  N   . ARG A 1 68  ? -16.476 2.835   1.777   1.00 17.07 ? 68  ARG A N   1 
ATOM   487  C  CA  . ARG A 1 68  ? -17.478 3.527   0.903   1.00 16.75 ? 68  ARG A CA  1 
ATOM   488  C  C   . ARG A 1 68  ? -17.919 2.606   -0.229  1.00 16.15 ? 68  ARG A C   1 
ATOM   489  O  O   . ARG A 1 68  ? -18.815 2.966   -0.978  1.00 18.70 ? 68  ARG A O   1 
ATOM   490  C  CB  . ARG A 1 68  ? -16.881 4.845   0.395   1.00 15.40 ? 68  ARG A CB  1 
ATOM   491  C  CG  . ARG A 1 68  ? -16.586 5.818   1.512   1.00 14.61 ? 68  ARG A CG  1 
ATOM   492  C  CD  . ARG A 1 68  ? -17.870 6.525   2.006   1.00 15.50 ? 68  ARG A CD  1 
ATOM   493  N  NE  . ARG A 1 68  ? -17.610 7.480   3.072   1.00 18.02 ? 68  ARG A NE  1 
ATOM   494  C  CZ  . ARG A 1 68  ? -17.537 7.169   4.377   1.00 17.59 ? 68  ARG A CZ  1 
ATOM   495  N  NH1 . ARG A 1 68  ? -17.726 5.910   4.740   1.00 19.75 ? 68  ARG A NH1 1 
ATOM   496  N  NH2 . ARG A 1 68  ? -17.253 8.091   5.293   1.00 19.06 ? 68  ARG A NH2 1 
ATOM   497  N  N   . ARG A 1 69  ? -17.340 1.419   -0.340  1.00 17.60 ? 69  ARG A N   1 
ATOM   498  C  CA  . ARG A 1 69  ? -17.516 0.541   -1.513  1.00 19.07 ? 69  ARG A CA  1 
ATOM   499  C  C   . ARG A 1 69  ? -17.376 1.394   -2.776  1.00 20.56 ? 69  ARG A C   1 
ATOM   500  O  O   . ARG A 1 69  ? -18.179 1.212   -3.697  1.00 21.67 ? 69  ARG A O   1 
ATOM   501  C  CB  . ARG A 1 69  ? -18.851 -0.207  -1.444  1.00 20.84 ? 69  ARG A CB  1 
ATOM   502  C  CG  . ARG A 1 69  ? -18.947 -1.297  -0.404  1.00 23.25 ? 69  ARG A CG  1 
ATOM   503  C  CD  . ARG A 1 69  ? -20.299 -1.986  -0.576  1.00 24.20 ? 69  ARG A CD  1 
ATOM   504  N  NE  . ARG A 1 69  ? -20.554 -2.898  0.539   1.00 26.15 ? 69  ARG A NE  1 
ATOM   505  C  CZ  . ARG A 1 69  ? -21.563 -2.791  1.417   1.00 28.22 ? 69  ARG A CZ  1 
ATOM   506  N  NH1 . ARG A 1 69  ? -22.417 -1.774  1.377   1.00 27.45 ? 69  ARG A NH1 1 
ATOM   507  N  NH2 . ARG A 1 69  ? -21.674 -3.686  2.385   1.00 26.18 ? 69  ARG A NH2 1 
ATOM   508  N  N   . LYS A 1 70  ? -16.326 2.223   -2.867  1.00 20.31 ? 70  LYS A N   1 
ATOM   509  C  CA  . LYS A 1 70  ? -16.156 3.146   -4.023  1.00 20.65 ? 70  LYS A CA  1 
ATOM   510  C  C   . LYS A 1 70  ? -14.673 3.316   -4.333  1.00 16.08 ? 70  LYS A C   1 
ATOM   511  O  O   . LYS A 1 70  ? -13.868 3.249   -3.421  1.00 20.75 ? 70  LYS A O   1 
ATOM   512  C  CB  . LYS A 1 70  ? -16.750 4.545   -3.803  1.00 24.96 ? 70  LYS A CB  1 
ATOM   513  C  CG  . LYS A 1 70  ? -18.265 4.627   -3.990  1.00 31.22 ? 70  LYS A CG  1 
ATOM   514  C  CD  . LYS A 1 70  ? -18.774 6.031   -4.119  1.00 36.98 ? 70  LYS A CD  1 
ATOM   515  C  CE  . LYS A 1 70  ? -20.286 6.116   -4.195  1.00 41.99 ? 70  LYS A CE  1 
ATOM   516  N  NZ  . LYS A 1 70  ? -20.933 5.418   -3.057  1.00 48.96 ? 70  LYS A NZ  1 
ATOM   517  N  N   . HIS A 1 71  ? -14.426 3.548   -5.604  1.00 18.40 ? 71  HIS A N   1 
ATOM   518  C  CA  . HIS A 1 71  ? -13.106 3.964   -6.110  1.00 16.94 ? 71  HIS A CA  1 
ATOM   519  C  C   . HIS A 1 71  ? -13.170 5.484   -6.307  1.00 19.02 ? 71  HIS A C   1 
ATOM   520  O  O   . HIS A 1 71  ? -14.162 6.006   -6.902  1.00 21.30 ? 71  HIS A O   1 
ATOM   521  C  CB  . HIS A 1 71  ? -12.728 3.249   -7.387  1.00 17.24 ? 71  HIS A CB  1 
ATOM   522  C  CG  . HIS A 1 71  ? -12.643 1.762   -7.338  1.00 18.22 ? 71  HIS A CG  1 
ATOM   523  N  ND1 . HIS A 1 71  ? -11.442 1.073   -7.341  1.00 19.62 ? 71  HIS A ND1 1 
ATOM   524  C  CD2 . HIS A 1 71  ? -13.595 0.836   -7.164  1.00 19.56 ? 71  HIS A CD2 1 
ATOM   525  C  CE1 . HIS A 1 71  ? -11.673 -0.196  -7.168  1.00 15.80 ? 71  HIS A CE1 1 
ATOM   526  N  NE2 . HIS A 1 71  ? -12.962 -0.380  -7.103  1.00 21.99 ? 71  HIS A NE2 1 
ATOM   527  N  N   . TYR A 1 72  ? -12.168 6.199   -5.829  1.00 15.73 ? 72  TYR A N   1 
ATOM   528  C  CA  . TYR A 1 72  ? -12.113 7.676   -5.903  1.00 15.59 ? 72  TYR A CA  1 
ATOM   529  C  C   . TYR A 1 72  ? -10.872 8.092   -6.662  1.00 14.62 ? 72  TYR A C   1 
ATOM   530  O  O   . TYR A 1 72  ? -9.786  7.604   -6.408  1.00 14.59 ? 72  TYR A O   1 
ATOM   531  C  CB  . TYR A 1 72  ? -12.014 8.358   -4.533  1.00 15.84 ? 72  TYR A CB  1 
ATOM   532  C  CG  . TYR A 1 72  ? -13.216 8.199   -3.654  1.00 17.17 ? 72  TYR A CG  1 
ATOM   533  C  CD1 . TYR A 1 72  ? -14.282 9.062   -3.783  1.00 19.14 ? 72  TYR A CD1 1 
ATOM   534  C  CD2 . TYR A 1 72  ? -13.252 7.231   -2.687  1.00 17.18 ? 72  TYR A CD2 1 
ATOM   535  C  CE1 . TYR A 1 72  ? -15.424 8.885   -3.000  1.00 18.57 ? 72  TYR A CE1 1 
ATOM   536  C  CE2 . TYR A 1 72  ? -14.361 7.061   -1.870  1.00 17.73 ? 72  TYR A CE2 1 
ATOM   537  C  CZ  . TYR A 1 72  ? -15.466 7.877   -2.059  1.00 19.23 ? 72  TYR A CZ  1 
ATOM   538  O  OH  . TYR A 1 72  ? -16.578 7.670   -1.281  1.00 19.45 ? 72  TYR A OH  1 
ATOM   539  N  N   . PRO A 1 73  ? -11.022 9.059   -7.564  1.00 14.33 ? 73  PRO A N   1 
ATOM   540  C  CA  . PRO A 1 73  ? -9.861  9.632   -8.205  1.00 13.90 ? 73  PRO A CA  1 
ATOM   541  C  C   . PRO A 1 73  ? -9.253  10.583  -7.185  1.00 16.87 ? 73  PRO A C   1 
ATOM   542  O  O   . PRO A 1 73  ? -9.980  11.419  -6.621  1.00 19.72 ? 73  PRO A O   1 
ATOM   543  C  CB  . PRO A 1 73  ? -10.405 10.434  -9.415  1.00 15.56 ? 73  PRO A CB  1 
ATOM   544  C  CG  . PRO A 1 73  ? -11.923 10.525  -9.190  1.00 18.54 ? 73  PRO A CG  1 
ATOM   545  C  CD  . PRO A 1 73  ? -12.303 9.562   -8.090  1.00 16.41 ? 73  PRO A CD  1 
ATOM   546  N  N   . VAL A 1 74  ? -7.930  10.542  -7.091  1.00 14.93 ? 74  VAL A N   1 
ATOM   547  C  CA  . VAL A 1 74  ? -7.171  11.432  -6.173  1.00 14.32 ? 74  VAL A CA  1 
ATOM   548  C  C   . VAL A 1 74  ? -5.894  11.944  -6.857  1.00 14.44 ? 74  VAL A C   1 
ATOM   549  O  O   . VAL A 1 74  ? -5.313  11.287  -7.753  1.00 15.17 ? 74  VAL A O   1 
ATOM   550  C  CB  . VAL A 1 74  ? -6.814  10.676  -4.883  1.00 15.34 ? 74  VAL A CB  1 
ATOM   551  C  CG1 . VAL A 1 74  ? -8.034  10.447  -4.023  1.00 16.08 ? 74  VAL A CG1 1 
ATOM   552  C  CG2 . VAL A 1 74  ? -6.126  9.370   -5.225  1.00 16.62 ? 74  VAL A CG2 1 
ATOM   553  N  N   . SER A 1 75  ? -5.465  13.113  -6.400  1.00 14.02 ? 75  SER A N   1 
ATOM   554  C  CA  . SER A 1 75  ? -4.087  13.626  -6.477  1.00 16.09 ? 75  SER A CA  1 
ATOM   555  C  C   . SER A 1 75  ? -3.348  13.227  -5.199  1.00 14.34 ? 75  SER A C   1 
ATOM   556  O  O   . SER A 1 75  ? -3.925  13.245  -4.150  1.00 15.35 ? 75  SER A O   1 
ATOM   557  C  CB  . SER A 1 75  ? -4.066  15.137  -6.650  1.00 17.96 ? 75  SER A CB  1 
ATOM   558  O  OG  . SER A 1 75  ? -4.820  15.489  -7.808  1.00 22.96 ? 75  SER A OG  1 
ATOM   559  N  N   . PHE A 1 76  ? -2.102  12.813  -5.315  1.00 15.15 ? 76  PHE A N   1 
ATOM   560  C  CA  . PHE A 1 76  ? -1.338  12.359  -4.139  1.00 14.20 ? 76  PHE A CA  1 
ATOM   561  C  C   . PHE A 1 76  ? 0.075   12.915  -4.210  1.00 15.79 ? 76  PHE A C   1 
ATOM   562  O  O   . PHE A 1 76  ? 0.624   13.128  -5.365  1.00 18.11 ? 76  PHE A O   1 
ATOM   563  C  CB  . PHE A 1 76  ? -1.413  10.825  -3.952  1.00 14.84 ? 76  PHE A CB  1 
ATOM   564  C  CG  . PHE A 1 76  ? -0.990  10.000  -5.163  1.00 14.27 ? 76  PHE A CG  1 
ATOM   565  C  CD1 . PHE A 1 76  ? -1.882  9.735   -6.183  1.00 14.02 ? 76  PHE A CD1 1 
ATOM   566  C  CD2 . PHE A 1 76  ? 0.311   9.550   -5.326  1.00 15.67 ? 76  PHE A CD2 1 
ATOM   567  C  CE1 . PHE A 1 76  ? -1.542  8.983   -7.301  1.00 14.27 ? 76  PHE A CE1 1 
ATOM   568  C  CE2 . PHE A 1 76  ? 0.667   8.845   -6.459  1.00 13.15 ? 76  PHE A CE2 1 
ATOM   569  C  CZ  . PHE A 1 76  ? -0.253  8.561   -7.432  1.00 14.66 ? 76  PHE A CZ  1 
ATOM   570  N  N   . SER A 1 77  ? 0.640   13.124  -3.014  1.00 17.56 ? 77  SER A N   1 
ATOM   571  C  CA  . SER A 1 77  ? 2.067   13.540  -2.881  1.00 19.34 ? 77  SER A CA  1 
ATOM   572  C  C   . SER A 1 77  ? 3.053   12.445  -3.298  1.00 19.20 ? 77  SER A C   1 
ATOM   573  O  O   . SER A 1 77  ? 2.709   11.313  -3.392  1.00 19.86 ? 77  SER A O   1 
ATOM   574  C  CB  . SER A 1 77  ? 2.287   14.001  -1.491  1.00 17.80 ? 77  SER A CB  1 
ATOM   575  O  OG  . SER A 1 77  ? 2.085   12.985  -0.528  1.00 20.22 ? 77  SER A OG  1 
ATOM   576  N  N   . LYS A 1 78  ? 4.292   12.813  -3.650  1.00 21.32 ? 78  LYS A N   1 
ATOM   577  C  CA  . LYS A 1 78  ? 5.352   11.788  -3.919  1.00 18.98 ? 78  LYS A CA  1 
ATOM   578  C  C   . LYS A 1 78  ? 5.752   11.127  -2.611  1.00 17.50 ? 78  LYS A C   1 
ATOM   579  O  O   . LYS A 1 78  ? 5.532   11.668  -1.526  1.00 20.11 ? 78  LYS A O   1 
ATOM   580  C  CB  . LYS A 1 78  ? 6.557   12.400  -4.636  1.00 21.00 ? 78  LYS A CB  1 
ATOM   581  C  CG  . LYS A 1 78  ? 6.188   13.113  -5.926  1.00 20.66 ? 78  LYS A CG  1 
ATOM   582  C  CD  . LYS A 1 78  ? 7.334   13.835  -6.583  1.00 23.62 ? 78  LYS A CD  1 
ATOM   583  C  CE  . LYS A 1 78  ? 6.999   14.210  -8.015  1.00 28.81 ? 78  LYS A CE  1 
ATOM   584  N  NZ  . LYS A 1 78  ? 8.226   14.571  -8.778  1.00 32.65 ? 78  LYS A NZ  1 
ATOM   585  N  N   . PRO A 1 79  ? 6.232   9.868   -2.697  1.00 16.74 ? 79  PRO A N   1 
ATOM   586  C  CA  . PRO A 1 79  ? 6.579   9.124   -1.489  1.00 16.64 ? 79  PRO A CA  1 
ATOM   587  C  C   . PRO A 1 79  ? 7.543   9.938   -0.619  1.00 18.74 ? 79  PRO A C   1 
ATOM   588  O  O   . PRO A 1 79  ? 8.554   10.391  -1.172  1.00 21.73 ? 79  PRO A O   1 
ATOM   589  C  CB  . PRO A 1 79  ? 7.256   7.886   -2.086  1.00 17.65 ? 79  PRO A CB  1 
ATOM   590  C  CG  . PRO A 1 79  ? 6.587   7.654   -3.422  1.00 16.84 ? 79  PRO A CG  1 
ATOM   591  C  CD  . PRO A 1 79  ? 6.376   9.063   -3.944  1.00 16.85 ? 79  PRO A CD  1 
ATOM   592  N  N   . SER A 1 80  ? 7.228   10.077  0.673   0.26 20.41 ? 80  SER A N   1 
ATOM   593  C  CA  . SER A 1 80  ? 7.952   10.912  1.670   0.26 23.37 ? 80  SER A CA  1 
ATOM   594  C  C   . SER A 1 80  ? 7.974   10.239  3.053   0.26 24.96 ? 80  SER A C   1 
ATOM   595  O  O   . SER A 1 80  ? 7.268   9.226   3.279   0.26 21.70 ? 80  SER A O   1 
ATOM   596  C  CB  . SER A 1 80  ? 7.339   12.293  1.833   0.26 25.30 ? 80  SER A CB  1 
ATOM   597  O  OG  . SER A 1 80  ? 6.554   12.681  0.726   0.26 27.63 ? 80  SER A OG  1 
ATOM   598  N  N   . LEU A 1 81  ? 8.720   10.854  3.975   1.00 23.68 ? 81  LEU A N   1 
ATOM   599  C  CA  . LEU A 1 81  ? 8.862   10.407  5.377   1.00 26.21 ? 81  LEU A CA  1 
ATOM   600  C  C   . LEU A 1 81  ? 7.941   11.310  6.177   1.00 27.23 ? 81  LEU A C   1 
ATOM   601  O  O   . LEU A 1 81  ? 8.190   12.522  6.209   1.00 26.60 ? 81  LEU A O   1 
ATOM   602  C  CB  . LEU A 1 81  ? 10.332  10.488  5.801   1.00 25.75 ? 81  LEU A CB  1 
ATOM   603  C  CG  . LEU A 1 81  ? 10.584  10.253  7.288   1.00 32.58 ? 81  LEU A CG  1 
ATOM   604  C  CD1 . LEU A 1 81  ? 10.113  8.848   7.665   1.00 33.36 ? 81  LEU A CD1 1 
ATOM   605  C  CD2 . LEU A 1 81  ? 12.068  10.426  7.611   1.00 30.77 ? 81  LEU A CD2 1 
ATOM   606  N  N   . ILE A 1 82  ? 6.845   10.749  6.678   1.00 21.73 ? 82  ILE A N   1 
ATOM   607  C  CA  . ILE A 1 82  ? 5.729   11.571  7.202   1.00 23.40 ? 82  ILE A CA  1 
ATOM   608  C  C   . ILE A 1 82  ? 5.424   11.139  8.615   1.00 24.58 ? 82  ILE A C   1 
ATOM   609  O  O   . ILE A 1 82  ? 5.283   9.921   8.829   1.00 24.49 ? 82  ILE A O   1 
ATOM   610  C  CB  . ILE A 1 82  ? 4.448   11.422  6.355   1.00 25.37 ? 82  ILE A CB  1 
ATOM   611  C  CG1 . ILE A 1 82  ? 4.661   11.761  4.877   1.00 30.70 ? 82  ILE A CG1 1 
ATOM   612  C  CG2 . ILE A 1 82  ? 3.307   12.206  6.967   1.00 23.80 ? 82  ILE A CG2 1 
ATOM   613  C  CD1 . ILE A 1 82  ? 4.910   13.227  4.623   1.00 33.83 ? 82  ILE A CD1 1 
ATOM   614  N  N   . PHE A 1 83  ? 5.132   12.103  9.467   1.00 21.69 ? 83  PHE A N   1 
ATOM   615  C  CA  . PHE A 1 83  ? 4.567   11.831  10.803  1.00 25.15 ? 83  PHE A CA  1 
ATOM   616  C  C   . PHE A 1 83  ? 3.114   11.385  10.653  1.00 24.00 ? 83  PHE A C   1 
ATOM   617  O  O   . PHE A 1 83  ? 2.272   12.093  9.991   1.00 23.65 ? 83  PHE A O   1 
ATOM   618  C  CB  . PHE A 1 83  ? 4.666   13.020  11.765  1.00 27.41 ? 83  PHE A CB  1 
ATOM   619  C  CG  . PHE A 1 83  ? 4.396   12.594  13.183  1.00 27.01 ? 83  PHE A CG  1 
ATOM   620  C  CD1 . PHE A 1 83  ? 5.283   11.754  13.843  1.00 31.28 ? 83  PHE A CD1 1 
ATOM   621  C  CD2 . PHE A 1 83  ? 3.216   12.938  13.826  1.00 32.75 ? 83  PHE A CD2 1 
ATOM   622  C  CE1 . PHE A 1 83  ? 5.049   11.345  15.151  1.00 30.50 ? 83  PHE A CE1 1 
ATOM   623  C  CE2 . PHE A 1 83  ? 2.969   12.518  15.128  1.00 31.37 ? 83  PHE A CE2 1 
ATOM   624  C  CZ  . PHE A 1 83  ? 3.878   11.704  15.779  1.00 32.28 ? 83  PHE A CZ  1 
ATOM   625  N  N   . VAL A 1 84  ? 2.786   10.229  11.233  1.00 23.93 ? 84  VAL A N   1 
ATOM   626  C  CA  . VAL A 1 84  ? 1.399   9.714   11.233  1.00 23.13 ? 84  VAL A CA  1 
ATOM   627  C  C   . VAL A 1 84  ? 0.847   9.700   12.673  1.00 22.66 ? 84  VAL A C   1 
ATOM   628  O  O   . VAL A 1 84  ? 1.478   9.152   13.537  1.00 26.58 ? 84  VAL A O   1 
ATOM   629  C  CB  . VAL A 1 84  ? 1.372   8.319   10.579  1.00 23.89 ? 84  VAL A CB  1 
ATOM   630  C  CG1 . VAL A 1 84  ? -0.045  7.809   10.478  1.00 24.79 ? 84  VAL A CG1 1 
ATOM   631  C  CG2 . VAL A 1 84  ? 2.076   8.385   9.238   1.00 22.35 ? 84  VAL A CG2 1 
ATOM   632  N  N   . GLU A 1 85  ? -0.350  10.217  12.924  1.00 25.65 ? 85  GLU A N   1 
ATOM   633  C  CA  . GLU A 1 85  ? -0.966  10.155  14.272  1.00 26.10 ? 85  GLU A CA  1 
ATOM   634  C  C   . GLU A 1 85  ? -1.368  8.711   14.610  1.00 28.50 ? 85  GLU A C   1 
ATOM   635  O  O   . GLU A 1 85  ? -1.410  7.821   13.687  1.00 25.10 ? 85  GLU A O   1 
ATOM   636  C  CB  . GLU A 1 85  ? -2.209  11.040  14.369  1.00 27.52 ? 85  GLU A CB  1 
ATOM   637  C  CG  . GLU A 1 85  ? -1.920  12.527  14.209  1.00 32.03 ? 85  GLU A CG  1 
ATOM   638  C  CD  . GLU A 1 85  ? -0.932  13.127  15.194  1.00 33.30 ? 85  GLU A CD  1 
ATOM   639  O  OE1 . GLU A 1 85  ? -0.831  12.617  16.345  1.00 34.43 ? 85  GLU A OE1 1 
ATOM   640  O  OE2 . GLU A 1 85  ? -0.226  14.079  14.808  1.00 34.20 ? 85  GLU A OE2 1 
ATOM   641  N  N   . ALA A 1 86  ? -1.721  8.477   15.867  1.00 30.08 ? 86  ALA A N   1 
ATOM   642  C  CA  . ALA A 1 86  ? -1.975  7.106   16.366  1.00 29.08 ? 86  ALA A CA  1 
ATOM   643  C  C   . ALA A 1 86  ? -3.215  6.588   15.648  1.00 31.67 ? 86  ALA A C   1 
ATOM   644  O  O   . ALA A 1 86  ? -4.173  7.394   15.399  1.00 30.67 ? 86  ALA A O   1 
ATOM   645  C  CB  . ALA A 1 86  ? -2.129  7.106   17.870  1.00 32.56 ? 86  ALA A CB  1 
ATOM   646  N  N   . SER A 1 87  ? -3.199  5.310   15.277  1.00 29.54 ? 87  SER A N   1 
ATOM   647  C  CA  . SER A 1 87  ? -4.383  4.612   14.720  1.00 30.65 ? 87  SER A CA  1 
ATOM   648  C  C   . SER A 1 87  ? -4.699  3.432   15.635  1.00 36.21 ? 87  SER A C   1 
ATOM   649  O  O   . SER A 1 87  ? -3.900  3.200   16.562  1.00 34.24 ? 87  SER A O   1 
ATOM   650  C  CB  . SER A 1 87  ? -4.105  4.161   13.324  1.00 30.19 ? 87  SER A CB  1 
ATOM   651  O  OG  . SER A 1 87  ? -3.052  3.211   13.364  1.00 26.52 ? 87  SER A OG  1 
ATOM   652  N  N   . GLU A 1 88  ? -5.763  2.680   15.334  1.00 38.73 ? 88  GLU A N   1 
ATOM   653  C  CA  . GLU A 1 88  ? -6.098  1.445   16.098  1.00 38.00 ? 88  GLU A CA  1 
ATOM   654  C  C   . GLU A 1 88  ? -4.943  0.426   15.972  1.00 35.90 ? 88  GLU A C   1 
ATOM   655  O  O   . GLU A 1 88  ? -4.803  -0.360  16.889  1.00 30.08 ? 88  GLU A O   1 
ATOM   656  C  CB  . GLU A 1 88  ? -7.474  0.918   15.674  1.00 43.51 ? 88  GLU A CB  1 
ATOM   657  C  CG  . GLU A 1 88  ? -7.481  0.178   14.352  1.00 49.99 ? 88  GLU A CG  1 
ATOM   658  C  CD  . GLU A 1 88  ? -8.708  -0.691  14.102  1.00 55.36 ? 88  GLU A CD  1 
ATOM   659  O  OE1 . GLU A 1 88  ? -9.816  -0.332  14.578  1.00 46.98 ? 88  GLU A OE1 1 
ATOM   660  O  OE2 . GLU A 1 88  ? -8.543  -1.735  13.427  1.00 62.09 ? 88  GLU A OE2 1 
ATOM   661  N  N   . TYR A 1 89  ? -4.084  0.492   14.937  1.00 34.11 ? 89  TYR A N   1 
ATOM   662  C  CA  . TYR A 1 89  ? -3.080  -0.574  14.631  1.00 30.32 ? 89  TYR A CA  1 
ATOM   663  C  C   . TYR A 1 89  ? -1.625  -0.081  14.759  1.00 31.18 ? 89  TYR A C   1 
ATOM   664  O  O   . TYR A 1 89  ? -0.670  -0.936  14.755  1.00 30.58 ? 89  TYR A O   1 
ATOM   665  C  CB  . TYR A 1 89  ? -3.384  -1.168  13.252  1.00 31.31 ? 89  TYR A CB  1 
ATOM   666  C  CG  . TYR A 1 89  ? -3.536  -0.161  12.132  1.00 26.58 ? 89  TYR A CG  1 
ATOM   667  C  CD1 . TYR A 1 89  ? -4.768  0.401   11.827  1.00 25.83 ? 89  TYR A CD1 1 
ATOM   668  C  CD2 . TYR A 1 89  ? -2.439  0.266   11.399  1.00 25.75 ? 89  TYR A CD2 1 
ATOM   669  C  CE1 . TYR A 1 89  ? -4.897  1.338   10.818  1.00 23.01 ? 89  TYR A CE1 1 
ATOM   670  C  CE2 . TYR A 1 89  ? -2.548  1.214   10.399  1.00 26.38 ? 89  TYR A CE2 1 
ATOM   671  C  CZ  . TYR A 1 89  ? -3.789  1.725   10.077  1.00 26.02 ? 89  TYR A CZ  1 
ATOM   672  O  OH  . TYR A 1 89  ? -3.909  2.646   9.072   1.00 23.49 ? 89  TYR A OH  1 
ATOM   673  N  N   . TYR A 1 90  ? -1.386  1.226   14.902  1.00 29.81 ? 90  TYR A N   1 
ATOM   674  C  CA  . TYR A 1 90  ? -0.009  1.746   15.132  1.00 27.32 ? 90  TYR A CA  1 
ATOM   675  C  C   . TYR A 1 90  ? -0.008  2.960   16.067  1.00 27.88 ? 90  TYR A C   1 
ATOM   676  O  O   . TYR A 1 90  ? -0.976  3.728   16.145  1.00 27.59 ? 90  TYR A O   1 
ATOM   677  C  CB  . TYR A 1 90  ? 0.674   2.180   13.829  1.00 29.26 ? 90  TYR A CB  1 
ATOM   678  C  CG  . TYR A 1 90  ? 1.265   1.110   12.938  1.00 27.35 ? 90  TYR A CG  1 
ATOM   679  C  CD1 . TYR A 1 90  ? 2.180   0.161   13.398  1.00 25.71 ? 90  TYR A CD1 1 
ATOM   680  C  CD2 . TYR A 1 90  ? 1.036   1.147   11.570  1.00 26.43 ? 90  TYR A CD2 1 
ATOM   681  C  CE1 . TYR A 1 90  ? 2.753   -0.773  12.543  1.00 27.31 ? 90  TYR A CE1 1 
ATOM   682  C  CE2 . TYR A 1 90  ? 1.628   0.237   10.707  1.00 22.60 ? 90  TYR A CE2 1 
ATOM   683  C  CZ  . TYR A 1 90  ? 2.468   -0.751  11.190  1.00 24.39 ? 90  TYR A CZ  1 
ATOM   684  O  OH  . TYR A 1 90  ? 3.044   -1.623  10.296  1.00 25.15 ? 90  TYR A OH  1 
ATOM   685  N  N   . PRO A 1 91  ? 1.129   3.208   16.762  1.00 27.89 ? 91  PRO A N   1 
ATOM   686  C  CA  . PRO A 1 91  ? 1.235   4.380   17.627  1.00 29.60 ? 91  PRO A CA  1 
ATOM   687  C  C   . PRO A 1 91  ? 1.445   5.560   16.675  1.00 30.81 ? 91  PRO A C   1 
ATOM   688  O  O   . PRO A 1 91  ? 1.694   5.319   15.512  1.00 26.89 ? 91  PRO A O   1 
ATOM   689  C  CB  . PRO A 1 91  ? 2.512   4.095   18.434  1.00 24.76 ? 91  PRO A CB  1 
ATOM   690  C  CG  . PRO A 1 91  ? 3.376   3.304   17.466  1.00 25.83 ? 91  PRO A CG  1 
ATOM   691  C  CD  . PRO A 1 91  ? 2.380   2.433   16.718  1.00 25.59 ? 91  PRO A CD  1 
ATOM   692  N  N   . ALA A 1 92  ? 1.409   6.781   17.188  1.00 30.76 ? 92  ALA A N   1 
ATOM   693  C  CA  . ALA A 1 92  ? 1.960   7.945   16.467  1.00 27.82 ? 92  ALA A CA  1 
ATOM   694  C  C   . ALA A 1 92  ? 3.428   7.629   16.134  1.00 26.51 ? 92  ALA A C   1 
ATOM   695  O  O   . ALA A 1 92  ? 4.200   7.208   17.021  1.00 33.35 ? 92  ALA A O   1 
ATOM   696  C  CB  . ALA A 1 92  ? 1.775   9.175   17.328  1.00 25.94 ? 92  ALA A CB  1 
ATOM   697  N  N   . ARG A 1 93  ? 3.824   7.770   14.876  1.00 28.04 ? 93  ARG A N   1 
ATOM   698  C  CA  . ARG A 1 93  ? 5.211   7.476   14.438  1.00 26.70 ? 93  ARG A CA  1 
ATOM   699  C  C   . ARG A 1 93  ? 5.430   8.042   13.025  1.00 29.26 ? 93  ARG A C   1 
ATOM   700  O  O   . ARG A 1 93  ? 4.437   8.422   12.360  1.00 28.73 ? 93  ARG A O   1 
ATOM   701  C  CB  . ARG A 1 93  ? 5.387   5.950   14.485  1.00 28.46 ? 93  ARG A CB  1 
ATOM   702  C  CG  . ARG A 1 93  ? 4.524   5.255   13.444  1.00 28.37 ? 93  ARG A CG  1 
ATOM   703  C  CD  . ARG A 1 93  ? 4.490   3.749   13.451  1.00 30.72 ? 93  ARG A CD  1 
ATOM   704  N  NE  . ARG A 1 93  ? 4.222   3.371   12.072  1.00 29.03 ? 93  ARG A NE  1 
ATOM   705  C  CZ  . ARG A 1 93  ? 4.921   2.486   11.348  1.00 31.54 ? 93  ARG A CZ  1 
ATOM   706  N  NH1 . ARG A 1 93  ? 5.879   1.742   11.893  1.00 30.39 ? 93  ARG A NH1 1 
ATOM   707  N  NH2 . ARG A 1 93  ? 4.586   2.295   10.084  1.00 28.08 ? 93  ARG A NH2 1 
ATOM   708  N  N   . TYR A 1 94  ? 6.683   8.069   12.599  1.00 26.55 ? 94  TYR A N   1 
ATOM   709  C  CA  . TYR A 1 94  ? 7.132   8.383   11.224  1.00 27.78 ? 94  TYR A CA  1 
ATOM   710  C  C   . TYR A 1 94  ? 7.017   7.133   10.353  1.00 32.41 ? 94  TYR A C   1 
ATOM   711  O  O   . TYR A 1 94  ? 7.437   6.047   10.770  1.00 30.70 ? 94  TYR A O   1 
ATOM   712  C  CB  . TYR A 1 94  ? 8.559   8.911   11.241  1.00 27.54 ? 94  TYR A CB  1 
ATOM   713  C  CG  . TYR A 1 94  ? 8.563   10.369  11.617  1.00 26.39 ? 94  TYR A CG  1 
ATOM   714  C  CD1 . TYR A 1 94  ? 8.244   11.339  10.682  1.00 29.51 ? 94  TYR A CD1 1 
ATOM   715  C  CD2 . TYR A 1 94  ? 8.811   10.777  12.920  1.00 31.85 ? 94  TYR A CD2 1 
ATOM   716  C  CE1 . TYR A 1 94  ? 8.212   12.685  11.016  1.00 30.54 ? 94  TYR A CE1 1 
ATOM   717  C  CE2 . TYR A 1 94  ? 8.755   12.118  13.274  1.00 32.88 ? 94  TYR A CE2 1 
ATOM   718  C  CZ  . TYR A 1 94  ? 8.464   13.077  12.315  1.00 35.15 ? 94  TYR A CZ  1 
ATOM   719  O  OH  . TYR A 1 94  ? 8.441   14.400  12.651  1.00 43.66 ? 94  TYR A OH  1 
ATOM   720  N  N   . GLN A 1 95  ? 6.410   7.293   9.184   1.00 24.78 ? 95  GLN A N   1 
ATOM   721  C  CA  . GLN A 1 95  ? 6.257   6.237   8.153   1.00 22.21 ? 95  GLN A CA  1 
ATOM   722  C  C   . GLN A 1 95  ? 6.957   6.712   6.888   1.00 23.97 ? 95  GLN A C   1 
ATOM   723  O  O   . GLN A 1 95  ? 6.723   7.909   6.523   1.00 21.60 ? 95  GLN A O   1 
ATOM   724  C  CB  . GLN A 1 95  ? 4.782   5.977   7.910   1.00 23.87 ? 95  GLN A CB  1 
ATOM   725  C  CG  . GLN A 1 95  ? 4.561   4.831   6.937   1.00 24.58 ? 95  GLN A CG  1 
ATOM   726  C  CD  . GLN A 1 95  ? 3.216   4.156   7.141   1.00 25.16 ? 95  GLN A CD  1 
ATOM   727  O  OE1 . GLN A 1 95  ? 2.673   4.064   8.228   1.00 23.69 ? 95  GLN A OE1 1 
ATOM   728  N  NE2 . GLN A 1 95  ? 2.678   3.642   6.067   1.00 24.49 ? 95  GLN A NE2 1 
ATOM   729  N  N   . SER A 1 96  ? 7.803   5.880   6.266   1.00 19.74 ? 96  SER A N   1 
ATOM   730  C  CA  . SER A 1 96  ? 8.588   6.210   5.054   1.00 20.90 ? 96  SER A CA  1 
ATOM   731  C  C   . SER A 1 96  ? 7.815   5.769   3.806   1.00 21.52 ? 96  SER A C   1 
ATOM   732  O  O   . SER A 1 96  ? 6.893   4.916   3.934   1.00 19.16 ? 96  SER A O   1 
ATOM   733  C  CB  . SER A 1 96  ? 9.936   5.566   5.035   1.00 23.14 ? 96  SER A CB  1 
ATOM   734  O  OG  . SER A 1 96  ? 9.832   4.161   5.248   1.00 22.89 ? 96  SER A OG  1 
ATOM   735  N  N   . HIS A 1 97  ? 8.210   6.295   2.661   1.00 19.18 ? 97  HIS A N   1 
ATOM   736  C  CA  . HIS A 1 97  ? 7.654   5.941   1.341   1.00 17.64 ? 97  HIS A CA  1 
ATOM   737  C  C   . HIS A 1 97  ? 6.120   6.139   1.367   1.00 18.48 ? 97  HIS A C   1 
ATOM   738  O  O   . HIS A 1 97  ? 5.459   5.345   0.771   1.00 17.21 ? 97  HIS A O   1 
ATOM   739  C  CB  . HIS A 1 97  ? 8.110   4.505   1.091   1.00 19.95 ? 97  HIS A CB  1 
ATOM   740  C  CG  . HIS A 1 97  ? 9.592   4.370   0.963   1.00 18.85 ? 97  HIS A CG  1 
ATOM   741  N  ND1 . HIS A 1 97  ? 10.234  4.530   -0.243  1.00 19.92 ? 97  HIS A ND1 1 
ATOM   742  C  CD2 . HIS A 1 97  ? 10.539  4.024   1.865   1.00 24.94 ? 97  HIS A CD2 1 
ATOM   743  C  CE1 . HIS A 1 97  ? 11.526  4.282   -0.075  1.00 21.36 ? 97  HIS A CE1 1 
ATOM   744  N  NE2 . HIS A 1 97  ? 11.746  4.003   1.189   1.00 24.91 ? 97  HIS A NE2 1 
ATOM   745  N  N   . LEU A 1 98  ? 5.621   7.136   2.074   1.00 16.65 ? 98  LEU A N   1 
ATOM   746  C  CA  . LEU A 1 98  ? 4.176   7.348   2.287   1.00 16.33 ? 98  LEU A CA  1 
ATOM   747  C  C   . LEU A 1 98  ? 3.742   8.491   1.358   1.00 17.66 ? 98  LEU A C   1 
ATOM   748  O  O   . LEU A 1 98  ? 4.449   9.507   1.306   1.00 20.25 ? 98  LEU A O   1 
ATOM   749  C  CB  . LEU A 1 98  ? 3.880   7.738   3.725   1.00 16.90 ? 98  LEU A CB  1 
ATOM   750  C  CG  . LEU A 1 98  ? 2.376   7.763   4.065   1.00 18.74 ? 98  LEU A CG  1 
ATOM   751  C  CD1 . LEU A 1 98  ? 1.780   6.382   3.991   1.00 20.08 ? 98  LEU A CD1 1 
ATOM   752  C  CD2 . LEU A 1 98  ? 2.094   8.349   5.437   1.00 19.46 ? 98  LEU A CD2 1 
ATOM   753  N  N   . MET A 1 99  ? 2.606   8.311   0.699   1.00 14.92 ? 99  MET A N   1 
ATOM   754  C  CA  . MET A 1 99  ? 1.954   9.316   -0.190  1.00 14.31 ? 99  MET A CA  1 
ATOM   755  C  C   . MET A 1 99  ? 0.648   9.717   0.447   1.00 15.85 ? 99  MET A C   1 
ATOM   756  O  O   . MET A 1 99  ? -0.093  8.843   0.864   1.00 16.75 ? 99  MET A O   1 
ATOM   757  C  CB  . MET A 1 99  ? 1.693   8.715   -1.572  1.00 14.17 ? 99  MET A CB  1 
ATOM   758  C  CG  . MET A 1 99  ? 3.020   8.365   -2.288  1.00 15.84 ? 99  MET A CG  1 
ATOM   759  S  SD  . MET A 1 99  ? 2.780   7.366   -3.731  1.00 17.56 ? 99  MET A SD  1 
ATOM   760  C  CE  . MET A 1 99  ? 2.111   5.822   -3.089  1.00 17.38 ? 99  MET A CE  1 
ATOM   761  N  N   . LEU A 1 100 ? 0.327   11.007  0.408   1.00 15.10 ? 100 LEU A N   1 
ATOM   762  C  CA  . LEU A 1 100 ? -0.949  11.462  1.001   1.00 14.23 ? 100 LEU A CA  1 
ATOM   763  C  C   . LEU A 1 100 ? -1.866  12.018  -0.077  1.00 16.03 ? 100 LEU A C   1 
ATOM   764  O  O   . LEU A 1 100 ? -1.408  12.713  -1.000  1.00 16.51 ? 100 LEU A O   1 
ATOM   765  C  CB  . LEU A 1 100 ? -0.610  12.551  2.024   1.00 19.05 ? 100 LEU A CB  1 
ATOM   766  C  CG  . LEU A 1 100 ? 0.044   12.045  3.298   1.00 21.37 ? 100 LEU A CG  1 
ATOM   767  C  CD1 . LEU A 1 100 ? 0.338   13.231  4.230   1.00 23.00 ? 100 LEU A CD1 1 
ATOM   768  C  CD2 . LEU A 1 100 ? -0.852  11.020  4.007   1.00 23.86 ? 100 LEU A CD2 1 
ATOM   769  N  N   . ALA A 1 101 ? -3.154  11.809  0.119   1.00 15.78 ? 101 ALA A N   1 
ATOM   770  C  CA  . ALA A 1 101 ? -4.204  12.469  -0.674  1.00 12.75 ? 101 ALA A CA  1 
ATOM   771  C  C   . ALA A 1 101 ? -5.327  12.898  0.258   1.00 13.95 ? 101 ALA A C   1 
ATOM   772  O  O   . ALA A 1 101 ? -5.433  12.391  1.366   1.00 14.35 ? 101 ALA A O   1 
ATOM   773  C  CB  . ALA A 1 101 ? -4.784  11.605  -1.732  1.00 13.76 ? 101 ALA A CB  1 
ATOM   774  N  N   . VAL A 1 102 ? -6.183  13.754  -0.285  1.00 14.95 ? 102 VAL A N   1 
ATOM   775  C  CA  . VAL A 1 102 ? -7.434  14.163  0.403   1.00 14.76 ? 102 VAL A CA  1 
ATOM   776  C  C   . VAL A 1 102 ? -8.486  13.117  0.052   1.00 14.04 ? 102 VAL A C   1 
ATOM   777  O  O   . VAL A 1 102 ? -8.870  12.929  -1.134  1.00 16.32 ? 102 VAL A O   1 
ATOM   778  C  CB  . VAL A 1 102 ? -7.861  15.577  -0.020  1.00 16.68 ? 102 VAL A CB  1 
ATOM   779  C  CG1 . VAL A 1 102 ? -9.186  15.908  0.633   1.00 15.29 ? 102 VAL A CG1 1 
ATOM   780  C  CG2 . VAL A 1 102 ? -6.787  16.576  0.329   1.00 14.96 ? 102 VAL A CG2 1 
ATOM   781  N  N   . GLY A 1 103 ? -8.997  12.453  1.076   1.00 15.83 ? 103 GLY A N   1 
ATOM   782  C  CA  . GLY A 1 103 ? -10.000 11.393  0.898   1.00 14.93 ? 103 GLY A CA  1 
ATOM   783  C  C   . GLY A 1 103 ? -10.224 10.608  2.163   1.00 15.28 ? 103 GLY A C   1 
ATOM   784  O  O   . GLY A 1 103 ? -9.588  10.906  3.194   1.00 17.37 ? 103 GLY A O   1 
ATOM   785  N  N   . HIS A 1 104 ? -11.163 9.690   2.094   1.00 16.16 ? 104 HIS A N   1 
ATOM   786  C  CA  . HIS A 1 104 ? -11.685 8.966   3.249   1.00 16.62 ? 104 HIS A CA  1 
ATOM   787  C  C   . HIS A 1 104 ? -10.853 7.694   3.369   1.00 15.11 ? 104 HIS A C   1 
ATOM   788  O  O   . HIS A 1 104 ? -10.749 6.952   2.360   1.00 15.90 ? 104 HIS A O   1 
ATOM   789  C  CB  . HIS A 1 104 ? -13.162 8.640   3.088   1.00 16.55 ? 104 HIS A CB  1 
ATOM   790  C  CG  . HIS A 1 104 ? -13.695 7.994   4.308   1.00 19.00 ? 104 HIS A CG  1 
ATOM   791  N  ND1 . HIS A 1 104 ? -13.703 8.633   5.543   1.00 18.73 ? 104 HIS A ND1 1 
ATOM   792  C  CD2 . HIS A 1 104 ? -14.018 6.709   4.520   1.00 18.34 ? 104 HIS A CD2 1 
ATOM   793  C  CE1 . HIS A 1 104 ? -14.156 7.756   6.448   1.00 18.90 ? 104 HIS A CE1 1 
ATOM   794  N  NE2 . HIS A 1 104 ? -14.376 6.587   5.823   1.00 18.42 ? 104 HIS A NE2 1 
ATOM   795  N  N   . SER A 1 105 ? -10.415 7.404   4.584   1.00 17.74 ? 105 SER A N   1 
ATOM   796  C  CA  . SER A 1 105 ? -9.658  6.198   4.970   1.00 17.55 ? 105 SER A CA  1 
ATOM   797  C  C   . SER A 1 105 ? -9.885  5.914   6.457   1.00 20.58 ? 105 SER A C   1 
ATOM   798  O  O   . SER A 1 105 ? -9.476  6.753   7.298   1.00 22.53 ? 105 SER A O   1 
ATOM   799  C  CB  . SER A 1 105 ? -8.199  6.369   4.631   1.00 15.21 ? 105 SER A CB  1 
ATOM   800  O  OG  . SER A 1 105 ? -7.455  5.210   5.076   1.00 18.59 ? 105 SER A OG  1 
ATOM   801  N  N   . GLU A 1 106 ? -10.499 4.776   6.743   1.00 19.23 ? 106 GLU A N   1 
ATOM   802  C  CA  . GLU A 1 106 ? -10.585 4.162   8.094   1.00 20.59 ? 106 GLU A CA  1 
ATOM   803  C  C   . GLU A 1 106 ? -9.654  2.965   8.116   1.00 23.24 ? 106 GLU A C   1 
ATOM   804  O  O   . GLU A 1 106 ? -9.225  2.497   7.053   1.00 18.70 ? 106 GLU A O   1 
ATOM   805  C  CB  . GLU A 1 106 ? -12.024 3.718   8.374   1.00 23.74 ? 106 GLU A CB  1 
ATOM   806  C  CG  . GLU A 1 106 ? -13.037 4.807   8.154   1.00 24.56 ? 106 GLU A CG  1 
ATOM   807  C  CD  . GLU A 1 106 ? -14.513 4.433   8.343   1.00 29.33 ? 106 GLU A CD  1 
ATOM   808  O  OE1 . GLU A 1 106 ? -14.837 3.634   9.241   1.00 31.64 ? 106 GLU A OE1 1 
ATOM   809  O  OE2 . GLU A 1 106 ? -15.323 4.906   7.562   1.00 25.57 ? 106 GLU A OE2 1 
ATOM   810  N  N   . PRO A 1 107 ? -9.337  2.431   9.311   1.00 23.78 ? 107 PRO A N   1 
ATOM   811  C  CA  . PRO A 1 107 ? -8.410  1.293   9.430   1.00 21.88 ? 107 PRO A CA  1 
ATOM   812  C  C   . PRO A 1 107 ? -8.663  0.083   8.511   1.00 20.95 ? 107 PRO A C   1 
ATOM   813  O  O   . PRO A 1 107 ? -7.715  -0.432  7.905   1.00 22.45 ? 107 PRO A O   1 
ATOM   814  C  CB  . PRO A 1 107 ? -8.645  0.908   10.894  1.00 21.77 ? 107 PRO A CB  1 
ATOM   815  C  CG  . PRO A 1 107 ? -8.825  2.243   11.575  1.00 23.24 ? 107 PRO A CG  1 
ATOM   816  C  CD  . PRO A 1 107 ? -9.793  2.934   10.624  1.00 24.60 ? 107 PRO A CD  1 
ATOM   817  N  N   . GLY A 1 108 ? -9.905  -0.362  8.337   1.00 20.27 ? 108 GLY A N   1 
ATOM   818  C  CA  . GLY A 1 108 ? -10.222 -1.503  7.482   1.00 20.61 ? 108 GLY A CA  1 
ATOM   819  C  C   . GLY A 1 108 ? -10.018 -1.205  6.013   1.00 18.59 ? 108 GLY A C   1 
ATOM   820  O  O   . GLY A 1 108 ? -10.095 -2.159  5.195   1.00 19.71 ? 108 GLY A O   1 
ATOM   821  N  N   . ASP A 1 109 ? -9.737  0.048   5.663   1.00 17.82 ? 109 ASP A N   1 
ATOM   822  C  CA  . ASP A 1 109 ? -9.481  0.421   4.259   1.00 15.78 ? 109 ASP A CA  1 
ATOM   823  C  C   . ASP A 1 109 ? -8.049  0.097   3.877   1.00 16.60 ? 109 ASP A C   1 
ATOM   824  O  O   . ASP A 1 109 ? -7.810  0.036   2.677   1.00 16.54 ? 109 ASP A O   1 
ATOM   825  C  CB  . ASP A 1 109 ? -9.739  1.902   3.990   1.00 14.78 ? 109 ASP A CB  1 
ATOM   826  C  CG  . ASP A 1 109 ? -11.240 2.239   4.055   1.00 15.74 ? 109 ASP A CG  1 
ATOM   827  O  OD1 . ASP A 1 109 ? -11.999 1.413   3.570   1.00 18.31 ? 109 ASP A OD1 1 
ATOM   828  O  OD2 . ASP A 1 109 ? -11.582 3.326   4.517   1.00 17.38 ? 109 ASP A OD2 1 
ATOM   829  N  N   . CYS A 1 110 ? -7.187  -0.213  4.834   1.00 16.66 ? 110 CYS A N   1 
ATOM   830  C  CA  . CYS A 1 110 ? -5.808  -0.615  4.500   1.00 16.10 ? 110 CYS A CA  1 
ATOM   831  C  C   . CYS A 1 110 ? -5.852  -1.808  3.538   1.00 17.37 ? 110 CYS A C   1 
ATOM   832  O  O   . CYS A 1 110 ? -6.631  -2.760  3.748   1.00 17.30 ? 110 CYS A O   1 
ATOM   833  C  CB  . CYS A 1 110 ? -5.036  -0.991  5.756   1.00 14.58 ? 110 CYS A CB  1 
ATOM   834  S  SG  . CYS A 1 110 ? -4.626  0.435   6.776   1.00 18.33 ? 110 CYS A SG  1 
ATOM   835  N  N   . GLY A 1 111 ? -4.999  -1.785  2.509   1.00 15.29 ? 111 GLY A N   1 
ATOM   836  C  CA  . GLY A 1 111 ? -4.892  -2.870  1.524   1.00 15.56 ? 111 GLY A CA  1 
ATOM   837  C  C   . GLY A 1 111 ? -5.520  -2.482  0.220   1.00 14.39 ? 111 GLY A C   1 
ATOM   838  O  O   . GLY A 1 111 ? -5.390  -3.224  -0.757  1.00 16.42 ? 111 GLY A O   1 
ATOM   839  N  N   . GLY A 1 112 ? -6.393  -1.476  0.237   1.00 14.71 ? 112 GLY A N   1 
ATOM   840  C  CA  . GLY A 1 112 ? -7.045  -0.977  -0.983  1.00 13.92 ? 112 GLY A CA  1 
ATOM   841  C  C   . GLY A 1 112 ? -5.998  -0.488  -1.942  1.00 13.65 ? 112 GLY A C   1 
ATOM   842  O  O   . GLY A 1 112 ? -5.103  0.246   -1.536  1.00 12.80 ? 112 GLY A O   1 
ATOM   843  N  N   . ILE A 1 113 ? -6.154  -0.813  -3.199  1.00 14.12 ? 113 ILE A N   1 
ATOM   844  C  CA  . ILE A 1 113 ? -5.156  -0.420  -4.224  1.00 12.37 ? 113 ILE A CA  1 
ATOM   845  C  C   . ILE A 1 113 ? -5.354  1.032   -4.648  1.00 12.06 ? 113 ILE A C   1 
ATOM   846  O  O   . ILE A 1 113 ? -6.511  1.440   -4.948  1.00 14.43 ? 113 ILE A O   1 
ATOM   847  C  CB  . ILE A 1 113 ? -5.267  -1.397  -5.391  1.00 14.85 ? 113 ILE A CB  1 
ATOM   848  C  CG1 . ILE A 1 113 ? -4.596  -2.703  -4.944  1.00 16.06 ? 113 ILE A CG1 1 
ATOM   849  C  CG2 . ILE A 1 113 ? -4.641  -0.825  -6.660  1.00 13.48 ? 113 ILE A CG2 1 
ATOM   850  C  CD1 . ILE A 1 113 ? -4.573  -3.784  -5.975  1.00 17.92 ? 113 ILE A CD1 1 
ATOM   851  N  N   . LEU A 1 114 ? -4.216  1.751   -4.808  1.00 12.66 ? 114 LEU A N   1 
ATOM   852  C  CA  . LEU A 1 114 ? -4.072  3.018   -5.590  1.00 13.19 ? 114 LEU A CA  1 
ATOM   853  C  C   . LEU A 1 114 ? -3.435  2.644   -6.928  1.00 12.70 ? 114 LEU A C   1 
ATOM   854  O  O   . LEU A 1 114 ? -2.374  1.946   -6.911  1.00 13.37 ? 114 LEU A O   1 
ATOM   855  C  CB  . LEU A 1 114 ? -3.181  3.992   -4.829  1.00 12.59 ? 114 LEU A CB  1 
ATOM   856  C  CG  . LEU A 1 114 ? -2.760  5.289   -5.541  1.00 12.36 ? 114 LEU A CG  1 
ATOM   857  C  CD1 . LEU A 1 114 ? -3.993  6.178   -5.854  1.00 13.49 ? 114 LEU A CD1 1 
ATOM   858  C  CD2 . LEU A 1 114 ? -1.691  6.016   -4.713  1.00 11.98 ? 114 LEU A CD2 1 
ATOM   859  N  N   . ARG A 1 115 ? -4.104  3.029   -8.006  1.00 13.10 ? 115 ARG A N   1 
ATOM   860  C  CA  . ARG A 1 115 ? -3.592  2.721   -9.362  1.00 12.90 ? 115 ARG A CA  1 
ATOM   861  C  C   . ARG A 1 115 ? -3.542  4.003   -10.171 1.00 13.16 ? 115 ARG A C   1 
ATOM   862  O  O   . ARG A 1 115 ? -4.327  4.933   -9.995  1.00 14.63 ? 115 ARG A O   1 
ATOM   863  C  CB  . ARG A 1 115 ? -4.419  1.645   -10.061 1.00 14.58 ? 115 ARG A CB  1 
ATOM   864  C  CG  . ARG A 1 115 ? -5.877  2.057   -10.255 1.00 17.15 ? 115 ARG A CG  1 
ATOM   865  C  CD  . ARG A 1 115 ? -6.735  0.915   -10.775 1.00 20.61 ? 115 ARG A CD  1 
ATOM   866  N  NE  . ARG A 1 115 ? -7.068  -0.097  -9.782  1.00 24.14 ? 115 ARG A NE  1 
ATOM   867  C  CZ  . ARG A 1 115 ? -6.758  -1.409  -9.797  1.00 23.73 ? 115 ARG A CZ  1 
ATOM   868  N  NH1 . ARG A 1 115 ? -6.018  -1.966  -10.736 1.00 26.18 ? 115 ARG A NH1 1 
ATOM   869  N  NH2 . ARG A 1 115 ? -7.190  -2.171  -8.808  1.00 27.22 ? 115 ARG A NH2 1 
ATOM   870  N  N   . CYS A 1 116 ? -2.611  4.009   -11.119 1.00 12.55 ? 116 CYS A N   1 
ATOM   871  C  CA  . CYS A 1 116 ? -2.474  5.056   -12.171 1.00 13.55 ? 116 CYS A CA  1 
ATOM   872  C  C   . CYS A 1 116 ? -2.498  4.396   -13.541 1.00 14.61 ? 116 CYS A C   1 
ATOM   873  O  O   . CYS A 1 116 ? -2.673  3.194   -13.623 1.00 16.57 ? 116 CYS A O   1 
ATOM   874  C  CB  . CYS A 1 116 ? -1.188  5.843   -11.970 1.00 14.05 ? 116 CYS A CB  1 
ATOM   875  S  SG  . CYS A 1 116 ? 0.310   4.845   -12.295 1.00 15.75 ? 116 CYS A SG  1 
ATOM   876  N  N   . GLN A 1 117 ? -2.240  5.194   -14.580 1.00 17.56 ? 117 GLN A N   1 
ATOM   877  C  CA  . GLN A 1 117 ? -2.239  4.682   -15.949 1.00 18.63 ? 117 GLN A CA  1 
ATOM   878  C  C   . GLN A 1 117 ? -1.177  3.597   -16.139 1.00 19.19 ? 117 GLN A C   1 
ATOM   879  O  O   . GLN A 1 117 ? -1.338  2.823   -17.077 1.00 23.14 ? 117 GLN A O   1 
ATOM   880  C  CB  . GLN A 1 117 ? -2.019  5.848   -16.925 1.00 19.15 ? 117 GLN A CB  1 
ATOM   881  C  CG  . GLN A 1 117 ? -0.606  6.409   -16.844 1.00 22.25 ? 117 GLN A CG  1 
ATOM   882  C  CD  . GLN A 1 117 ? -0.425  7.492   -17.867 1.00 27.75 ? 117 GLN A CD  1 
ATOM   883  O  OE1 . GLN A 1 117 ? -0.613  8.667   -17.567 1.00 30.69 ? 117 GLN A OE1 1 
ATOM   884  N  NE2 . GLN A 1 117 ? -0.086  7.067   -19.077 1.00 27.67 ? 117 GLN A NE2 1 
ATOM   885  N  N   . HIS A 1 118 ? -0.138  3.493   -15.298 1.00 19.74 ? 118 HIS A N   1 
ATOM   886  C  CA  . HIS A 1 118 ? 0.942   2.488   -15.447 1.00 19.09 ? 118 HIS A CA  1 
ATOM   887  C  C   . HIS A 1 118 ? 0.679   1.226   -14.618 1.00 20.25 ? 118 HIS A C   1 
ATOM   888  O  O   . HIS A 1 118 ? 1.485   0.300   -14.758 1.00 23.25 ? 118 HIS A O   1 
ATOM   889  C  CB  . HIS A 1 118 ? 2.265   3.124   -15.051 1.00 17.25 ? 118 HIS A CB  1 
ATOM   890  C  CG  . HIS A 1 118 ? 2.520   4.404   -15.771 1.00 18.37 ? 118 HIS A CG  1 
ATOM   891  N  ND1 . HIS A 1 118 ? 2.336   5.641   -15.195 1.00 17.10 ? 118 HIS A ND1 1 
ATOM   892  C  CD2 . HIS A 1 118 ? 3.028   4.634   -17.011 1.00 17.89 ? 118 HIS A CD2 1 
ATOM   893  C  CE1 . HIS A 1 118 ? 2.595   6.578   -16.098 1.00 18.72 ? 118 HIS A CE1 1 
ATOM   894  N  NE2 . HIS A 1 118 ? 3.062   5.994   -17.198 1.00 19.09 ? 118 HIS A NE2 1 
ATOM   895  N  N   . GLY A 1 119 ? -0.388  1.169   -13.812 1.00 17.76 ? 119 GLY A N   1 
ATOM   896  C  CA  . GLY A 1 119 ? -0.617  0.035   -12.903 1.00 18.32 ? 119 GLY A CA  1 
ATOM   897  C  C   . GLY A 1 119 ? -0.697  0.399   -11.435 1.00 18.16 ? 119 GLY A C   1 
ATOM   898  O  O   . GLY A 1 119 ? -1.024  1.555   -11.083 1.00 16.31 ? 119 GLY A O   1 
ATOM   899  N  N   . VAL A 1 120 ? -0.327  -0.552  -10.586 1.00 16.05 ? 120 VAL A N   1 
ATOM   900  C  CA  . VAL A 1 120 ? -0.525  -0.444  -9.117  1.00 15.16 ? 120 VAL A CA  1 
ATOM   901  C  C   . VAL A 1 120 ? 0.575   0.434   -8.546  1.00 16.29 ? 120 VAL A C   1 
ATOM   902  O  O   . VAL A 1 120 ? 1.776   0.193   -8.789  1.00 16.75 ? 120 VAL A O   1 
ATOM   903  C  CB  . VAL A 1 120 ? -0.586  -1.830  -8.458  1.00 13.81 ? 120 VAL A CB  1 
ATOM   904  C  CG1 . VAL A 1 120 ? -0.550  -1.716  -6.936  1.00 13.69 ? 120 VAL A CG1 1 
ATOM   905  C  CG2 . VAL A 1 120 ? -1.796  -2.587  -8.959  1.00 15.71 ? 120 VAL A CG2 1 
ATOM   906  N  N   . VAL A 1 121 ? 0.193   1.492   -7.875  1.00 14.70 ? 121 VAL A N   1 
ATOM   907  C  CA  . VAL A 1 121 ? 1.128   2.446   -7.254  1.00 15.56 ? 121 VAL A CA  1 
ATOM   908  C  C   . VAL A 1 121 ? 1.407   2.071   -5.822  1.00 13.96 ? 121 VAL A C   1 
ATOM   909  O  O   . VAL A 1 121 ? 2.530   2.182   -5.331  1.00 14.87 ? 121 VAL A O   1 
ATOM   910  C  CB  . VAL A 1 121 ? 0.496   3.828   -7.347  1.00 13.81 ? 121 VAL A CB  1 
ATOM   911  C  CG1 . VAL A 1 121 ? 1.348   4.831   -6.609  1.00 13.95 ? 121 VAL A CG1 1 
ATOM   912  C  CG2 . VAL A 1 121 ? 0.147   4.218   -8.772  1.00 16.04 ? 121 VAL A CG2 1 
ATOM   913  N  N   . GLY A 1 122 ? 0.380   1.666   -5.119  1.00 12.70 ? 122 GLY A N   1 
ATOM   914  C  CA  . GLY A 1 122 ? 0.552   1.330   -3.713  1.00 13.98 ? 122 GLY A CA  1 
ATOM   915  C  C   . GLY A 1 122 ? -0.727  0.857   -3.048  1.00 12.09 ? 122 GLY A C   1 
ATOM   916  O  O   . GLY A 1 122 ? -1.764  0.568   -3.766  1.00 14.45 ? 122 GLY A O   1 
ATOM   917  N  N   . ILE A 1 123 ? -0.705  0.784   -1.711  1.00 13.07 ? 123 ILE A N   1 
ATOM   918  C  CA  . ILE A 1 123 ? -1.919  0.321   -0.980  1.00 14.19 ? 123 ILE A CA  1 
ATOM   919  C  C   . ILE A 1 123 ? -2.200  1.272   0.175   1.00 13.62 ? 123 ILE A C   1 
ATOM   920  O  O   . ILE A 1 123 ? -1.268  1.883   0.713   1.00 13.18 ? 123 ILE A O   1 
ATOM   921  C  CB  . ILE A 1 123 ? -1.785  -1.129  -0.463  1.00 14.04 ? 123 ILE A CB  1 
ATOM   922  C  CG1 . ILE A 1 123 ? -0.502  -1.318  0.343   1.00 14.04 ? 123 ILE A CG1 1 
ATOM   923  C  CG2 . ILE A 1 123 ? -1.928  -2.093  -1.609  1.00 13.96 ? 123 ILE A CG2 1 
ATOM   924  C  CD1 . ILE A 1 123 ? -0.439  -2.647  1.041   1.00 14.89 ? 123 ILE A CD1 1 
ATOM   925  N  N   . VAL A 1 124 ? -3.495  1.411   0.495   1.00 13.62 ? 124 VAL A N   1 
ATOM   926  C  CA  . VAL A 1 124 ? -3.896  2.261   1.621   1.00 13.96 ? 124 VAL A CA  1 
ATOM   927  C  C   . VAL A 1 124 ? -3.155  1.745   2.849   1.00 13.65 ? 124 VAL A C   1 
ATOM   928  O  O   . VAL A 1 124 ? -3.118  0.466   3.116   1.00 11.56 ? 124 VAL A O   1 
ATOM   929  C  CB  . VAL A 1 124 ? -5.425  2.239   1.801   1.00 11.38 ? 124 VAL A CB  1 
ATOM   930  C  CG1 . VAL A 1 124 ? -5.878  2.947   3.085   1.00 11.86 ? 124 VAL A CG1 1 
ATOM   931  C  CG2 . VAL A 1 124 ? -6.181  2.773   0.585   1.00 11.45 ? 124 VAL A CG2 1 
ATOM   932  N  N   . SER A 1 125 ? -2.606  2.671   3.641   1.00 12.61 ? 125 SER A N   1 
ATOM   933  C  CA  . SER A 1 125 ? -1.827  2.362   4.869   1.00 15.16 ? 125 SER A CA  1 
ATOM   934  C  C   . SER A 1 125 ? -2.260  3.258   6.034   1.00 15.85 ? 125 SER A C   1 
ATOM   935  O  O   . SER A 1 125 ? -2.075  2.872   7.175   1.00 16.99 ? 125 SER A O   1 
ATOM   936  C  CB  . SER A 1 125 ? -0.354  2.547   4.635   1.00 14.67 ? 125 SER A CB  1 
ATOM   937  O  OG  . SER A 1 125 ? 0.382   2.140   5.819   1.00 17.91 ? 125 SER A OG  1 
ATOM   938  N  N   . THR A 1 126 ? -2.746  4.476   5.779   1.00 17.53 ? 126 THR A N   1 
ATOM   939  C  CA  . THR A 1 126 ? -3.055  5.403   6.892   1.00 18.42 ? 126 THR A CA  1 
ATOM   940  C  C   . THR A 1 126 ? -4.348  6.126   6.575   1.00 18.51 ? 126 THR A C   1 
ATOM   941  O  O   . THR A 1 126 ? -4.720  6.192   5.405   1.00 14.90 ? 126 THR A O   1 
ATOM   942  C  CB  . THR A 1 126 ? -1.959  6.459   7.157   1.00 20.10 ? 126 THR A CB  1 
ATOM   943  O  OG1 . THR A 1 126 ? -1.898  7.400   6.077   1.00 20.67 ? 126 THR A OG1 1 
ATOM   944  C  CG2 . THR A 1 126 ? -0.584  5.869   7.375   1.00 19.48 ? 126 THR A CG2 1 
ATOM   945  N  N   . GLY A 1 127 ? -4.981  6.705   7.599   1.00 19.50 ? 127 GLY A N   1 
ATOM   946  C  CA  . GLY A 1 127 ? -6.059  7.666   7.367   1.00 20.79 ? 127 GLY A CA  1 
ATOM   947  C  C   . GLY A 1 127 ? -6.274  8.579   8.571   1.00 22.46 ? 127 GLY A C   1 
ATOM   948  O  O   . GLY A 1 127 ? -5.402  8.655   9.429   1.00 24.02 ? 127 GLY A O   1 
ATOM   949  N  N   . GLY A 1 128 ? -7.433  9.203   8.621   1.00 28.97 ? 128 GLY A N   1 
ATOM   950  C  CA  . GLY A 1 128 ? -7.808  10.166  9.675   1.00 28.62 ? 128 GLY A CA  1 
ATOM   951  C  C   . GLY A 1 128 ? -7.692  11.579  9.165   1.00 25.70 ? 128 GLY A C   1 
ATOM   952  O  O   . GLY A 1 128 ? -6.876  11.852  8.239   1.00 27.42 ? 128 GLY A O   1 
ATOM   953  N  N   . ASN A 1 129 ? -8.421  12.503  9.781   1.00 27.85 ? 129 ASN A N   1 
ATOM   954  C  CA  . ASN A 1 129 ? -8.304  13.964  9.470   1.00 28.03 ? 129 ASN A CA  1 
ATOM   955  C  C   . ASN A 1 129 ? -8.498  14.238  7.977   1.00 22.33 ? 129 ASN A C   1 
ATOM   956  O  O   . ASN A 1 129 ? -7.876  15.218  7.437   1.00 23.10 ? 129 ASN A O   1 
ATOM   957  C  CB  . ASN A 1 129 ? -6.946  14.555  9.846   1.00 28.89 ? 129 ASN A CB  1 
ATOM   958  C  CG  . ASN A 1 129 ? -6.765  14.770  11.327  1.00 35.83 ? 129 ASN A CG  1 
ATOM   959  O  OD1 . ASN A 1 129 ? -7.731  14.988  12.044  1.00 36.27 ? 129 ASN A OD1 1 
ATOM   960  N  ND2 . ASN A 1 129 ? -5.525  14.725  11.782  1.00 41.62 ? 129 ASN A ND2 1 
ATOM   961  N  N   . GLY A 1 130 ? -9.323  13.430  7.299   1.00 21.61 ? 130 GLY A N   1 
ATOM   962  C  CA  . GLY A 1 130 ? -9.675  13.740  5.907   1.00 20.26 ? 130 GLY A CA  1 
ATOM   963  C  C   . GLY A 1 130 ? -8.592  13.408  4.889   1.00 17.45 ? 130 GLY A C   1 
ATOM   964  O  O   . GLY A 1 130 ? -8.740  13.804  3.724   1.00 18.13 ? 130 GLY A O   1 
ATOM   965  N  N   . LEU A 1 131 ? -7.526  12.739  5.296   1.00 18.67 ? 131 LEU A N   1 
ATOM   966  C  CA  . LEU A 1 131 ? -6.456  12.305  4.394   1.00 16.87 ? 131 LEU A CA  1 
ATOM   967  C  C   . LEU A 1 131 ? -6.539  10.775  4.273   1.00 17.37 ? 131 LEU A C   1 
ATOM   968  O  O   . LEU A 1 131 ? -6.980  10.073  5.213   1.00 18.91 ? 131 LEU A O   1 
ATOM   969  C  CB  . LEU A 1 131 ? -5.107  12.727  4.943   1.00 21.80 ? 131 LEU A CB  1 
ATOM   970  C  CG  . LEU A 1 131 ? -4.848  14.211  5.145   1.00 21.03 ? 131 LEU A CG  1 
ATOM   971  C  CD1 . LEU A 1 131 ? -3.358  14.474  5.347   1.00 28.17 ? 131 LEU A CD1 1 
ATOM   972  C  CD2 . LEU A 1 131 ? -5.338  15.002  3.962   1.00 20.07 ? 131 LEU A CD2 1 
ATOM   973  N  N   . VAL A 1 132 ? -5.994  10.294  3.173   1.00 15.81 ? 132 VAL A N   1 
ATOM   974  C  CA  . VAL A 1 132 ? -5.593  8.861   3.103   1.00 15.67 ? 132 VAL A CA  1 
ATOM   975  C  C   . VAL A 1 132 ? -4.137  8.810   2.693   1.00 16.50 ? 132 VAL A C   1 
ATOM   976  O  O   . VAL A 1 132 ? -3.703  9.589   1.833   1.00 18.09 ? 132 VAL A O   1 
ATOM   977  C  CB  . VAL A 1 132 ? -6.504  8.194   2.064   1.00 15.94 ? 132 VAL A CB  1 
ATOM   978  C  CG1 . VAL A 1 132 ? -6.498  8.937   0.751   1.00 16.70 ? 132 VAL A CG1 1 
ATOM   979  C  CG2 . VAL A 1 132 ? -6.207  6.734   1.854   1.00 15.78 ? 132 VAL A CG2 1 
ATOM   980  N  N   . GLY A 1 133 ? -3.397  7.929   3.357   1.00 14.82 ? 133 GLY A N   1 
ATOM   981  C  CA  . GLY A 1 133 ? -1.986  7.699   3.077   1.00 15.38 ? 133 GLY A CA  1 
ATOM   982  C  C   . GLY A 1 133 ? -1.806  6.315   2.434   1.00 13.39 ? 133 GLY A C   1 
ATOM   983  O  O   . GLY A 1 133 ? -2.481  5.392   2.859   1.00 14.89 ? 133 GLY A O   1 
ATOM   984  N  N   . PHE A 1 134 ? -0.964  6.251   1.422   1.00 13.35 ? 134 PHE A N   1 
ATOM   985  C  CA  . PHE A 1 134 ? -0.693  5.040   0.628   1.00 13.55 ? 134 PHE A CA  1 
ATOM   986  C  C   . PHE A 1 134 ? 0.790   4.668   0.746   1.00 13.19 ? 134 PHE A C   1 
ATOM   987  O  O   . PHE A 1 134 ? 1.647   5.536   0.588   1.00 16.76 ? 134 PHE A O   1 
ATOM   988  C  CB  . PHE A 1 134 ? -0.972  5.258   -0.840  1.00 15.10 ? 134 PHE A CB  1 
ATOM   989  C  CG  . PHE A 1 134 ? -2.324  5.803   -1.174  1.00 14.22 ? 134 PHE A CG  1 
ATOM   990  C  CD1 . PHE A 1 134 ? -3.424  4.957   -1.221  1.00 13.14 ? 134 PHE A CD1 1 
ATOM   991  C  CD2 . PHE A 1 134 ? -2.532  7.178   -1.266  1.00 14.13 ? 134 PHE A CD2 1 
ATOM   992  C  CE1 . PHE A 1 134 ? -4.670  5.472   -1.520  1.00 12.46 ? 134 PHE A CE1 1 
ATOM   993  C  CE2 . PHE A 1 134 ? -3.788  7.665   -1.590  1.00 13.98 ? 134 PHE A CE2 1 
ATOM   994  C  CZ  . PHE A 1 134 ? -4.851  6.810   -1.713  1.00 14.95 ? 134 PHE A CZ  1 
ATOM   995  N  N   . ALA A 1 135 ? 1.064   3.409   1.032   1.00 13.52 ? 135 ALA A N   1 
ATOM   996  C  CA  . ALA A 1 135 ? 2.447   2.885   1.018   1.00 13.31 ? 135 ALA A CA  1 
ATOM   997  C  C   . ALA A 1 135 ? 2.812   2.654   -0.438  1.00 14.48 ? 135 ALA A C   1 
ATOM   998  O  O   . ALA A 1 135 ? 2.173   1.831   -1.089  1.00 15.10 ? 135 ALA A O   1 
ATOM   999  C  CB  . ALA A 1 135 ? 2.501   1.663   1.894   1.00 13.54 ? 135 ALA A CB  1 
ATOM   1000 N  N   . ASP A 1 136 ? 3.839   3.331   -0.942  1.00 14.16 ? 136 ASP A N   1 
ATOM   1001 C  CA  . ASP A 1 136 ? 4.278   3.189   -2.319  1.00 15.64 ? 136 ASP A CA  1 
ATOM   1002 C  C   . ASP A 1 136 ? 4.961   1.814   -2.486  1.00 14.21 ? 136 ASP A C   1 
ATOM   1003 O  O   . ASP A 1 136 ? 5.671   1.311   -1.494  1.00 15.28 ? 136 ASP A O   1 
ATOM   1004 C  CB  . ASP A 1 136 ? 5.232   4.324   -2.644  1.00 16.66 ? 136 ASP A CB  1 
ATOM   1005 C  CG  . ASP A 1 136 ? 5.769   4.284   -4.051  1.00 15.00 ? 136 ASP A CG  1 
ATOM   1006 O  OD1 . ASP A 1 136 ? 4.936   4.246   -5.019  1.00 16.05 ? 136 ASP A OD1 1 
ATOM   1007 O  OD2 . ASP A 1 136 ? 7.035   4.193   -4.195  1.00 18.90 ? 136 ASP A OD2 1 
ATOM   1008 N  N   . VAL A 1 137 ? 4.809   1.245   -3.652  1.00 15.83 ? 137 VAL A N   1 
ATOM   1009 C  CA  . VAL A 1 137 ? 5.584   0.031   -4.055  1.00 16.34 ? 137 VAL A CA  1 
ATOM   1010 C  C   . VAL A 1 137 ? 6.347   0.275   -5.372  1.00 18.20 ? 137 VAL A C   1 
ATOM   1011 O  O   . VAL A 1 137 ? 6.913   -0.729  -5.862  1.00 16.82 ? 137 VAL A O   1 
ATOM   1012 C  CB  . VAL A 1 137 ? 4.669   -1.196  -4.133  1.00 15.89 ? 137 VAL A CB  1 
ATOM   1013 C  CG1 . VAL A 1 137 ? 4.047   -1.488  -2.766  1.00 15.26 ? 137 VAL A CG1 1 
ATOM   1014 C  CG2 . VAL A 1 137 ? 3.590   -1.050  -5.191  1.00 15.14 ? 137 VAL A CG2 1 
ATOM   1015 N  N   . ARG A 1 138 ? 6.306   1.480   -5.950  1.00 16.42 ? 138 ARG A N   1 
ATOM   1016 C  CA  . ARG A 1 138 ? 6.875   1.695   -7.320  1.00 15.51 ? 138 ARG A CA  1 
ATOM   1017 C  C   . ARG A 1 138 ? 8.392   1.599   -7.298  1.00 16.76 ? 138 ARG A C   1 
ATOM   1018 O  O   . ARG A 1 138 ? 8.984   1.379   -8.389  1.00 18.06 ? 138 ARG A O   1 
ATOM   1019 C  CB  . ARG A 1 138 ? 6.390   3.037   -7.881  1.00 15.12 ? 138 ARG A CB  1 
ATOM   1020 C  CG  . ARG A 1 138 ? 4.915   3.036   -8.238  1.00 14.99 ? 138 ARG A CG  1 
ATOM   1021 C  CD  . ARG A 1 138 ? 4.518   4.420   -8.646  1.00 14.51 ? 138 ARG A CD  1 
ATOM   1022 N  NE  . ARG A 1 138 ? 4.695   5.368   -7.576  1.00 14.58 ? 138 ARG A NE  1 
ATOM   1023 C  CZ  . ARG A 1 138 ? 4.328   6.630   -7.650  1.00 14.33 ? 138 ARG A CZ  1 
ATOM   1024 N  NH1 . ARG A 1 138 ? 3.953   7.151   -8.814  1.00 14.57 ? 138 ARG A NH1 1 
ATOM   1025 N  NH2 . ARG A 1 138 ? 4.415   7.373   -6.551  1.00 14.51 ? 138 ARG A NH2 1 
ATOM   1026 N  N   . ASP A 1 139 ? 8.998   1.783   -6.152  1.00 17.85 ? 139 ASP A N   1 
ATOM   1027 C  CA  . ASP A 1 139 ? 10.477  1.639   -6.090  1.00 17.73 ? 139 ASP A CA  1 
ATOM   1028 C  C   . ASP A 1 139 ? 10.894  0.173   -5.949  1.00 18.01 ? 139 ASP A C   1 
ATOM   1029 O  O   . ASP A 1 139 ? 12.113  -0.105  -6.123  1.00 18.07 ? 139 ASP A O   1 
ATOM   1030 C  CB  . ASP A 1 139 ? 11.038  2.420   -4.906  1.00 18.33 ? 139 ASP A CB  1 
ATOM   1031 C  CG  . ASP A 1 139 ? 10.526  1.951   -3.557  1.00 20.35 ? 139 ASP A CG  1 
ATOM   1032 O  OD1 . ASP A 1 139 ? 9.357   1.495   -3.508  1.00 20.52 ? 139 ASP A OD1 1 
ATOM   1033 O  OD2 . ASP A 1 139 ? 11.292  1.993   -2.601  1.00 23.68 ? 139 ASP A OD2 1 
ATOM   1034 N  N   . LEU A 1 140 ? 9.970   -0.750  -5.711  1.00 15.49 ? 140 LEU A N   1 
ATOM   1035 C  CA  . LEU A 1 140 ? 10.344  -2.162  -5.438  1.00 17.06 ? 140 LEU A CA  1 
ATOM   1036 C  C   . LEU A 1 140 ? 10.454  -2.858  -6.785  1.00 16.51 ? 140 LEU A C   1 
ATOM   1037 O  O   . LEU A 1 140 ? 9.563   -3.616  -7.179  1.00 17.41 ? 140 LEU A O   1 
ATOM   1038 C  CB  . LEU A 1 140 ? 9.300   -2.773  -4.488  1.00 16.10 ? 140 LEU A CB  1 
ATOM   1039 C  CG  . LEU A 1 140 ? 9.074   -2.104  -3.142  1.00 19.05 ? 140 LEU A CG  1 
ATOM   1040 C  CD1 . LEU A 1 140 ? 7.936   -2.827  -2.393  1.00 18.18 ? 140 LEU A CD1 1 
ATOM   1041 C  CD2 . LEU A 1 140 ? 10.327  -2.060  -2.299  1.00 18.33 ? 140 LEU A CD2 1 
ATOM   1042 N  N   . LEU A 1 141 ? 11.558  -2.605  -7.517  1.00 17.49 ? 141 LEU A N   1 
ATOM   1043 C  CA  . LEU A 1 141 ? 11.725  -3.134  -8.896  1.00 20.81 ? 141 LEU A CA  1 
ATOM   1044 C  C   . LEU A 1 141 ? 11.777  -4.660  -8.930  1.00 20.01 ? 141 LEU A C   1 
ATOM   1045 O  O   . LEU A 1 141 ? 11.319  -5.246  -9.898  1.00 21.61 ? 141 LEU A O   1 
ATOM   1046 C  CB  . LEU A 1 141 ? 13.006  -2.562  -9.496  1.00 22.72 ? 141 LEU A CB  1 
ATOM   1047 C  CG  . LEU A 1 141 ? 13.072  -1.042  -9.525  1.00 23.74 ? 141 LEU A CG  1 
ATOM   1048 C  CD1 . LEU A 1 141 ? 14.214  -0.629  -10.428 1.00 26.01 ? 141 LEU A CD1 1 
ATOM   1049 C  CD2 . LEU A 1 141 ? 11.789  -0.451  -10.056 1.00 21.84 ? 141 LEU A CD2 1 
ATOM   1050 N  N   . TRP A 1 142 ? 12.299  -5.252  -7.863  1.00 21.55 ? 142 TRP A N   1 
ATOM   1051 C  CA  . TRP A 1 142 ? 12.442  -6.723  -7.738  1.00 21.74 ? 142 TRP A CA  1 
ATOM   1052 C  C   . TRP A 1 142 ? 11.091  -7.424  -7.715  1.00 20.40 ? 142 TRP A C   1 
ATOM   1053 O  O   . TRP A 1 142 ? 11.042  -8.624  -7.997  1.00 23.62 ? 142 TRP A O   1 
ATOM   1054 C  CB  . TRP A 1 142 ? 13.278  -7.069  -6.501  1.00 22.11 ? 142 TRP A CB  1 
ATOM   1055 C  CG  . TRP A 1 142 ? 12.791  -6.526  -5.194  1.00 21.94 ? 142 TRP A CG  1 
ATOM   1056 C  CD1 . TRP A 1 142 ? 13.166  -5.355  -4.599  1.00 21.92 ? 142 TRP A CD1 1 
ATOM   1057 C  CD2 . TRP A 1 142 ? 11.723  -7.074  -4.384  1.00 21.18 ? 142 TRP A CD2 1 
ATOM   1058 N  NE1 . TRP A 1 142 ? 12.484  -5.203  -3.420  1.00 23.45 ? 142 TRP A NE1 1 
ATOM   1059 C  CE2 . TRP A 1 142 ? 11.614  -6.239  -3.267  1.00 19.88 ? 142 TRP A CE2 1 
ATOM   1060 C  CE3 . TRP A 1 142 ? 10.932  -8.233  -4.457  1.00 20.47 ? 142 TRP A CE3 1 
ATOM   1061 C  CZ2 . TRP A 1 142 ? 10.712  -6.527  -2.232  1.00 21.13 ? 142 TRP A CZ2 1 
ATOM   1062 C  CZ3 . TRP A 1 142 ? 10.042  -8.521  -3.425  1.00 21.87 ? 142 TRP A CZ3 1 
ATOM   1063 C  CH2 . TRP A 1 142 ? 9.922   -7.652  -2.351  1.00 20.01 ? 142 TRP A CH2 1 
ATOM   1064 N  N   . LEU A 1 143 ? 9.973   -6.705  -7.462  1.00 21.08 ? 143 LEU A N   1 
ATOM   1065 C  CA  . LEU A 1 143 ? 8.646   -7.343  -7.536  1.00 22.38 ? 143 LEU A CA  1 
ATOM   1066 C  C   . LEU A 1 143 ? 8.382   -7.902  -8.940  1.00 25.32 ? 143 LEU A C   1 
ATOM   1067 O  O   . LEU A 1 143 ? 7.518   -8.782  -9.044  1.00 25.35 ? 143 LEU A O   1 
ATOM   1068 C  CB  . LEU A 1 143 ? 7.551   -6.361  -7.154  1.00 21.95 ? 143 LEU A CB  1 
ATOM   1069 C  CG  . LEU A 1 143 ? 7.381   -6.066  -5.680  1.00 20.79 ? 143 LEU A CG  1 
ATOM   1070 C  CD1 . LEU A 1 143 ? 6.357   -4.974  -5.579  1.00 19.31 ? 143 LEU A CD1 1 
ATOM   1071 C  CD2 . LEU A 1 143 ? 6.903   -7.300  -4.925  1.00 25.33 ? 143 LEU A CD2 1 
ATOM   1072 N  N   . ASP A 1 144 ? 9.054   -7.364  -9.978  1.00 30.67 ? 144 ASP A N   1 
ATOM   1073 C  CA  . ASP A 1 144 ? 8.748   -7.656  -11.403 1.00 36.07 ? 144 ASP A CA  1 
ATOM   1074 C  C   . ASP A 1 144 ? 9.491   -8.898  -11.899 1.00 36.42 ? 144 ASP A C   1 
ATOM   1075 O  O   . ASP A 1 144 ? 9.165   -9.335  -13.029 1.00 40.10 ? 144 ASP A O   1 
ATOM   1076 C  CB  . ASP A 1 144 ? 9.156   -6.507  -12.325 1.00 34.83 ? 144 ASP A CB  1 
ATOM   1077 C  CG  . ASP A 1 144 ? 8.360   -5.232  -12.152 1.00 35.06 ? 144 ASP A CG  1 
ATOM   1078 O  OD1 . ASP A 1 144 ? 7.340   -5.267  -11.453 1.00 36.80 ? 144 ASP A OD1 1 
ATOM   1079 O  OD2 . ASP A 1 144 ? 8.820   -4.193  -12.664 1.00 40.82 ? 144 ASP A OD2 1 
ATOM   1080 N  N   . GLU A 1 145 ? 10.430  -9.438  -11.115 1.00 44.05 ? 145 GLU A N   1 
ATOM   1081 C  CA  . GLU A 1 145 ? 11.235  -10.637 -11.501 1.00 51.79 ? 145 GLU A CA  1 
ATOM   1082 C  C   . GLU A 1 145 ? 11.310  -11.671 -10.363 1.00 55.68 ? 145 GLU A C   1 
ATOM   1083 O  O   . GLU A 1 145 ? 11.025  -11.317 -9.191  1.00 61.31 ? 145 GLU A O   1 
ATOM   1084 C  CB  . GLU A 1 145 ? 12.644  -10.190 -11.875 1.00 51.09 ? 145 GLU A CB  1 
ATOM   1085 C  CG  . GLU A 1 145 ? 13.468  -9.751  -10.668 1.00 55.48 ? 145 GLU A CG  1 
ATOM   1086 C  CD  . GLU A 1 145 ? 14.187  -8.421  -10.812 1.00 53.47 ? 145 GLU A CD  1 
ATOM   1087 O  OE1 . GLU A 1 145 ? 15.009  -8.093  -9.923  1.00 63.42 ? 145 GLU A OE1 1 
ATOM   1088 O  OE2 . GLU A 1 145 ? 13.911  -7.703  -11.787 1.00 58.85 ? 145 GLU A OE2 1 
ATOM   1089 N  N   . GLU A 1 146 ? 11.705  -12.903 -10.708 1.00 61.85 ? 146 GLU A N   1 
ATOM   1090 C  CA  . GLU A 1 146 ? 12.268  -13.919 -9.772  1.00 59.92 ? 146 GLU A CA  1 
ATOM   1091 C  C   . GLU A 1 146 ? 11.321  -14.097 -8.573  1.00 62.24 ? 146 GLU A C   1 
ATOM   1092 O  O   . GLU A 1 146 ? 11.005  -15.200 -8.084  1.00 59.54 ? 146 GLU A O   1 
ATOM   1093 C  CB  . GLU A 1 146 ? 13.693  -13.483 -9.411  1.00 54.97 ? 146 GLU A CB  1 
ATOM   1094 C  CG  . GLU A 1 146 ? 14.075  -13.629 -7.947  1.00 59.74 ? 146 GLU A CG  1 
ATOM   1095 C  CD  . GLU A 1 146 ? 14.198  -15.045 -7.401  1.00 66.87 ? 146 GLU A CD  1 
ATOM   1096 O  OE1 . GLU A 1 146 ? 14.396  -15.182 -6.174  1.00 60.58 ? 146 GLU A OE1 1 
ATOM   1097 O  OE2 . GLU A 1 146 ? 14.106  -16.005 -8.198  1.00 73.51 ? 146 GLU A OE2 1 
HETATM 1098 C  C4  . X0S B 2 .   ? 13.419  6.981   2.113   0.50 20.00 ? 201 X0S A C4  1 
HETATM 1099 C  C5  . X0S B 2 .   ? 12.536  7.527   1.203   0.50 20.00 ? 201 X0S A C5  1 
HETATM 1100 C  C6  . X0S B 2 .   ? 12.757  7.359   -0.158  0.50 20.00 ? 201 X0S A C6  1 
HETATM 1101 C  C7  . X0S B 2 .   ? 9.972   8.646   4.171   0.50 20.00 ? 201 X0S A C7  1 
HETATM 1102 N  N1  . X0S B 2 .   ? 10.786  7.835   3.274   0.50 20.00 ? 201 X0S A N1  1 
HETATM 1103 C  C3  . X0S B 2 .   ? 14.499  6.266   1.666   0.50 20.00 ? 201 X0S A C3  1 
HETATM 1104 C  C1  . X0S B 2 .   ? 13.852  6.644   -0.592  0.50 20.00 ? 201 X0S A C1  1 
HETATM 1105 C  C2  . X0S B 2 .   ? 14.713  6.093   0.327   0.50 20.00 ? 201 X0S A C2  1 
HETATM 1106 O  O1  . X0S B 2 .   ? 10.105  8.127   0.910   0.50 20.00 ? 201 X0S A O1  1 
HETATM 1107 O  O2  . X0S B 2 .   ? 11.631  9.706   2.020   0.50 20.00 ? 201 X0S A O2  1 
HETATM 1108 S  S1  . X0S B 2 .   ? 11.153  8.373   1.841   0.50 20.00 ? 201 X0S A S1  1 
HETATM 1109 CL CL1 . X0S B 2 .   ? 11.627  7.965   -1.353  0.50 20.00 ? 201 X0S A CL1 1 
HETATM 1110 ZN ZN  . ZN  C 3 .   ? 1.861   6.106   -13.317 1.00 16.79 ? 202 ZN  A ZN  1 
HETATM 1111 S  S   . DMS D 4 .   ? -1.858  -1.917  -15.871 1.00 46.55 ? 203 DMS A S   1 
HETATM 1112 O  O   . DMS D 4 .   ? -2.034  -2.911  -16.998 1.00 60.88 ? 203 DMS A O   1 
HETATM 1113 C  C1  . DMS D 4 .   ? -2.632  -0.408  -16.420 1.00 48.89 ? 203 DMS A C1  1 
HETATM 1114 C  C2  . DMS D 4 .   ? -3.008  -2.386  -14.610 1.00 38.91 ? 203 DMS A C2  1 
HETATM 1115 S  S   . DMS E 4 .   ? 12.380  -0.960  8.979   1.00 45.50 ? 204 DMS A S   1 
HETATM 1116 O  O   . DMS E 4 .   ? 11.392  -0.312  9.929   1.00 37.38 ? 204 DMS A O   1 
HETATM 1117 C  C1  . DMS E 4 .   ? 13.409  0.377   8.403   1.00 48.83 ? 204 DMS A C1  1 
HETATM 1118 C  C2  . DMS E 4 .   ? 13.587  -1.779  10.016  1.00 43.28 ? 204 DMS A C2  1 
HETATM 1119 S  S   . DMS F 4 .   ? -12.703 -4.748  -4.376  1.00 80.84 ? 205 DMS A S   1 
HETATM 1120 O  O   . DMS F 4 .   ? -14.163 -4.648  -4.711  1.00 69.31 ? 205 DMS A O   1 
HETATM 1121 C  C1  . DMS F 4 .   ? -12.043 -5.997  -5.464  1.00 83.16 ? 205 DMS A C1  1 
HETATM 1122 C  C2  . DMS F 4 .   ? -11.936 -3.349  -5.138  1.00 70.96 ? 205 DMS A C2  1 
HETATM 1123 S  S   . DMS G 4 .   ? -12.599 14.535  -0.824  1.00 50.54 ? 206 DMS A S   1 
HETATM 1124 O  O   . DMS G 4 .   ? -12.447 14.215  0.618   1.00 43.67 ? 206 DMS A O   1 
HETATM 1125 C  C1  . DMS G 4 .   ? -14.026 13.645  -1.397  1.00 50.14 ? 206 DMS A C1  1 
HETATM 1126 C  C2  . DMS G 4 .   ? -13.286 16.171  -0.908  1.00 48.09 ? 206 DMS A C2  1 
HETATM 1127 S  S   . DMS H 4 .   ? -1.368  -0.671  18.001  1.00 52.94 ? 207 DMS A S   1 
HETATM 1128 O  O   . DMS H 4 .   ? -0.161  -1.557  18.213  1.00 63.11 ? 207 DMS A O   1 
HETATM 1129 C  C1  . DMS H 4 .   ? -2.478  -1.043  19.338  1.00 57.74 ? 207 DMS A C1  1 
HETATM 1130 C  C2  . DMS H 4 .   ? -0.861  0.920   18.565  1.00 55.54 ? 207 DMS A C2  1 
HETATM 1131 S  S   . SO4 I 5 .   ? 7.426   14.594  16.798  1.00 48.37 ? 208 SO4 A S   1 
HETATM 1132 O  O1  . SO4 I 5 .   ? 8.793   14.302  16.467  1.00 41.76 ? 208 SO4 A O1  1 
HETATM 1133 O  O2  . SO4 I 5 .   ? 6.609   14.480  15.617  1.00 46.88 ? 208 SO4 A O2  1 
HETATM 1134 O  O3  . SO4 I 5 .   ? 7.346   15.936  17.309  1.00 46.18 ? 208 SO4 A O3  1 
HETATM 1135 O  O4  . SO4 I 5 .   ? 6.950   13.671  17.792  1.00 46.93 ? 208 SO4 A O4  1 
HETATM 1136 O  O   . HOH J 6 .   ? 4.064   -21.579 -7.378  1.00 56.79 ? 301 HOH A O   1 
HETATM 1137 O  O   . HOH J 6 .   ? 8.956   -14.821 -7.174  1.00 48.99 ? 302 HOH A O   1 
HETATM 1138 O  O   . HOH J 6 .   ? 8.706   4.849   12.304  1.00 43.25 ? 303 HOH A O   1 
HETATM 1139 O  O   . HOH J 6 .   ? 12.539  -11.553 -4.582  1.00 48.43 ? 304 HOH A O   1 
HETATM 1140 O  O   . HOH J 6 .   ? 7.141   -13.708 -8.712  1.00 44.58 ? 305 HOH A O   1 
HETATM 1141 O  O   . HOH J 6 .   ? -2.044  3.410   18.271  1.00 58.38 ? 306 HOH A O   1 
HETATM 1142 O  O   . HOH J 6 .   ? 0.887   -9.924  -12.341 1.00 37.68 ? 307 HOH A O   1 
HETATM 1143 O  O   . HOH J 6 .   ? 6.118   -2.431  13.547  1.00 35.63 ? 308 HOH A O   1 
HETATM 1144 O  O   . HOH J 6 .   ? 4.177   12.252  0.712   1.00 30.02 ? 309 HOH A O   1 
HETATM 1145 O  O   . HOH J 6 .   ? -6.425  -11.014 -1.310  1.00 37.15 ? 310 HOH A O   1 
HETATM 1146 O  O   . HOH J 6 .   ? 7.719   -15.751 -4.638  1.00 45.67 ? 311 HOH A O   1 
HETATM 1147 O  O   . HOH J 6 .   ? 9.953   16.255  13.333  1.00 72.05 ? 312 HOH A O   1 
HETATM 1148 O  O   . HOH J 6 .   ? -4.553  -7.518  -5.916  1.00 29.61 ? 313 HOH A O   1 
HETATM 1149 O  O   . HOH J 6 .   ? -4.957  -10.147 7.494   1.00 31.56 ? 314 HOH A O   1 
HETATM 1150 O  O   . HOH J 6 .   ? -3.410  10.084  9.991   1.00 28.26 ? 315 HOH A O   1 
HETATM 1151 O  O   . HOH J 6 .   ? -3.871  -10.045 5.624   1.00 36.46 ? 316 HOH A O   1 
HETATM 1152 O  O   . HOH J 6 .   ? -15.121 -3.943  -0.210  1.00 28.57 ? 317 HOH A O   1 
HETATM 1153 O  O   . HOH J 6 .   ? -9.714  -8.135  1.364   1.00 44.54 ? 318 HOH A O   1 
HETATM 1154 O  O   . HOH J 6 .   ? 1.484   -15.748 0.043   1.00 41.80 ? 319 HOH A O   1 
HETATM 1155 O  O   . HOH J 6 .   ? 9.160   -3.732  -15.148 1.00 30.88 ? 320 HOH A O   1 
HETATM 1156 O  O   . HOH J 6 .   ? 0.796   -16.205 -15.046 1.00 72.09 ? 321 HOH A O   1 
HETATM 1157 O  O   . HOH J 6 .   ? -11.959 11.855  -5.056  1.00 27.96 ? 322 HOH A O   1 
HETATM 1158 O  O   . HOH J 6 .   ? -0.590  -3.500  14.636  1.00 34.63 ? 323 HOH A O   1 
HETATM 1159 O  O   . HOH J 6 .   ? 9.574   -17.101 6.917   1.00 29.21 ? 324 HOH A O   1 
HETATM 1160 O  O   . HOH J 6 .   ? -9.715  14.351  -3.119  1.00 26.12 ? 325 HOH A O   1 
HETATM 1161 O  O   . HOH J 6 .   ? 13.674  3.103   2.656   0.26 51.13 ? 326 HOH A O   1 
HETATM 1162 O  O   . HOH J 6 .   ? 7.409   9.929   -7.401  1.00 33.55 ? 327 HOH A O   1 
HETATM 1163 O  O   . HOH J 6 .   ? 13.029  3.918   -2.766  1.00 27.82 ? 328 HOH A O   1 
HETATM 1164 O  O   . HOH J 6 .   ? -16.938 -3.015  -3.621  1.00 56.44 ? 329 HOH A O   1 
HETATM 1165 O  O   . HOH J 6 .   ? -15.349 5.030   11.378  0.26 40.83 ? 330 HOH A O   1 
HETATM 1166 O  O   . HOH J 6 .   ? -0.492  -9.064  11.553  1.00 42.71 ? 331 HOH A O   1 
HETATM 1167 O  O   . HOH J 6 .   ? -9.807  -2.773  0.489   1.00 20.31 ? 332 HOH A O   1 
HETATM 1168 O  O   . HOH J 6 .   ? -4.890  9.482   16.801  1.00 43.90 ? 333 HOH A O   1 
HETATM 1169 O  O   . HOH J 6 .   ? 2.504   -0.531  -17.021 1.00 35.50 ? 334 HOH A O   1 
HETATM 1170 O  O   . HOH J 6 .   ? -3.005  14.515  11.093  1.00 29.43 ? 335 HOH A O   1 
HETATM 1171 O  O   . HOH J 6 .   ? -3.105  -5.502  3.534   1.00 16.91 ? 336 HOH A O   1 
HETATM 1172 O  O   . HOH J 6 .   ? -6.366  -0.144  18.989  1.00 60.39 ? 337 HOH A O   1 
HETATM 1173 O  O   . HOH J 6 .   ? -3.291  -5.373  12.749  1.00 47.16 ? 338 HOH A O   1 
HETATM 1174 O  O   . HOH J 6 .   ? -7.370  4.293   14.010  1.00 36.69 ? 339 HOH A O   1 
HETATM 1175 O  O   . HOH J 6 .   ? -14.109 1.116   8.967   1.00 32.62 ? 340 HOH A O   1 
HETATM 1176 O  O   . HOH J 6 .   ? 5.873   1.933   1.062   1.00 16.37 ? 341 HOH A O   1 
HETATM 1177 O  O   . HOH J 6 .   ? -1.644  10.591  17.829  1.00 33.76 ? 342 HOH A O   1 
HETATM 1178 O  O   . HOH J 6 .   ? 13.260  -8.638  7.714   1.00 30.30 ? 343 HOH A O   1 
HETATM 1179 O  O   . HOH J 6 .   ? 1.092   14.441  10.317  1.00 28.56 ? 344 HOH A O   1 
HETATM 1180 O  O   . HOH J 6 .   ? -9.854  0.135   0.886   1.00 13.41 ? 345 HOH A O   1 
HETATM 1181 O  O   . HOH J 6 .   ? 3.962   13.715  -11.238 1.00 60.19 ? 346 HOH A O   1 
HETATM 1182 O  O   . HOH J 6 .   ? -11.230 14.558  2.966   1.00 20.49 ? 347 HOH A O   1 
HETATM 1183 O  O   . HOH J 6 .   ? -0.372  -15.771 2.728   1.00 35.87 ? 348 HOH A O   1 
HETATM 1184 O  O   . HOH J 6 .   ? -15.678 8.192   -7.176  1.00 33.88 ? 349 HOH A O   1 
HETATM 1185 O  O   . HOH J 6 .   ? 0.393   -12.384 11.863  1.00 28.49 ? 350 HOH A O   1 
HETATM 1186 O  O   . HOH J 6 .   ? 0.812   12.758  -12.227 1.00 31.61 ? 351 HOH A O   1 
HETATM 1187 O  O   . HOH J 6 .   ? -20.779 1.828   -3.819  1.00 42.51 ? 352 HOH A O   1 
HETATM 1188 O  O   . HOH J 6 .   ? 1.013   -13.009 -6.843  1.00 25.02 ? 353 HOH A O   1 
HETATM 1189 O  O   . HOH J 6 .   ? 9.075   4.987   -2.640  1.00 21.33 ? 354 HOH A O   1 
HETATM 1190 O  O   . HOH J 6 .   ? -3.248  8.090   11.746  1.00 32.85 ? 355 HOH A O   1 
HETATM 1191 O  O   . HOH J 6 .   ? -3.674  2.369   -18.349 1.00 34.51 ? 356 HOH A O   1 
HETATM 1192 O  O   . HOH J 6 .   ? 2.152   -8.678  11.186  1.00 32.86 ? 357 HOH A O   1 
HETATM 1193 O  O   . HOH J 6 .   ? 8.315   5.528   -6.172  1.00 18.93 ? 358 HOH A O   1 
HETATM 1194 O  O   . HOH J 6 .   ? -16.670 -2.926  1.996   1.00 36.37 ? 359 HOH A O   1 
HETATM 1195 O  O   . HOH J 6 .   ? 9.140   3.395   -10.197 1.00 17.01 ? 360 HOH A O   1 
HETATM 1196 O  O   . HOH J 6 .   ? -16.762 10.580  4.333   1.00 39.59 ? 361 HOH A O   1 
HETATM 1197 O  O   . HOH J 6 .   ? -0.379  15.362  12.422  1.00 24.57 ? 362 HOH A O   1 
HETATM 1198 O  O   . HOH J 6 .   ? -17.250 6.811   7.711   1.00 20.52 ? 363 HOH A O   1 
HETATM 1199 O  O   . HOH J 6 .   ? -18.908 9.012   -1.721  1.00 29.00 ? 364 HOH A O   1 
HETATM 1200 O  O   . HOH J 6 .   ? -6.102  -4.926  -2.764  1.00 25.68 ? 365 HOH A O   1 
HETATM 1201 O  O   . HOH J 6 .   ? 10.921  -3.956  9.875   1.00 26.20 ? 366 HOH A O   1 
HETATM 1202 O  O   . HOH J 6 .   ? 3.716   -16.221 12.838  1.00 24.71 ? 367 HOH A O   1 
HETATM 1203 O  O   . HOH J 6 .   ? -5.942  -1.977  9.335   1.00 27.23 ? 368 HOH A O   1 
HETATM 1204 O  O   . HOH J 6 .   ? 0.063   2.957   8.895   1.00 23.20 ? 369 HOH A O   1 
HETATM 1205 O  O   . HOH J 6 .   ? 7.723   7.480   -8.041  1.00 25.34 ? 370 HOH A O   1 
HETATM 1206 O  O   . HOH J 6 .   ? -2.086  -6.367  -14.932 1.00 33.15 ? 371 HOH A O   1 
HETATM 1207 O  O   . HOH J 6 .   ? 5.966   5.457   18.200  1.00 39.92 ? 372 HOH A O   1 
HETATM 1208 O  O   . HOH J 6 .   ? -4.370  -10.006 -9.370  1.00 30.53 ? 373 HOH A O   1 
HETATM 1209 O  O   . HOH J 6 .   ? 6.514   8.955   -14.816 1.00 22.05 ? 374 HOH A O   1 
HETATM 1210 O  O   . HOH J 6 .   ? -0.430  -19.142 -11.835 1.00 34.48 ? 375 HOH A O   1 
HETATM 1211 O  O   . HOH J 6 .   ? -5.591  14.985  -2.793  1.00 16.81 ? 376 HOH A O   1 
HETATM 1212 O  O   . HOH J 6 .   ? -5.177  -4.891  -11.264 1.00 34.48 ? 377 HOH A O   1 
HETATM 1213 O  O   . HOH J 6 .   ? -11.462 -4.092  3.747   1.00 30.51 ? 378 HOH A O   1 
HETATM 1214 O  O   . HOH J 6 .   ? 3.418   -4.117  11.456  1.00 20.09 ? 379 HOH A O   1 
HETATM 1215 O  O   . HOH J 6 .   ? -6.383  -2.706  11.978  1.00 35.96 ? 380 HOH A O   1 
HETATM 1216 O  O   . HOH J 6 .   ? 4.799   -5.466  -12.566 1.00 27.22 ? 381 HOH A O   1 
HETATM 1217 O  O   . HOH J 6 .   ? 10.220  -19.092 5.073   1.00 32.64 ? 382 HOH A O   1 
HETATM 1218 O  O   . HOH J 6 .   ? 5.577   16.935  -6.540  1.00 44.35 ? 383 HOH A O   1 
HETATM 1219 O  O   . HOH J 6 .   ? 4.622   3.393   3.340   1.00 19.19 ? 384 HOH A O   1 
HETATM 1220 O  O   . HOH J 6 .   ? 4.265   10.166  -6.627  1.00 28.30 ? 385 HOH A O   1 
HETATM 1221 O  O   . HOH J 6 .   ? -9.635  9.926   6.085   1.00 23.91 ? 386 HOH A O   1 
HETATM 1222 O  O   . HOH J 6 .   ? -8.052  1.113   -7.266  1.00 21.61 ? 387 HOH A O   1 
HETATM 1223 O  O   . HOH J 6 .   ? 0.805   7.139   19.906  1.00 31.38 ? 388 HOH A O   1 
HETATM 1224 O  O   . HOH J 6 .   ? 14.011  -12.964 0.695   1.00 36.54 ? 389 HOH A O   1 
HETATM 1225 O  O   . HOH J 6 .   ? 8.290   -11.719 -9.768  1.00 63.85 ? 390 HOH A O   1 
HETATM 1226 O  O   . HOH J 6 .   ? 5.512   1.788   -15.761 1.00 20.60 ? 391 HOH A O   1 
HETATM 1227 O  O   . HOH J 6 .   ? 2.000   4.865   11.167  1.00 39.26 ? 392 HOH A O   1 
HETATM 1228 O  O   . HOH J 6 .   ? 0.264   5.624   13.082  1.00 24.99 ? 393 HOH A O   1 
HETATM 1229 O  O   . HOH J 6 .   ? -2.482  -15.600 4.342   1.00 34.57 ? 394 HOH A O   1 
HETATM 1230 O  O   . HOH J 6 .   ? -4.046  11.743  8.188   1.00 36.24 ? 395 HOH A O   1 
HETATM 1231 O  O   . HOH J 6 .   ? -0.028  11.953  8.337   1.00 24.69 ? 396 HOH A O   1 
HETATM 1232 O  O   . HOH J 6 .   ? 6.833   -22.068 5.484   1.00 26.17 ? 397 HOH A O   1 
HETATM 1233 O  O   . HOH J 6 .   ? 13.532  -3.734  -1.222  1.00 37.89 ? 398 HOH A O   1 
HETATM 1234 O  O   . HOH J 6 .   ? 10.695  -7.122  11.922  1.00 24.65 ? 399 HOH A O   1 
HETATM 1235 O  O   . HOH J 6 .   ? -5.483  3.154   -14.067 1.00 31.33 ? 400 HOH A O   1 
HETATM 1236 O  O   . HOH J 6 .   ? -1.559  -18.802 -4.865  1.00 37.09 ? 401 HOH A O   1 
HETATM 1237 O  O   . HOH J 6 .   ? 11.712  -16.226 4.938   1.00 38.46 ? 402 HOH A O   1 
HETATM 1238 O  O   . HOH J 6 .   ? 5.098   15.554  -3.752  1.00 27.63 ? 403 HOH A O   1 
HETATM 1239 O  O   . HOH J 6 .   ? -4.371  -0.786  -12.756 1.00 38.48 ? 404 HOH A O   1 
HETATM 1240 O  O   . HOH J 6 .   ? 4.386   7.881   -18.896 1.00 40.77 ? 405 HOH A O   1 
HETATM 1241 O  O   . HOH J 6 .   ? 11.889  -3.950  -12.388 1.00 38.09 ? 406 HOH A O   1 
HETATM 1242 O  O   . HOH J 6 .   ? -2.358  -3.996  -12.588 1.00 28.65 ? 407 HOH A O   1 
HETATM 1243 O  O   . HOH J 6 .   ? -8.772  -4.928  7.169   1.00 26.18 ? 408 HOH A O   1 
HETATM 1244 O  O   . HOH J 6 .   ? -1.497  4.182   11.147  1.00 22.48 ? 409 HOH A O   1 
HETATM 1245 O  O   . HOH J 6 .   ? -17.751 3.777   8.620   1.00 23.48 ? 410 HOH A O   1 
HETATM 1246 O  O   . HOH J 6 .   ? -6.778  -5.024  -8.831  1.00 36.84 ? 411 HOH A O   1 
HETATM 1247 O  O   . HOH J 6 .   ? -16.505 3.321   -7.593  1.00 27.04 ? 412 HOH A O   1 
HETATM 1248 O  O   . HOH J 6 .   ? -11.850 0.390   12.661  1.00 31.17 ? 413 HOH A O   1 
HETATM 1249 O  O   . HOH J 6 .   ? 5.399   8.594   19.257  1.00 51.30 ? 414 HOH A O   1 
HETATM 1250 O  O   . HOH J 6 .   ? -3.012  7.897   -13.899 1.00 33.34 ? 415 HOH A O   1 
HETATM 1251 O  O   . HOH J 6 .   ? -6.874  14.060  -9.271  1.00 41.76 ? 416 HOH A O   1 
HETATM 1252 O  O   . HOH J 6 .   ? -2.084  9.818   7.665   1.00 31.12 ? 417 HOH A O   1 
HETATM 1253 O  O   . HOH J 6 .   ? 8.410   7.135   14.735  1.00 38.73 ? 418 HOH A O   1 
HETATM 1254 O  O   . HOH J 6 .   ? -0.019  -19.205 -2.280  1.00 42.09 ? 419 HOH A O   1 
HETATM 1255 O  O   . HOH J 6 .   ? 7.001   5.741   -16.700 1.00 32.04 ? 420 HOH A O   1 
HETATM 1256 O  O   . HOH J 6 .   ? -16.922 9.999   1.786   1.00 30.08 ? 421 HOH A O   1 
HETATM 1257 O  O   . HOH J 6 .   ? -11.030 11.364  -2.306  1.00 22.50 ? 422 HOH A O   1 
HETATM 1258 O  O   . HOH J 6 .   ? 8.216   10.876  -15.369 1.00 37.24 ? 423 HOH A O   1 
HETATM 1259 O  O   . HOH J 6 .   ? -5.313  16.604  7.524   1.00 44.61 ? 424 HOH A O   1 
HETATM 1260 O  O   . HOH J 6 .   ? 13.673  0.313   -2.644  1.00 32.22 ? 425 HOH A O   1 
HETATM 1261 O  O   . HOH J 6 .   ? -6.364  3.846   7.412   1.00 20.26 ? 426 HOH A O   1 
HETATM 1262 O  O   . HOH J 6 .   ? -10.782 11.006  8.026   1.00 29.65 ? 427 HOH A O   1 
HETATM 1263 O  O   . HOH J 6 .   ? -1.957  -17.787 8.241   1.00 29.11 ? 428 HOH A O   1 
HETATM 1264 O  O   . HOH J 6 .   ? -12.118 0.136   10.182  1.00 24.68 ? 429 HOH A O   1 
HETATM 1265 O  O   . HOH J 6 .   ? -4.523  -11.814 -8.796  1.00 34.82 ? 430 HOH A O   1 
HETATM 1266 O  O   . HOH J 6 .   ? 13.254  -10.405 -7.270  1.00 59.90 ? 431 HOH A O   1 
HETATM 1267 O  O   . HOH J 6 .   ? -7.503  14.642  -4.924  1.00 23.93 ? 432 HOH A O   1 
HETATM 1268 O  O   . HOH J 6 .   ? 8.788   0.688   13.784  1.00 46.01 ? 433 HOH A O   1 
HETATM 1269 O  O   . HOH J 6 .   ? 3.837   -19.843 -10.437 1.00 34.81 ? 434 HOH A O   1 
HETATM 1270 O  O   . HOH J 6 .   ? 7.257   14.736  -1.277  1.00 46.74 ? 435 HOH A O   1 
HETATM 1271 O  O   . HOH J 6 .   ? -0.981  -14.852 -6.486  1.00 33.57 ? 436 HOH A O   1 
HETATM 1272 O  O   . HOH J 6 .   ? -12.636 11.390  5.518   1.00 32.80 ? 437 HOH A O   1 
HETATM 1273 O  O   . HOH J 6 .   ? -12.524 9.855   -0.531  1.00 20.35 ? 438 HOH A O   1 
HETATM 1274 O  O   . HOH J 6 .   ? -11.160 8.476   9.023   1.00 31.45 ? 439 HOH A O   1 
HETATM 1275 O  O   . HOH J 6 .   ? 0.993   -13.337 -13.934 1.00 41.08 ? 440 HOH A O   1 
HETATM 1276 O  O   . HOH J 6 .   ? 12.758  0.306   1.863   1.00 24.79 ? 441 HOH A O   1 
HETATM 1277 O  O   . HOH J 6 .   ? 10.295  13.276  3.244   1.00 29.35 ? 442 HOH A O   1 
HETATM 1278 O  O   . HOH J 6 .   ? -2.633  -15.321 11.033  1.00 30.58 ? 443 HOH A O   1 
HETATM 1279 O  O   . HOH J 6 .   ? -5.629  8.354   12.974  1.00 46.52 ? 444 HOH A O   1 
HETATM 1280 O  O   . HOH J 6 .   ? -10.109 11.494  12.036  1.00 38.07 ? 445 HOH A O   1 
HETATM 1281 O  O   . HOH J 6 .   ? 3.325   -13.006 -13.919 1.00 40.02 ? 446 HOH A O   1 
HETATM 1282 O  O   . HOH J 6 .   ? 4.447   12.764  -14.167 1.00 59.72 ? 447 HOH A O   1 
HETATM 1283 O  O   . HOH J 6 .   ? -1.799  11.716  10.740  1.00 26.63 ? 448 HOH A O   1 
HETATM 1284 O  O   . HOH J 6 .   ? -6.824  -8.312  -2.372  1.00 25.66 ? 449 HOH A O   1 
HETATM 1285 O  O   . HOH J 6 .   ? 13.128  -8.008  5.128   1.00 25.11 ? 450 HOH A O   1 
HETATM 1286 O  O   . HOH J 6 .   ? -20.999 7.334   -0.695  1.00 34.04 ? 451 HOH A O   1 
HETATM 1287 O  O   . HOH J 6 .   ? 14.717  -1.671  -6.273  1.00 29.39 ? 452 HOH A O   1 
HETATM 1288 O  O   . HOH J 6 .   ? -9.441  -2.038  -6.753  1.00 22.33 ? 453 HOH A O   1 
HETATM 1289 O  O   . HOH J 6 .   ? -8.346  -2.759  -4.072  1.00 20.78 ? 454 HOH A O   1 
HETATM 1290 O  O   . HOH J 6 .   ? 7.089   -8.602  -15.177 1.00 48.98 ? 455 HOH A O   1 
HETATM 1291 O  O   . HOH J 6 .   ? 4.397   -22.815 9.561   1.00 31.30 ? 456 HOH A O   1 
HETATM 1292 O  O   . HOH J 6 .   ? -2.912  -10.211 11.229  1.00 50.07 ? 457 HOH A O   1 
HETATM 1293 O  O   . HOH J 6 .   ? -5.051  -7.457  4.193   1.00 20.87 ? 458 HOH A O   1 
HETATM 1294 O  O   . HOH J 6 .   ? -3.795  -14.890 -0.356  1.00 47.22 ? 459 HOH A O   1 
HETATM 1295 O  O   . HOH J 6 .   ? 13.480  -3.773  7.419   1.00 47.62 ? 460 HOH A O   1 
HETATM 1296 O  O   . HOH J 6 .   ? -7.148  11.433  -10.516 1.00 39.50 ? 461 HOH A O   1 
HETATM 1297 O  O   . HOH J 6 .   ? -5.346  -9.768  2.384   1.00 26.86 ? 462 HOH A O   1 
HETATM 1298 O  O   . HOH J 6 .   ? -3.476  5.916   10.247  1.00 22.87 ? 463 HOH A O   1 
HETATM 1299 O  O   . HOH J 6 .   ? 14.287  -8.898  3.016   1.00 54.57 ? 464 HOH A O   1 
HETATM 1300 O  O   . HOH J 6 .   ? 16.873  -6.929  -7.598  1.00 40.70 ? 465 HOH A O   1 
HETATM 1301 O  O   . HOH J 6 .   ? 0.782   -4.026  -18.040 1.00 64.40 ? 466 HOH A O   1 
HETATM 1302 O  O   . HOH J 6 .   ? -9.883  14.269  -8.080  1.00 41.29 ? 467 HOH A O   1 
HETATM 1303 O  O   . HOH J 6 .   ? 3.680   -20.138 -0.171  1.00 50.12 ? 468 HOH A O   1 
HETATM 1304 O  O   . HOH J 6 .   ? -12.975 12.738  3.516   1.00 32.49 ? 469 HOH A O   1 
HETATM 1305 O  O   . HOH J 6 .   ? 7.234   -15.012 -11.104 1.00 54.95 ? 470 HOH A O   1 
HETATM 1306 O  O   . HOH J 6 .   ? -22.473 -5.348  -0.607  1.00 64.95 ? 471 HOH A O   1 
HETATM 1307 O  O   . HOH J 6 .   ? -4.416  11.591  11.722  1.00 54.83 ? 472 HOH A O   1 
HETATM 1308 O  O   . HOH J 6 .   ? -3.434  9.834   -16.236 1.00 43.59 ? 473 HOH A O   1 
HETATM 1309 O  O   . HOH J 6 .   ? -6.271  4.920   10.129  1.00 32.26 ? 474 HOH A O   1 
HETATM 1310 O  O   . HOH J 6 .   ? -5.318  -11.657 4.681   1.00 39.43 ? 475 HOH A O   1 
HETATM 1311 O  O   . HOH J 6 .   ? 10.722  5.686   10.066  1.00 51.77 ? 476 HOH A O   1 
HETATM 1312 O  O   . HOH J 6 .   ? -6.244  -3.234  15.717  1.00 45.69 ? 477 HOH A O   1 
HETATM 1313 O  O   . HOH J 6 .   ? -20.729 -6.770  1.212   1.00 40.69 ? 478 HOH A O   1 
HETATM 1314 O  O   . HOH J 6 .   ? 3.826   10.049  -14.918 1.00 24.50 ? 479 HOH A O   1 
HETATM 1315 O  O   . HOH J 6 .   ? -13.013 3.709   12.248  1.00 42.30 ? 480 HOH A O   1 
HETATM 1316 O  O   . HOH J 6 .   ? 13.911  -1.981  -3.438  1.00 40.95 ? 481 HOH A O   1 
HETATM 1317 O  O   . HOH J 6 .   ? -9.868  7.027   10.807  1.00 64.60 ? 482 HOH A O   1 
HETATM 1318 O  O   . HOH J 6 .   ? -17.349 1.157   -7.146  1.00 40.79 ? 483 HOH A O   1 
HETATM 1319 O  O   . HOH J 6 .   ? 7.871   2.671   14.687  1.00 39.30 ? 484 HOH A O   1 
HETATM 1320 O  O   . HOH J 6 .   ? 16.007  -4.715  -9.420  1.00 39.46 ? 485 HOH A O   1 
HETATM 1321 O  O   . HOH J 6 .   ? -24.045 -3.236  -1.454  1.00 41.38 ? 486 HOH A O   1 
HETATM 1322 O  O   . HOH J 6 .   ? -6.784  6.309   11.761  1.00 47.39 ? 487 HOH A O   1 
HETATM 1323 O  O   . HOH J 6 .   ? -9.926  -3.417  10.555  1.00 48.04 ? 488 HOH A O   1 
HETATM 1324 O  O   . HOH J 6 .   ? -4.837  -14.241 3.920   1.00 36.32 ? 489 HOH A O   1 
HETATM 1325 O  O   . HOH J 6 .   ? -1.070  -22.357 -8.834  1.00 56.29 ? 490 HOH A O   1 
HETATM 1326 O  O   . HOH J 6 .   ? -12.258 15.385  8.334   1.00 36.70 ? 491 HOH A O   1 
HETATM 1327 O  O   . HOH J 6 .   ? -4.921  13.835  15.307  1.00 47.90 ? 492 HOH A O   1 
HETATM 1328 O  O   . HOH J 6 .   ? 10.264  9.680   -4.371  0.26 47.36 ? 493 HOH A O   1 
HETATM 1329 O  O   . HOH J 6 .   ? 7.880   6.837   17.206  1.00 42.36 ? 494 HOH A O   1 
HETATM 1330 O  O   . HOH J 6 .   ? 15.698  -3.990  -6.921  1.00 30.05 ? 495 HOH A O   1 
HETATM 1331 O  O   . HOH J 6 .   ? 13.683  -1.214  -0.035  1.00 44.29 ? 496 HOH A O   1 
HETATM 1332 O  O   . HOH J 6 .   ? -8.104  -4.081  8.960   1.00 39.60 ? 497 HOH A O   1 
HETATM 1333 O  O   . HOH J 6 .   ? 1.785   -20.638 -11.488 1.00 45.01 ? 498 HOH A O   1 
HETATM 1334 O  O   . HOH J 6 .   ? 10.773  17.460  15.561  1.00 43.27 ? 499 HOH A O   1 
HETATM 1335 O  O   . HOH J 6 .   ? 3.002   9.977   -17.357 1.00 52.26 ? 500 HOH A O   1 
HETATM 1336 O  O   . HOH J 6 .   ? -2.743  -4.250  14.784  1.00 39.38 ? 501 HOH A O   1 
HETATM 1337 O  O   . HOH J 6 .   ? -3.020  14.517  8.777   1.00 33.52 ? 502 HOH A O   1 
HETATM 1338 O  O   . HOH J 6 .   ? 12.394  5.501   8.538   0.50 50.90 ? 503 HOH A O   1 
HETATM 1339 O  O   . HOH J 6 .   ? -15.021 10.957  0.290   1.00 29.12 ? 504 HOH A O   1 
HETATM 1340 O  O   . HOH J 6 .   ? 15.372  -5.360  -0.660  1.00 58.95 ? 505 HOH A O   1 
HETATM 1341 O  O   . HOH J 6 .   ? -1.719  -16.266 -4.337  1.00 32.74 ? 506 HOH A O   1 
HETATM 1342 O  O   . HOH J 6 .   ? -3.823  -13.765 -7.443  1.00 45.13 ? 507 HOH A O   1 
HETATM 1343 O  O   . HOH J 6 .   ? -5.413  -6.072  -15.267 1.00 32.12 ? 508 HOH A O   1 
HETATM 1344 O  O   . HOH J 6 .   ? -22.874 0.993   -1.682  1.00 31.64 ? 509 HOH A O   1 
HETATM 1345 O  O   . HOH J 6 .   ? 10.160  6.938   -4.399  1.00 20.10 ? 510 HOH A O   1 
HETATM 1346 O  O   . HOH J 6 .   ? 16.559  -4.311  -3.378  1.00 64.58 ? 511 HOH A O   1 
HETATM 1347 O  O   . HOH J 6 .   ? -3.891  10.523  18.884  1.00 61.02 ? 512 HOH A O   1 
HETATM 1348 O  O   . HOH J 6 .   ? -6.176  10.770  13.358  1.00 59.56 ? 513 HOH A O   1 
HETATM 1349 O  O   . HOH J 6 .   ? -16.713 11.952  -1.761  1.00 41.00 ? 514 HOH A O   1 
HETATM 1350 O  O   . HOH J 6 .   ? -1.749  -15.596 -1.933  1.00 44.46 ? 515 HOH A O   1 
HETATM 1351 O  O   . HOH J 6 .   ? -14.020 12.674  -5.606  1.00 37.05 ? 516 HOH A O   1 
HETATM 1352 O  O   . HOH J 6 .   ? -6.496  -8.419  6.223   1.00 29.14 ? 517 HOH A O   1 
HETATM 1353 O  O   . HOH J 6 .   ? 16.745  -8.749  -5.988  1.00 40.11 ? 518 HOH A O   1 
HETATM 1354 O  O   . HOH J 6 .   ? -8.764  10.179  13.448  1.00 81.33 ? 519 HOH A O   1 
HETATM 1355 O  O   . HOH J 6 .   ? -1.318  3.936   -21.854 1.00 53.12 ? 520 HOH A O   1 
HETATM 1356 O  O   . HOH J 6 .   ? -0.583  14.664  7.824   1.00 25.37 ? 521 HOH A O   1 
HETATM 1357 O  O   . HOH J 6 .   ? -5.967  -12.122 9.010   1.00 48.21 ? 522 HOH A O   1 
HETATM 1358 O  O   . HOH J 6 .   ? -5.777  11.589  15.977  1.00 56.60 ? 523 HOH A O   1 
HETATM 1359 O  O   . HOH J 6 .   ? 9.767   -16.022 -3.059  1.00 42.18 ? 524 HOH A O   1 
HETATM 1360 O  O   . HOH J 6 .   ? 5.953   -23.315 7.270   1.00 41.01 ? 525 HOH A O   1 
HETATM 1361 O  O   . HOH J 6 .   ? -21.625 -1.846  -3.959  1.00 45.45 ? 526 HOH A O   1 
HETATM 1362 O  O   . HOH J 6 .   ? -8.352  -7.205  8.045   1.00 30.96 ? 527 HOH A O   1 
HETATM 1363 O  O   . HOH J 6 .   ? -0.311  9.700   20.347  1.00 53.79 ? 528 HOH A O   1 
HETATM 1364 O  O   . HOH J 6 .   ? -17.743 10.237  -5.133  1.00 58.90 ? 529 HOH A O   1 
HETATM 1365 O  O   . HOH J 6 .   ? -15.408 10.858  -6.558  1.00 49.06 ? 530 HOH A O   1 
HETATM 1366 O  O   . HOH J 6 .   ? 17.033  -5.615  -5.427  1.00 42.79 ? 531 HOH A O   1 
HETATM 1367 O  O   . HOH J 6 .   ? 12.149  11.027  11.717  1.00 50.41 ? 532 HOH A O   1 
HETATM 1368 O  O   . HOH J 6 .   ? 11.878  8.480   11.641  1.00 47.19 ? 533 HOH A O   1 
HETATM 1369 O  O   . HOH J 6 .   ? 2.627   -21.846 -16.758 1.00 49.16 ? 534 HOH A O   1 
HETATM 1370 O  O   . HOH J 6 .   ? -8.204  -6.271  10.652  1.00 45.44 ? 535 HOH A O   1 
HETATM 1371 O  O   . HOH J 6 .   ? 15.236  10.377  9.656   1.00 46.34 ? 536 HOH A O   1 
# 
